data_4B2N
#
_entry.id   4B2N
#
_cell.length_a   72.368
_cell.length_b   97.106
_cell.length_c   101.050
_cell.angle_alpha   90.00
_cell.angle_beta   98.39
_cell.angle_gamma   90.00
#
_symmetry.space_group_name_H-M   'P 1 21 1'
#
loop_
_entity.id
_entity.type
_entity.pdbx_description
1 polymer '70 KDA PROTEIN'
2 non-polymer 'HEME C'
3 non-polymer 'OXYGEN MOLECULE'
4 non-polymer '4-(2-HYDROXYETHYL)-1-PIPERAZINE ETHANESULFONIC ACID'
5 water water
#
_entity_poly.entity_id   1
_entity_poly.type   'polypeptide(L)'
_entity_poly.pdbx_seq_one_letter_code
;LTPILFIGQGAGGQALPLLDQASIRSPLMVGCNGKPDSTPLPVDPRSLVKQGVNSNPNAALQFNAYFVDLHNPPPPFVNR
LPPRPTTCGQFRASATRGRVNLEERQFFQPMALATSYHFIFLQWGYLIRPPDFEEQVSKRYGLYPAPFRNPYPLPGEDPN
QTNGGSGQLPLGLIQGKDDNGRWTGLIGASCSACHDSRLGTASEASFKWGLPNSANDAGLLASDMFRTTPITALGNLLPL
PWSTGRGSSDAIGLISLLPALFDMETLTLAPSLLEYVADAPHAGMTKAPAWWARAFKTRQFWDGSLSSDNVHSEMAFGVA
NIFRDANARRGLEDEFEDINNFLISLSPATYPKTINTALAEQGAVIYHERDLWASGANGAIPKPAGNGSCASCHGVYSPR
HAADPNYLPDPRLKGVAAVVTPIETIRTDPRRMRLMADERQRRAWNSGWWAYNNLSPSWTGYPSDNIVASELRRVPRAIY
NNGGPIYSPLGPNIWEEPTGYIAPPLYGAWATAPYFHNGSVPNLWGVLKPSDRPKLWKRPYTAAGIGGKNAGYDYSFASY
DWQKLGWKYTAVACNNSIFTSPFLPCTHNMATIDILYSMWDNVAAQYLNLAYQSPPPITDQQIKSRMVYNSYLYGNDNGG
HDFTQSLTDSERWALIEYIKTL
;
_entity_poly.pdbx_strand_id   A,B
#
# COMPACT_ATOMS: atom_id res chain seq x y z
N ALA A 15 3.10 48.88 -20.75
CA ALA A 15 2.54 48.71 -19.39
C ALA A 15 1.61 47.50 -19.43
N LEU A 16 1.81 46.56 -18.48
CA LEU A 16 1.09 45.24 -18.36
C LEU A 16 -0.42 45.21 -18.65
N PRO A 17 -0.95 44.06 -19.13
CA PRO A 17 -2.40 44.03 -19.39
C PRO A 17 -3.30 44.04 -18.15
N LEU A 18 -4.54 44.46 -18.35
CA LEU A 18 -5.57 44.36 -17.31
C LEU A 18 -6.21 42.96 -17.41
N LEU A 19 -6.45 42.47 -18.63
CA LEU A 19 -7.15 41.20 -18.82
C LEU A 19 -6.11 40.09 -18.77
N ASP A 20 -6.53 38.89 -18.43
CA ASP A 20 -5.66 37.79 -18.43
C ASP A 20 -6.48 36.51 -18.69
N GLN A 21 -6.96 36.34 -19.90
CA GLN A 21 -7.78 35.16 -20.27
C GLN A 21 -6.84 33.94 -20.46
N ALA A 22 -7.14 32.76 -19.91
CA ALA A 22 -6.13 31.66 -20.02
C ALA A 22 -6.82 30.36 -20.05
N SER A 23 -6.31 29.47 -20.90
CA SER A 23 -6.83 28.14 -21.00
C SER A 23 -6.19 27.36 -19.85
N ILE A 24 -4.92 27.68 -19.65
CA ILE A 24 -4.14 27.03 -18.61
C ILE A 24 -4.00 28.05 -17.51
N ARG A 25 -4.64 27.78 -16.37
CA ARG A 25 -4.64 28.68 -15.25
C ARG A 25 -3.78 28.14 -14.05
N SER A 26 -3.99 26.89 -13.70
CA SER A 26 -3.25 26.21 -12.66
C SER A 26 -1.77 26.55 -12.76
N PRO A 27 -1.16 27.11 -11.73
CA PRO A 27 0.26 27.58 -11.88
C PRO A 27 1.33 26.50 -12.16
N LEU A 28 1.20 25.36 -11.54
CA LEU A 28 2.05 24.24 -11.88
C LEU A 28 1.87 23.79 -13.33
N MET A 29 0.63 23.77 -13.82
CA MET A 29 0.41 23.45 -15.24
C MET A 29 0.94 24.60 -16.11
N VAL A 30 0.82 25.85 -15.71
CA VAL A 30 1.42 26.94 -16.51
C VAL A 30 2.90 26.68 -16.62
N GLY A 31 3.52 26.41 -15.49
CA GLY A 31 4.98 26.28 -15.46
C GLY A 31 5.52 25.06 -16.13
N CYS A 32 4.74 24.00 -16.19
CA CYS A 32 5.20 22.78 -16.82
C CYS A 32 4.79 22.63 -18.26
N ASN A 33 4.08 23.61 -18.79
CA ASN A 33 3.49 23.41 -20.10
C ASN A 33 4.60 23.31 -21.18
N GLY A 34 4.62 22.20 -21.93
CA GLY A 34 5.68 21.99 -22.96
C GLY A 34 7.08 21.77 -22.38
N LYS A 35 7.17 21.45 -21.10
CA LYS A 35 8.45 21.27 -20.43
C LYS A 35 8.62 19.80 -20.21
N PRO A 36 9.86 19.34 -20.26
CA PRO A 36 10.08 17.93 -20.06
C PRO A 36 9.77 17.47 -18.63
N ASP A 37 9.60 16.16 -18.46
CA ASP A 37 9.33 15.51 -17.18
C ASP A 37 10.29 15.87 -16.05
N SER A 38 11.58 16.00 -16.38
CA SER A 38 12.57 16.23 -15.37
C SER A 38 12.52 17.69 -14.95
N THR A 39 11.74 18.53 -15.60
CA THR A 39 11.76 19.91 -15.12
C THR A 39 11.28 20.13 -13.64
N PRO A 40 12.07 20.91 -12.84
CA PRO A 40 11.77 21.07 -11.41
C PRO A 40 10.39 21.70 -11.34
N LEU A 41 9.54 21.19 -10.46
CA LEU A 41 8.16 21.69 -10.44
C LEU A 41 8.09 23.20 -10.13
N PRO A 42 7.20 23.95 -10.79
CA PRO A 42 7.00 25.35 -10.37
C PRO A 42 6.56 25.48 -8.88
N VAL A 43 6.88 26.62 -8.26
CA VAL A 43 6.47 26.93 -6.89
C VAL A 43 4.94 26.90 -6.90
N ASP A 44 4.33 26.37 -5.85
CA ASP A 44 2.85 26.39 -5.74
C ASP A 44 2.56 27.69 -5.02
N PRO A 45 1.97 28.69 -5.71
CA PRO A 45 1.87 29.96 -5.03
C PRO A 45 1.08 30.00 -3.72
N ARG A 46 0.11 29.09 -3.56
CA ARG A 46 -0.59 28.93 -2.29
C ARG A 46 0.39 28.75 -1.15
N SER A 47 1.56 28.16 -1.41
CA SER A 47 2.45 27.78 -0.32
C SER A 47 3.24 29.05 0.08
N LEU A 48 3.12 30.12 -0.71
CA LEU A 48 3.80 31.37 -0.37
C LEU A 48 3.01 32.16 0.65
N VAL A 49 1.76 31.76 0.90
CA VAL A 49 0.87 32.57 1.75
C VAL A 49 1.02 32.17 3.21
N LYS A 50 1.99 32.81 3.86
CA LYS A 50 2.44 32.45 5.18
C LYS A 50 2.59 33.81 5.91
N GLN A 51 2.62 33.77 7.23
CA GLN A 51 3.00 34.97 8.01
C GLN A 51 4.18 35.73 7.37
N GLY A 52 4.01 37.04 7.21
CA GLY A 52 5.01 37.84 6.53
C GLY A 52 4.62 38.21 5.10
N VAL A 53 3.66 37.48 4.52
CA VAL A 53 3.33 37.68 3.09
C VAL A 53 2.88 39.12 2.88
N ASN A 54 2.21 39.70 3.87
CA ASN A 54 1.61 41.02 3.66
C ASN A 54 2.66 42.08 3.97
N SER A 55 3.71 42.16 3.16
CA SER A 55 4.87 43.06 3.46
C SER A 55 4.50 44.55 3.36
N ASN A 56 3.41 44.86 2.68
CA ASN A 56 2.87 46.21 2.69
C ASN A 56 1.49 46.28 3.37
N PRO A 57 1.46 46.75 4.61
CA PRO A 57 0.22 46.69 5.36
C PRO A 57 -0.84 47.63 4.82
N ASN A 58 -0.48 48.53 3.88
CA ASN A 58 -1.47 49.39 3.24
C ASN A 58 -1.95 48.92 1.89
N ALA A 59 -1.42 47.79 1.41
CA ALA A 59 -1.87 47.25 0.13
C ALA A 59 -3.41 47.01 0.10
N ALA A 60 -3.98 47.00 -1.11
CA ALA A 60 -5.40 46.75 -1.35
C ALA A 60 -5.85 45.39 -0.82
N LEU A 61 -4.96 44.42 -0.89
CA LEU A 61 -5.31 43.07 -0.44
C LEU A 61 -4.44 42.58 0.72
N GLN A 62 -5.05 42.27 1.85
CA GLN A 62 -4.32 41.69 2.99
C GLN A 62 -4.80 40.25 3.19
N PHE A 63 -3.95 39.27 2.91
CA PHE A 63 -4.35 37.86 3.11
C PHE A 63 -4.53 37.54 4.58
N ASN A 64 -5.41 36.62 4.89
CA ASN A 64 -5.54 36.21 6.28
C ASN A 64 -5.71 34.75 6.48
N ALA A 65 -5.72 33.98 5.38
CA ALA A 65 -5.90 32.53 5.54
C ALA A 65 -4.64 31.85 5.03
N TYR A 66 -3.77 31.48 5.98
CA TYR A 66 -2.47 31.04 5.60
C TYR A 66 -2.45 29.59 5.29
N PHE A 67 -1.60 29.24 4.32
CA PHE A 67 -1.26 27.88 4.00
C PHE A 67 -0.46 27.26 5.13
N VAL A 68 -0.70 25.98 5.45
CA VAL A 68 0.13 25.28 6.42
C VAL A 68 0.76 24.09 5.73
N ASP A 69 2.07 24.01 5.80
CA ASP A 69 2.82 22.99 5.11
C ASP A 69 2.90 21.79 6.05
N LEU A 70 2.15 20.71 5.74
CA LEU A 70 2.20 19.52 6.59
C LEU A 70 3.37 18.57 6.25
N HIS A 71 3.90 18.73 5.03
CA HIS A 71 5.02 17.88 4.56
C HIS A 71 6.32 18.21 5.22
N ASN A 72 6.56 19.50 5.43
CA ASN A 72 7.72 19.98 6.17
C ASN A 72 7.13 20.93 7.20
N PRO A 73 6.55 20.35 8.30
CA PRO A 73 5.73 21.16 9.26
C PRO A 73 6.61 22.04 10.15
N PRO A 74 6.00 23.11 10.71
CA PRO A 74 6.74 23.95 11.64
C PRO A 74 7.19 23.14 12.90
N PRO A 75 8.33 23.49 13.51
CA PRO A 75 8.57 22.84 14.80
C PRO A 75 7.39 23.09 15.76
N PRO A 76 7.21 22.19 16.73
CA PRO A 76 8.03 21.01 17.00
C PRO A 76 7.59 19.74 16.20
N PHE A 77 6.83 19.90 15.11
CA PHE A 77 6.33 18.72 14.40
C PHE A 77 7.43 18.08 13.61
N VAL A 78 7.24 16.82 13.26
CA VAL A 78 8.27 16.12 12.52
C VAL A 78 7.67 15.65 11.18
N ASN A 79 8.55 15.40 10.21
CA ASN A 79 8.15 15.00 8.91
C ASN A 79 7.92 13.51 8.94
N ARG A 80 6.70 13.08 8.65
CA ARG A 80 6.47 11.64 8.38
C ARG A 80 5.68 11.35 7.09
N LEU A 81 5.47 12.34 6.24
CA LEU A 81 4.73 12.15 4.95
C LEU A 81 5.70 11.86 3.80
N PRO A 82 5.33 10.97 2.86
CA PRO A 82 6.12 10.89 1.61
C PRO A 82 6.15 12.30 0.98
N PRO A 83 7.25 12.66 0.30
CA PRO A 83 7.41 13.98 -0.28
C PRO A 83 6.35 14.17 -1.37
N ARG A 84 5.93 15.41 -1.56
CA ARG A 84 5.14 15.74 -2.69
C ARG A 84 6.02 15.65 -3.97
N PRO A 85 5.41 15.70 -5.16
CA PRO A 85 6.15 15.66 -6.44
C PRO A 85 7.13 16.82 -6.50
N THR A 86 8.31 16.61 -7.12
CA THR A 86 9.36 17.66 -7.15
C THR A 86 9.64 18.02 -8.62
N THR A 87 9.08 17.24 -9.55
CA THR A 87 9.24 17.48 -11.00
C THR A 87 7.94 17.51 -11.78
N CYS A 88 7.97 18.13 -12.94
CA CYS A 88 6.77 18.15 -13.76
C CYS A 88 6.28 16.73 -14.07
N GLY A 89 7.19 15.79 -14.33
CA GLY A 89 6.77 14.46 -14.68
C GLY A 89 6.08 13.76 -13.51
N GLN A 90 6.66 13.89 -12.32
CA GLN A 90 6.08 13.33 -11.09
C GLN A 90 4.69 13.86 -10.86
N PHE A 91 4.53 15.17 -11.04
CA PHE A 91 3.21 15.77 -10.80
C PHE A 91 2.17 15.28 -11.81
N ARG A 92 2.59 15.28 -13.09
CA ARG A 92 1.67 14.92 -14.18
C ARG A 92 1.26 13.44 -14.01
N ALA A 93 2.18 12.59 -13.57
CA ALA A 93 1.83 11.16 -13.39
C ALA A 93 0.85 11.06 -12.24
N SER A 94 1.14 11.84 -11.17
CA SER A 94 0.24 11.87 -10.00
C SER A 94 -1.18 12.34 -10.40
N ALA A 95 -1.24 13.43 -11.15
CA ALA A 95 -2.52 14.00 -11.58
C ALA A 95 -3.26 13.00 -12.51
N THR A 96 -2.52 12.20 -13.31
CA THR A 96 -3.18 11.20 -14.14
C THR A 96 -3.77 10.14 -13.23
N ARG A 97 -3.00 9.69 -12.22
CA ARG A 97 -3.53 8.66 -11.30
C ARG A 97 -4.74 9.20 -10.56
N GLY A 98 -4.69 10.46 -10.21
CA GLY A 98 -5.81 11.14 -9.49
C GLY A 98 -7.09 10.96 -10.37
N ARG A 99 -6.97 11.28 -11.66
CA ARG A 99 -8.15 11.35 -12.48
C ARG A 99 -8.69 9.93 -12.66
N VAL A 100 -7.79 8.98 -12.88
CA VAL A 100 -8.22 7.56 -12.99
C VAL A 100 -8.93 7.10 -11.69
N ASN A 101 -8.35 7.43 -10.52
CA ASN A 101 -9.07 7.21 -9.22
C ASN A 101 -10.48 7.77 -9.20
N LEU A 102 -10.69 8.98 -9.72
CA LEU A 102 -12.04 9.59 -9.67
C LEU A 102 -13.03 8.82 -10.58
N GLU A 103 -12.48 8.27 -11.68
CA GLU A 103 -13.31 7.67 -12.71
C GLU A 103 -13.62 6.21 -12.32
N GLU A 104 -12.67 5.51 -11.70
CA GLU A 104 -12.83 4.09 -11.51
C GLU A 104 -12.73 3.49 -10.13
N ARG A 105 -12.48 4.31 -9.11
CA ARG A 105 -12.31 3.68 -7.78
C ARG A 105 -13.58 3.87 -6.97
N GLN A 106 -14.08 2.81 -6.36
CA GLN A 106 -15.22 2.96 -5.44
C GLN A 106 -14.73 3.34 -4.03
N PHE A 107 -14.71 4.62 -3.75
CA PHE A 107 -14.30 5.15 -2.47
C PHE A 107 -15.53 5.30 -1.57
N PHE A 108 -16.53 6.02 -2.10
CA PHE A 108 -17.78 6.40 -1.40
C PHE A 108 -18.61 5.16 -1.12
N GLN A 109 -19.16 5.09 0.08
CA GLN A 109 -20.08 4.04 0.52
C GLN A 109 -21.01 3.46 -0.57
N PRO A 110 -20.91 2.14 -0.89
CA PRO A 110 -21.85 1.58 -1.85
C PRO A 110 -23.28 1.65 -1.33
N MET A 111 -24.25 1.82 -2.23
CA MET A 111 -25.65 1.98 -1.81
C MET A 111 -26.54 0.84 -2.24
N ALA A 112 -26.25 0.21 -3.38
CA ALA A 112 -27.17 -0.77 -4.01
C ALA A 112 -26.39 -1.83 -4.77
N LEU A 113 -26.95 -3.02 -4.88
CA LEU A 113 -26.46 -4.03 -5.79
C LEU A 113 -26.63 -3.50 -7.20
N ALA A 114 -25.72 -3.89 -8.07
CA ALA A 114 -25.92 -3.53 -9.46
C ALA A 114 -27.33 -3.92 -10.03
N THR A 115 -27.82 -5.09 -9.66
CA THR A 115 -29.17 -5.47 -10.15
C THR A 115 -30.28 -4.62 -9.58
N SER A 116 -30.13 -4.16 -8.35
CA SER A 116 -31.09 -3.27 -7.81
C SER A 116 -31.10 -1.92 -8.54
N TYR A 117 -29.90 -1.44 -8.89
CA TYR A 117 -29.80 -0.23 -9.66
C TYR A 117 -30.44 -0.41 -11.07
N HIS A 118 -30.18 -1.55 -11.67
CA HIS A 118 -30.74 -1.89 -12.96
C HIS A 118 -32.25 -1.81 -12.95
N PHE A 119 -32.85 -2.12 -11.79
CA PHE A 119 -34.34 -2.14 -11.65
C PHE A 119 -34.87 -0.95 -10.87
N ILE A 120 -34.04 0.06 -10.60
CA ILE A 120 -34.49 1.13 -9.71
C ILE A 120 -35.68 1.91 -10.27
N PHE A 121 -36.01 1.84 -11.55
CA PHE A 121 -37.29 2.43 -12.03
C PHE A 121 -38.46 1.86 -11.19
N LEU A 122 -38.34 0.64 -10.64
CA LEU A 122 -39.42 0.09 -9.76
C LEU A 122 -39.66 1.06 -8.64
N GLN A 123 -38.58 1.59 -8.03
CA GLN A 123 -38.69 2.53 -6.92
C GLN A 123 -39.22 3.88 -7.36
N TRP A 124 -39.15 4.17 -8.64
CA TRP A 124 -39.76 5.43 -9.12
C TRP A 124 -41.26 5.23 -9.34
N GLY A 125 -41.73 3.98 -9.27
CA GLY A 125 -43.16 3.70 -9.52
C GLY A 125 -43.46 3.24 -10.95
N TYR A 126 -42.44 2.82 -11.73
CA TYR A 126 -42.67 2.32 -13.09
C TYR A 126 -42.78 0.80 -12.92
N LEU A 127 -43.44 0.15 -13.87
CA LEU A 127 -43.55 -1.30 -13.73
C LEU A 127 -42.53 -2.02 -14.61
N ILE A 128 -42.21 -1.47 -15.78
CA ILE A 128 -41.22 -2.07 -16.67
C ILE A 128 -40.19 -1.02 -17.15
N ARG A 129 -39.05 -1.49 -17.63
CA ARG A 129 -37.90 -0.58 -17.89
C ARG A 129 -38.26 0.31 -19.06
N PRO A 130 -38.22 1.64 -18.85
CA PRO A 130 -38.49 2.47 -19.99
C PRO A 130 -37.22 2.55 -20.89
N PRO A 131 -37.40 2.84 -22.20
CA PRO A 131 -36.20 2.72 -23.06
C PRO A 131 -35.31 3.92 -22.89
N ASP A 132 -35.86 4.96 -22.25
CA ASP A 132 -34.99 6.11 -21.87
C ASP A 132 -34.46 6.05 -20.41
N PHE A 133 -34.40 4.83 -19.84
CA PHE A 133 -34.02 4.62 -18.45
C PHE A 133 -32.71 5.40 -18.12
N GLU A 134 -31.71 5.25 -18.95
CA GLU A 134 -30.41 5.79 -18.60
C GLU A 134 -30.49 7.33 -18.53
N GLU A 135 -31.24 7.94 -19.44
CA GLU A 135 -31.48 9.36 -19.34
C GLU A 135 -32.32 9.77 -18.12
N GLN A 136 -33.38 9.02 -17.83
CA GLN A 136 -34.18 9.31 -16.65
C GLN A 136 -33.40 9.26 -15.34
N VAL A 137 -32.40 8.36 -15.28
CA VAL A 137 -31.54 8.35 -14.10
C VAL A 137 -30.90 9.72 -13.91
N SER A 138 -30.29 10.24 -14.97
CA SER A 138 -29.60 11.56 -14.96
C SER A 138 -30.59 12.62 -14.58
N LYS A 139 -31.75 12.61 -15.22
CA LYS A 139 -32.74 13.65 -14.95
C LYS A 139 -33.20 13.65 -13.48
N ARG A 140 -33.59 12.45 -12.99
CA ARG A 140 -34.16 12.33 -11.64
C ARG A 140 -33.16 12.75 -10.59
N TYR A 141 -31.90 12.36 -10.77
CA TYR A 141 -30.99 12.51 -9.66
C TYR A 141 -30.13 13.77 -9.82
N GLY A 142 -30.31 14.49 -10.92
CA GLY A 142 -29.53 15.68 -11.22
C GLY A 142 -28.07 15.37 -11.54
N LEU A 143 -27.88 14.35 -12.33
CA LEU A 143 -26.54 13.90 -12.79
C LEU A 143 -26.46 14.10 -14.33
N TYR A 144 -25.43 13.55 -14.99
CA TYR A 144 -25.17 13.86 -16.43
C TYR A 144 -24.65 12.59 -17.10
N PRO A 145 -24.81 12.46 -18.43
CA PRO A 145 -24.06 11.47 -19.21
C PRO A 145 -22.59 11.71 -19.00
N ALA A 146 -21.92 10.64 -18.63
CA ALA A 146 -20.51 10.74 -18.28
C ALA A 146 -19.67 10.91 -19.54
N PRO A 147 -18.54 11.63 -19.44
CA PRO A 147 -17.62 11.73 -20.55
C PRO A 147 -16.60 10.58 -20.57
N PHE A 148 -16.78 9.54 -19.75
CA PHE A 148 -15.94 8.40 -19.82
C PHE A 148 -16.86 7.17 -19.73
N ARG A 149 -16.28 6.02 -20.00
CA ARG A 149 -17.04 4.74 -19.92
C ARG A 149 -17.10 4.47 -18.41
N ASN A 150 -18.33 4.27 -17.91
CA ASN A 150 -18.58 4.25 -16.46
C ASN A 150 -19.46 3.03 -16.26
N PRO A 151 -18.88 1.84 -16.24
CA PRO A 151 -19.71 0.63 -16.49
C PRO A 151 -20.39 0.02 -15.24
N TYR A 152 -21.46 -0.74 -15.47
CA TYR A 152 -22.00 -1.57 -14.38
C TYR A 152 -22.53 -2.85 -15.03
N PRO A 153 -22.59 -3.98 -14.26
CA PRO A 153 -22.99 -5.22 -14.96
C PRO A 153 -24.52 -5.36 -15.01
N LEU A 154 -25.03 -5.69 -16.19
CA LEU A 154 -26.42 -6.10 -16.37
C LEU A 154 -26.60 -7.43 -15.64
N PRO A 155 -27.86 -7.79 -15.29
CA PRO A 155 -28.15 -9.04 -14.65
C PRO A 155 -27.48 -10.18 -15.39
N GLY A 156 -26.80 -11.04 -14.65
CA GLY A 156 -26.20 -12.19 -15.27
C GLY A 156 -24.75 -11.99 -15.65
N GLU A 157 -24.32 -10.74 -15.77
CA GLU A 157 -22.94 -10.50 -16.24
C GLU A 157 -22.03 -10.52 -15.02
N ASP A 158 -20.86 -11.09 -15.17
CA ASP A 158 -19.87 -10.98 -14.14
C ASP A 158 -18.99 -9.79 -14.52
N PRO A 159 -19.04 -8.73 -13.73
CA PRO A 159 -18.29 -7.55 -14.16
C PRO A 159 -16.78 -7.78 -14.23
N ASN A 160 -16.28 -8.79 -13.52
CA ASN A 160 -14.86 -9.09 -13.61
C ASN A 160 -14.47 -9.97 -14.81
N GLN A 161 -15.45 -10.30 -15.63
CA GLN A 161 -15.18 -10.94 -16.90
C GLN A 161 -15.66 -10.09 -18.05
N THR A 162 -16.17 -8.89 -17.79
CA THR A 162 -16.75 -8.15 -18.86
C THR A 162 -16.30 -6.71 -18.72
N ASN A 163 -15.09 -6.48 -18.23
CA ASN A 163 -14.53 -5.08 -18.03
C ASN A 163 -15.47 -4.08 -17.35
N GLY A 164 -16.18 -4.58 -16.33
CA GLY A 164 -17.08 -3.76 -15.56
C GLY A 164 -18.54 -3.96 -15.91
N GLY A 165 -18.81 -4.57 -17.03
CA GLY A 165 -20.19 -4.80 -17.44
C GLY A 165 -20.49 -4.00 -18.70
N SER A 166 -21.63 -4.30 -19.34
CA SER A 166 -22.06 -3.52 -20.49
C SER A 166 -23.07 -2.41 -20.20
N GLY A 167 -23.50 -2.23 -18.93
CA GLY A 167 -24.34 -1.07 -18.59
C GLY A 167 -23.44 0.17 -18.39
N GLN A 168 -24.03 1.37 -18.51
CA GLN A 168 -23.36 2.62 -18.31
C GLN A 168 -24.12 3.39 -17.23
N LEU A 169 -23.33 4.04 -16.35
CA LEU A 169 -23.86 4.86 -15.32
C LEU A 169 -23.64 6.32 -15.64
N PRO A 170 -24.53 7.22 -15.16
CA PRO A 170 -24.24 8.65 -15.32
C PRO A 170 -23.04 9.10 -14.52
N LEU A 171 -22.47 10.26 -14.87
CA LEU A 171 -21.42 10.87 -14.10
C LEU A 171 -21.98 11.07 -12.72
N GLY A 172 -21.26 10.70 -11.69
CA GLY A 172 -21.89 10.90 -10.36
C GLY A 172 -22.29 9.64 -9.65
N LEU A 173 -22.48 8.58 -10.42
CA LEU A 173 -22.64 7.25 -9.80
C LEU A 173 -21.44 6.47 -10.27
N ILE A 174 -21.14 5.41 -9.50
CA ILE A 174 -20.01 4.59 -9.86
C ILE A 174 -20.23 3.17 -9.39
N GLN A 175 -19.77 2.22 -10.20
CA GLN A 175 -19.47 0.91 -9.69
C GLN A 175 -17.98 0.85 -9.29
N GLY A 176 -17.09 0.98 -10.29
CA GLY A 176 -15.70 1.11 -10.04
C GLY A 176 -15.06 -0.13 -9.48
N LYS A 177 -13.88 0.04 -8.93
CA LYS A 177 -13.06 -1.09 -8.42
C LYS A 177 -12.78 -0.92 -6.95
N ASP A 178 -12.79 -2.03 -6.23
CA ASP A 178 -12.58 -2.04 -4.77
C ASP A 178 -11.06 -1.92 -4.46
N ASP A 179 -10.68 -2.09 -3.20
CA ASP A 179 -9.30 -1.82 -2.85
C ASP A 179 -8.41 -2.99 -3.35
N ASN A 180 -8.99 -4.14 -3.65
CA ASN A 180 -8.26 -5.25 -4.27
C ASN A 180 -8.21 -5.19 -5.81
N GLY A 181 -8.57 -4.03 -6.38
CA GLY A 181 -8.62 -3.82 -7.81
C GLY A 181 -9.70 -4.55 -8.62
N ARG A 182 -10.70 -5.10 -7.96
N ARG A 182 -10.68 -5.17 -7.95
CA ARG A 182 -11.77 -5.75 -8.71
CA ARG A 182 -11.81 -5.87 -8.61
C ARG A 182 -13.01 -4.90 -8.85
C ARG A 182 -13.00 -4.91 -8.84
N TRP A 183 -13.69 -5.07 -9.96
CA TRP A 183 -15.00 -4.43 -10.16
C TRP A 183 -15.93 -4.90 -9.06
N THR A 184 -16.65 -3.97 -8.46
CA THR A 184 -17.33 -4.30 -7.16
C THR A 184 -18.70 -4.93 -7.34
N GLY A 185 -19.36 -4.67 -8.47
CA GLY A 185 -20.77 -5.12 -8.57
C GLY A 185 -21.75 -4.35 -7.69
N LEU A 186 -21.33 -3.20 -7.14
CA LEU A 186 -22.15 -2.39 -6.23
C LEU A 186 -22.10 -0.98 -6.75
N ILE A 187 -23.21 -0.27 -6.63
CA ILE A 187 -23.33 1.14 -7.09
C ILE A 187 -23.39 2.14 -5.94
N GLY A 188 -22.65 3.26 -5.98
CA GLY A 188 -22.85 4.33 -5.00
C GLY A 188 -22.64 5.59 -5.73
N ALA A 189 -22.71 6.67 -5.00
CA ALA A 189 -22.33 7.95 -5.59
C ALA A 189 -20.79 7.99 -5.79
N SER A 190 -20.34 8.90 -6.67
CA SER A 190 -18.93 9.25 -6.68
C SER A 190 -18.76 10.71 -6.28
N CYS A 191 -17.49 11.10 -6.11
CA CYS A 191 -17.19 12.53 -5.81
C CYS A 191 -17.87 13.40 -6.82
N SER A 192 -17.90 12.94 -8.08
CA SER A 192 -18.51 13.76 -9.14
C SER A 192 -20.01 14.08 -8.99
N ALA A 193 -20.75 13.33 -8.16
CA ALA A 193 -22.21 13.60 -7.94
C ALA A 193 -22.35 15.08 -7.53
N CYS A 194 -21.43 15.57 -6.72
CA CYS A 194 -21.49 16.95 -6.19
C CYS A 194 -20.49 17.85 -6.84
N HIS A 195 -19.36 17.28 -7.24
CA HIS A 195 -18.21 18.12 -7.66
C HIS A 195 -18.14 18.41 -9.13
N ASP A 196 -18.98 17.77 -9.94
CA ASP A 196 -18.87 17.86 -11.39
C ASP A 196 -20.26 18.09 -12.02
N SER A 197 -20.24 18.72 -13.21
CA SER A 197 -21.51 18.83 -13.96
C SER A 197 -21.18 19.25 -15.36
N ARG A 198 -22.19 19.25 -16.25
CA ARG A 198 -22.00 19.72 -17.63
C ARG A 198 -22.70 21.03 -17.63
N LEU A 199 -22.09 22.05 -18.24
CA LEU A 199 -22.81 23.22 -18.65
C LEU A 199 -22.80 23.27 -20.18
N GLY A 200 -24.01 23.15 -20.78
CA GLY A 200 -24.22 22.83 -22.20
C GLY A 200 -24.35 21.32 -22.38
N THR A 201 -25.18 20.92 -23.32
CA THR A 201 -25.25 19.55 -23.72
C THR A 201 -23.84 19.15 -24.22
N ALA A 202 -23.67 17.84 -24.31
CA ALA A 202 -22.45 17.32 -24.84
C ALA A 202 -22.20 17.82 -26.28
N SER A 203 -23.23 18.06 -27.07
CA SER A 203 -23.09 18.75 -28.39
C SER A 203 -22.59 20.19 -28.26
N GLU A 204 -22.92 20.86 -27.17
CA GLU A 204 -22.54 22.25 -27.09
C GLU A 204 -21.22 22.50 -26.38
N ALA A 205 -20.76 21.58 -25.54
CA ALA A 205 -19.56 21.81 -24.75
C ALA A 205 -18.92 20.50 -24.34
N SER A 206 -17.59 20.53 -24.36
CA SER A 206 -16.78 19.43 -23.83
C SER A 206 -17.00 19.39 -22.30
N PHE A 207 -16.78 18.26 -21.69
CA PHE A 207 -16.76 18.17 -20.22
C PHE A 207 -15.43 18.73 -19.61
N LYS A 208 -15.48 19.47 -18.54
CA LYS A 208 -14.25 19.84 -17.82
C LYS A 208 -14.53 19.48 -16.39
N TRP A 209 -13.53 18.93 -15.73
CA TRP A 209 -13.63 18.58 -14.32
C TRP A 209 -13.73 19.77 -13.46
N GLY A 210 -14.48 19.60 -12.37
CA GLY A 210 -14.46 20.58 -11.27
C GLY A 210 -15.44 21.72 -11.43
N LEU A 211 -16.45 21.57 -12.28
CA LEU A 211 -17.60 22.49 -12.32
C LEU A 211 -18.67 21.92 -11.33
N PRO A 212 -18.82 22.54 -10.17
CA PRO A 212 -19.70 21.96 -9.08
C PRO A 212 -21.10 21.71 -9.55
N ASN A 213 -21.66 20.64 -9.07
CA ASN A 213 -22.99 20.30 -9.50
C ASN A 213 -24.07 21.23 -8.86
N SER A 214 -24.87 21.85 -9.72
CA SER A 214 -25.96 22.71 -9.30
C SER A 214 -27.24 21.93 -9.24
N ALA A 215 -27.23 20.67 -9.60
CA ALA A 215 -28.48 20.01 -9.93
C ALA A 215 -28.72 18.73 -9.18
N ASN A 216 -27.71 18.21 -8.50
CA ASN A 216 -27.86 16.89 -7.90
C ASN A 216 -28.81 16.87 -6.73
N ASP A 217 -29.66 15.86 -6.68
CA ASP A 217 -30.51 15.67 -5.55
C ASP A 217 -30.02 14.48 -4.73
N ALA A 218 -29.23 14.75 -3.70
CA ALA A 218 -28.61 13.64 -2.94
C ALA A 218 -29.62 12.89 -2.11
N GLY A 219 -30.59 13.61 -1.56
CA GLY A 219 -31.63 12.93 -0.77
C GLY A 219 -32.46 11.95 -1.58
N LEU A 220 -32.76 12.32 -2.84
CA LEU A 220 -33.67 11.48 -3.61
C LEU A 220 -32.93 10.19 -3.99
N LEU A 221 -31.63 10.31 -4.27
CA LEU A 221 -30.88 9.05 -4.60
C LEU A 221 -30.83 8.13 -3.39
N ALA A 222 -30.55 8.72 -2.22
CA ALA A 222 -30.47 7.97 -0.94
C ALA A 222 -31.84 7.31 -0.65
N SER A 223 -32.91 8.10 -0.81
CA SER A 223 -34.27 7.59 -0.56
C SER A 223 -34.60 6.43 -1.48
N ASP A 224 -34.40 6.62 -2.79
CA ASP A 224 -34.63 5.51 -3.72
C ASP A 224 -33.80 4.30 -3.35
N MET A 225 -32.50 4.50 -3.15
CA MET A 225 -31.58 3.36 -2.97
C MET A 225 -31.92 2.56 -1.71
N PHE A 226 -32.41 3.30 -0.72
CA PHE A 226 -32.72 2.75 0.59
C PHE A 226 -33.82 1.69 0.42
N ARG A 227 -34.69 1.85 -0.60
CA ARG A 227 -35.81 0.92 -0.79
C ARG A 227 -35.45 -0.26 -1.68
N THR A 228 -34.19 -0.34 -2.13
CA THR A 228 -33.76 -1.50 -2.83
C THR A 228 -33.25 -2.64 -1.89
N THR A 229 -32.99 -3.82 -2.44
CA THR A 229 -32.46 -4.95 -1.62
C THR A 229 -31.21 -4.58 -0.83
N PRO A 230 -31.25 -4.75 0.50
CA PRO A 230 -30.06 -4.28 1.26
C PRO A 230 -28.78 -5.00 0.74
N ILE A 231 -27.65 -4.28 0.67
CA ILE A 231 -26.40 -4.89 0.27
C ILE A 231 -26.07 -5.87 1.42
N THR A 232 -26.32 -5.42 2.65
CA THR A 232 -26.12 -6.34 3.78
C THR A 232 -27.49 -6.54 4.47
N ALA A 233 -27.96 -7.78 4.45
CA ALA A 233 -29.33 -8.13 4.83
C ALA A 233 -29.79 -7.43 6.13
N LEU A 234 -29.13 -7.74 7.22
CA LEU A 234 -29.60 -7.13 8.47
C LEU A 234 -28.97 -5.76 8.77
N GLY A 235 -28.12 -5.28 7.87
CA GLY A 235 -27.23 -4.16 8.13
C GLY A 235 -27.83 -2.83 8.58
N ASN A 236 -26.95 -2.04 9.18
CA ASN A 236 -27.36 -0.74 9.60
C ASN A 236 -27.69 0.17 8.39
N LEU A 237 -28.44 1.24 8.65
CA LEU A 237 -28.47 2.43 7.74
C LEU A 237 -27.06 2.84 7.24
N LEU A 238 -26.94 3.32 6.00
CA LEU A 238 -25.61 3.70 5.44
C LEU A 238 -25.28 5.12 5.74
N PRO A 239 -24.01 5.42 6.02
CA PRO A 239 -23.64 6.83 6.23
C PRO A 239 -23.59 7.51 4.80
N LEU A 240 -24.63 8.19 4.38
N LEU A 240 -24.63 8.23 4.43
CA LEU A 240 -24.58 8.81 3.04
CA LEU A 240 -24.76 8.78 3.08
C LEU A 240 -25.31 10.13 3.19
C LEU A 240 -25.36 10.16 3.22
N PRO A 241 -25.00 11.10 2.32
CA PRO A 241 -25.52 12.44 2.54
C PRO A 241 -26.98 12.55 2.10
N TRP A 242 -27.67 13.60 2.59
CA TRP A 242 -29.09 13.83 2.21
C TRP A 242 -29.15 15.23 1.69
N SER A 243 -30.33 15.68 1.23
CA SER A 243 -30.40 17.07 0.87
C SER A 243 -31.83 17.50 1.06
N THR A 244 -31.99 18.80 1.10
CA THR A 244 -33.29 19.36 1.12
C THR A 244 -33.83 19.61 -0.26
N GLY A 245 -32.94 19.58 -1.25
CA GLY A 245 -33.33 19.86 -2.63
C GLY A 245 -32.19 19.50 -3.54
N ARG A 246 -31.92 20.35 -4.53
CA ARG A 246 -30.90 20.05 -5.56
C ARG A 246 -29.74 21.02 -5.50
N GLY A 247 -28.49 20.52 -5.69
CA GLY A 247 -27.33 21.42 -5.90
C GLY A 247 -26.64 21.83 -4.63
N SER A 248 -27.16 21.34 -3.51
CA SER A 248 -26.45 21.45 -2.23
C SER A 248 -26.84 20.24 -1.40
N SER A 249 -26.05 19.94 -0.37
CA SER A 249 -26.38 18.78 0.46
C SER A 249 -25.80 18.95 1.87
N ASP A 250 -26.08 17.97 2.73
CA ASP A 250 -25.48 17.95 4.08
C ASP A 250 -24.13 17.20 4.07
N ALA A 251 -23.41 17.25 2.94
CA ALA A 251 -22.13 16.53 2.81
C ALA A 251 -21.24 16.87 4.04
N ILE A 252 -21.06 18.16 4.31
CA ILE A 252 -20.16 18.54 5.39
C ILE A 252 -20.57 18.05 6.80
N GLY A 253 -21.87 17.66 6.95
CA GLY A 253 -22.43 17.03 8.20
C GLY A 253 -21.61 15.80 8.52
N LEU A 254 -20.91 15.26 7.51
CA LEU A 254 -20.13 14.02 7.75
C LEU A 254 -19.05 14.32 8.78
N ILE A 255 -18.46 15.50 8.68
CA ILE A 255 -17.39 15.87 9.58
C ILE A 255 -17.84 15.76 11.03
N SER A 256 -19.06 16.26 11.33
CA SER A 256 -19.65 16.19 12.66
C SER A 256 -19.94 14.79 13.03
N LEU A 257 -20.28 13.97 12.04
CA LEU A 257 -20.59 12.54 12.33
C LEU A 257 -19.40 11.65 12.64
N LEU A 258 -18.30 11.84 11.88
CA LEU A 258 -17.03 11.10 12.06
C LEU A 258 -16.71 10.63 13.51
N PRO A 259 -16.65 11.54 14.49
CA PRO A 259 -16.20 11.00 15.80
C PRO A 259 -17.19 10.11 16.52
N ALA A 260 -18.45 10.13 16.07
CA ALA A 260 -19.46 9.20 16.60
C ALA A 260 -19.19 7.77 16.23
N LEU A 261 -18.66 7.50 15.02
CA LEU A 261 -18.60 6.15 14.49
C LEU A 261 -17.17 5.64 14.57
N PHE A 262 -16.18 6.55 14.42
CA PHE A 262 -14.80 6.11 14.12
C PHE A 262 -13.86 6.60 15.16
N ASP A 263 -12.95 5.76 15.54
CA ASP A 263 -11.87 6.15 16.43
C ASP A 263 -11.09 7.25 15.70
N MET A 264 -10.88 8.37 16.38
CA MET A 264 -10.32 9.51 15.72
C MET A 264 -8.80 9.48 15.60
N GLU A 265 -8.17 8.41 16.13
CA GLU A 265 -6.75 8.21 15.99
C GLU A 265 -6.42 7.11 15.00
N THR A 266 -7.30 6.11 14.87
CA THR A 266 -6.96 4.93 14.09
C THR A 266 -7.92 4.70 12.90
N LEU A 267 -9.10 5.34 12.92
CA LEU A 267 -10.13 5.12 11.95
C LEU A 267 -10.80 3.74 12.07
N THR A 268 -10.60 3.03 13.18
CA THR A 268 -11.39 1.89 13.52
C THR A 268 -12.88 2.29 13.66
N LEU A 269 -13.75 1.49 13.07
CA LEU A 269 -15.17 1.66 13.29
C LEU A 269 -15.46 1.20 14.73
N ALA A 270 -15.73 2.12 15.61
CA ALA A 270 -15.92 1.82 17.03
C ALA A 270 -16.74 2.97 17.58
N PRO A 271 -18.06 2.89 17.48
CA PRO A 271 -18.93 3.98 17.85
C PRO A 271 -18.84 4.31 19.31
N SER A 272 -18.99 5.59 19.67
CA SER A 272 -18.94 5.96 21.10
C SER A 272 -19.78 7.18 21.26
N LEU A 273 -20.32 7.39 22.46
CA LEU A 273 -21.01 8.64 22.81
C LEU A 273 -20.01 9.77 23.15
N LEU A 274 -18.76 9.47 23.44
CA LEU A 274 -17.90 10.36 24.24
C LEU A 274 -17.34 11.56 23.49
N GLU A 275 -17.26 11.43 22.17
CA GLU A 275 -16.73 12.54 21.37
C GLU A 275 -17.71 13.17 20.38
N TYR A 276 -18.91 12.64 20.35
CA TYR A 276 -19.97 13.20 19.52
C TYR A 276 -20.79 14.23 20.30
N VAL A 277 -20.86 15.47 19.79
CA VAL A 277 -21.65 16.54 20.41
C VAL A 277 -23.02 16.40 19.71
N ALA A 278 -23.95 15.63 20.26
CA ALA A 278 -25.18 15.20 19.50
C ALA A 278 -26.17 16.33 19.20
N ASP A 279 -25.83 17.52 19.68
CA ASP A 279 -26.70 18.69 19.65
C ASP A 279 -25.93 19.86 18.98
N ALA A 280 -24.82 19.58 18.28
CA ALA A 280 -24.16 20.62 17.48
C ALA A 280 -25.23 21.05 16.50
N PRO A 281 -25.31 22.34 16.21
CA PRO A 281 -26.41 22.70 15.30
C PRO A 281 -26.12 22.19 13.85
N HIS A 282 -27.15 21.79 13.11
CA HIS A 282 -27.01 21.41 11.71
C HIS A 282 -26.36 22.54 10.92
N ALA A 283 -25.37 22.21 10.09
CA ALA A 283 -24.66 23.24 9.34
C ALA A 283 -25.43 23.81 8.08
N GLY A 284 -26.61 23.26 7.78
CA GLY A 284 -27.35 23.62 6.58
C GLY A 284 -26.84 22.82 5.37
N MET A 285 -27.32 23.20 4.20
CA MET A 285 -26.88 22.61 2.97
C MET A 285 -25.68 23.45 2.50
N THR A 286 -24.66 22.76 2.00
CA THR A 286 -23.69 23.48 1.18
C THR A 286 -23.52 22.90 -0.21
N LYS A 287 -23.19 23.81 -1.12
CA LYS A 287 -22.84 23.42 -2.50
C LYS A 287 -21.34 23.15 -2.57
N ALA A 288 -20.90 22.19 -3.38
CA ALA A 288 -19.47 21.97 -3.59
C ALA A 288 -18.78 23.23 -4.13
N PRO A 289 -17.64 23.62 -3.52
CA PRO A 289 -16.80 24.59 -4.23
C PRO A 289 -16.23 24.00 -5.53
N ALA A 290 -15.65 24.83 -6.37
CA ALA A 290 -15.16 24.38 -7.67
C ALA A 290 -13.75 23.79 -7.56
N TRP A 291 -13.61 22.47 -7.81
CA TRP A 291 -12.26 21.84 -7.83
C TRP A 291 -11.38 22.54 -8.84
N TRP A 292 -11.96 23.15 -9.88
CA TRP A 292 -11.09 23.62 -10.94
C TRP A 292 -10.32 24.90 -10.60
N ALA A 293 -10.48 25.40 -9.37
CA ALA A 293 -9.71 26.53 -8.83
C ALA A 293 -9.02 26.13 -7.52
N ARG A 294 -8.93 24.83 -7.27
CA ARG A 294 -8.23 24.34 -6.13
C ARG A 294 -6.81 24.93 -6.04
N ALA A 295 -6.22 25.22 -7.20
CA ALA A 295 -4.80 25.57 -7.33
C ALA A 295 -4.58 26.96 -6.78
N PHE A 296 -5.67 27.67 -6.47
CA PHE A 296 -5.57 29.06 -5.98
C PHE A 296 -6.01 29.25 -4.54
N LYS A 297 -6.42 28.16 -3.93
CA LYS A 297 -7.00 28.25 -2.60
C LYS A 297 -6.06 27.70 -1.57
N THR A 298 -5.58 28.57 -0.69
CA THR A 298 -4.74 28.15 0.44
C THR A 298 -5.43 27.27 1.44
N ARG A 299 -6.78 27.30 1.46
CA ARG A 299 -7.53 26.51 2.45
C ARG A 299 -8.53 25.58 1.77
N GLN A 300 -9.04 24.67 2.58
CA GLN A 300 -10.16 23.79 2.20
C GLN A 300 -11.43 24.30 2.94
N PHE A 301 -12.59 24.06 2.31
CA PHE A 301 -13.87 24.16 2.89
C PHE A 301 -14.33 25.60 2.90
N TRP A 302 -15.64 25.77 2.96
CA TRP A 302 -16.22 27.11 2.87
C TRP A 302 -15.79 28.04 3.96
N ASP A 303 -15.40 27.48 5.09
CA ASP A 303 -14.92 28.27 6.24
C ASP A 303 -13.38 28.42 6.24
N GLY A 304 -12.72 27.88 5.23
CA GLY A 304 -11.25 28.00 5.19
C GLY A 304 -10.63 27.28 6.40
N SER A 305 -11.32 26.29 6.92
CA SER A 305 -10.89 25.67 8.20
C SER A 305 -9.52 24.90 8.16
N LEU A 306 -9.19 24.31 7.03
CA LEU A 306 -7.98 23.47 6.91
C LEU A 306 -7.04 23.88 5.83
N SER A 307 -5.74 23.59 6.00
CA SER A 307 -4.73 23.82 4.95
C SER A 307 -5.01 23.06 3.69
N SER A 308 -4.86 23.70 2.53
CA SER A 308 -4.91 22.97 1.28
C SER A 308 -3.80 21.93 1.07
N ASP A 309 -2.78 21.93 1.93
CA ASP A 309 -1.76 20.86 1.89
C ASP A 309 -2.34 19.48 2.31
N ASN A 310 -3.47 19.53 3.02
CA ASN A 310 -4.00 18.36 3.66
C ASN A 310 -4.91 17.64 2.70
N VAL A 311 -4.92 16.31 2.79
CA VAL A 311 -5.87 15.57 1.97
C VAL A 311 -6.78 14.71 2.82
N HIS A 312 -6.63 14.78 4.15
CA HIS A 312 -7.52 13.96 5.07
C HIS A 312 -8.91 14.43 4.97
N SER A 313 -9.08 15.75 4.88
CA SER A 313 -10.44 16.25 4.59
C SER A 313 -10.99 15.67 3.25
N GLU A 314 -10.13 15.57 2.23
CA GLU A 314 -10.59 15.12 0.91
C GLU A 314 -10.98 13.65 1.03
N MET A 315 -10.33 13.00 2.00
CA MET A 315 -10.59 11.58 2.26
C MET A 315 -11.85 11.18 2.98
N ALA A 316 -12.60 12.17 3.54
CA ALA A 316 -13.74 11.86 4.41
C ALA A 316 -14.66 10.74 3.85
N PHE A 317 -15.11 10.88 2.58
CA PHE A 317 -16.13 9.89 2.11
C PHE A 317 -15.52 8.51 1.90
N GLY A 318 -14.22 8.48 1.71
CA GLY A 318 -13.59 7.15 1.55
C GLY A 318 -13.39 6.48 2.87
N VAL A 319 -13.03 7.26 3.87
CA VAL A 319 -12.84 6.80 5.25
C VAL A 319 -14.21 6.37 5.75
N ALA A 320 -15.24 7.15 5.43
CA ALA A 320 -16.54 6.83 6.07
C ALA A 320 -17.21 5.63 5.48
N ASN A 321 -16.56 4.93 4.59
CA ASN A 321 -17.11 3.71 4.03
C ASN A 321 -17.06 2.56 5.05
N ILE A 322 -18.17 1.86 5.25
CA ILE A 322 -18.34 0.97 6.36
C ILE A 322 -17.70 -0.35 6.10
N PHE A 323 -17.36 -0.57 4.84
CA PHE A 323 -16.78 -1.85 4.49
C PHE A 323 -15.24 -1.90 4.66
N ARG A 324 -14.56 -0.77 4.85
CA ARG A 324 -13.09 -0.79 4.95
C ARG A 324 -12.70 -1.05 6.38
N ASP A 325 -11.50 -1.58 6.64
CA ASP A 325 -10.99 -1.62 8.00
C ASP A 325 -10.08 -0.37 8.27
N ALA A 326 -9.60 -0.18 9.49
CA ALA A 326 -8.84 1.05 9.84
C ALA A 326 -7.63 1.16 8.91
N ASN A 327 -6.90 0.06 8.68
CA ASN A 327 -5.72 0.07 7.80
C ASN A 327 -6.06 0.55 6.38
N ALA A 328 -7.12 0.01 5.80
CA ALA A 328 -7.54 0.39 4.47
C ALA A 328 -7.94 1.87 4.50
N ARG A 329 -8.66 2.30 5.53
CA ARG A 329 -9.14 3.72 5.51
C ARG A 329 -7.93 4.62 5.52
N ARG A 330 -7.06 4.49 6.50
CA ARG A 330 -5.81 5.32 6.54
C ARG A 330 -5.00 5.16 5.24
N GLY A 331 -5.01 3.94 4.69
CA GLY A 331 -4.18 3.61 3.51
C GLY A 331 -4.72 4.12 2.16
N LEU A 332 -5.88 4.81 2.18
CA LEU A 332 -6.33 5.59 1.02
C LEU A 332 -5.49 6.83 0.79
N GLU A 333 -4.65 7.19 1.74
CA GLU A 333 -3.89 8.46 1.66
C GLU A 333 -3.09 8.68 0.34
N ASP A 334 -2.29 7.72 -0.11
N ASP A 334 -2.32 7.67 -0.06
CA ASP A 334 -1.52 7.87 -1.37
CA ASP A 334 -1.58 7.63 -1.34
C ASP A 334 -2.51 8.19 -2.53
C ASP A 334 -2.48 8.11 -2.50
N GLU A 335 -3.63 7.45 -2.60
CA GLU A 335 -4.61 7.68 -3.67
C GLU A 335 -5.19 9.08 -3.64
N PHE A 336 -5.34 9.58 -2.42
CA PHE A 336 -5.89 10.93 -2.27
C PHE A 336 -4.92 12.06 -2.52
N GLU A 337 -3.65 11.85 -2.22
CA GLU A 337 -2.61 12.81 -2.65
C GLU A 337 -2.61 12.89 -4.23
N ASP A 338 -2.81 11.78 -4.92
CA ASP A 338 -2.90 11.79 -6.38
C ASP A 338 -4.20 12.50 -6.84
N ILE A 339 -5.35 12.20 -6.19
CA ILE A 339 -6.57 12.97 -6.45
C ILE A 339 -6.32 14.48 -6.27
N ASN A 340 -5.71 14.85 -5.15
CA ASN A 340 -5.41 16.23 -4.84
C ASN A 340 -4.54 16.89 -5.91
N ASN A 341 -3.48 16.21 -6.32
CA ASN A 341 -2.72 16.67 -7.45
C ASN A 341 -3.49 16.77 -8.77
N PHE A 342 -4.38 15.83 -9.09
CA PHE A 342 -5.23 16.06 -10.24
C PHE A 342 -6.03 17.38 -10.02
N LEU A 343 -6.67 17.54 -8.85
CA LEU A 343 -7.48 18.80 -8.61
C LEU A 343 -6.64 20.05 -8.80
N ILE A 344 -5.40 20.02 -8.30
CA ILE A 344 -4.53 21.23 -8.45
C ILE A 344 -4.12 21.38 -9.93
N SER A 345 -4.22 20.32 -10.72
CA SER A 345 -3.76 20.42 -12.14
C SER A 345 -4.83 21.05 -12.99
N LEU A 346 -6.04 21.25 -12.42
CA LEU A 346 -7.23 21.64 -13.19
C LEU A 346 -7.21 23.14 -13.48
N SER A 347 -7.71 23.52 -14.66
CA SER A 347 -8.12 24.90 -14.94
C SER A 347 -9.61 24.94 -15.32
N PRO A 348 -10.27 26.05 -15.01
CA PRO A 348 -11.64 26.23 -15.42
C PRO A 348 -11.86 26.31 -16.93
N ALA A 349 -13.05 25.88 -17.38
CA ALA A 349 -13.48 26.16 -18.77
C ALA A 349 -13.45 27.66 -19.05
N THR A 350 -13.13 28.00 -20.31
CA THR A 350 -13.09 29.39 -20.72
C THR A 350 -14.44 29.77 -21.29
N TYR A 351 -14.79 31.02 -21.18
CA TYR A 351 -16.15 31.47 -21.45
C TYR A 351 -16.41 31.30 -22.93
N PRO A 352 -17.54 30.64 -23.33
CA PRO A 352 -17.69 30.28 -24.73
C PRO A 352 -18.37 31.37 -25.60
N LYS A 353 -18.83 32.47 -25.00
CA LYS A 353 -19.47 33.52 -25.82
C LYS A 353 -18.64 34.79 -26.01
N THR A 354 -19.27 35.76 -26.66
CA THR A 354 -18.58 36.96 -27.01
C THR A 354 -18.33 37.86 -25.79
N ILE A 355 -17.17 38.48 -25.77
CA ILE A 355 -16.80 39.39 -24.70
C ILE A 355 -16.45 40.73 -25.31
N ASN A 356 -16.95 41.79 -24.70
CA ASN A 356 -16.59 43.19 -25.07
C ASN A 356 -15.33 43.53 -24.36
N THR A 357 -14.21 43.56 -25.07
CA THR A 357 -12.92 43.73 -24.40
C THR A 357 -12.82 45.05 -23.66
N ALA A 358 -13.34 46.12 -24.26
CA ALA A 358 -13.28 47.41 -23.58
C ALA A 358 -14.16 47.48 -22.33
N LEU A 359 -15.32 46.84 -22.36
CA LEU A 359 -16.20 46.84 -21.21
C LEU A 359 -15.51 46.02 -20.06
N ALA A 360 -14.91 44.89 -20.45
CA ALA A 360 -14.17 44.03 -19.52
C ALA A 360 -12.99 44.75 -18.85
N GLU A 361 -12.39 45.68 -19.59
CA GLU A 361 -11.28 46.45 -19.03
C GLU A 361 -11.80 47.49 -18.04
N GLN A 362 -12.94 48.11 -18.32
CA GLN A 362 -13.56 48.98 -17.30
C GLN A 362 -13.88 48.16 -16.05
N GLY A 363 -14.43 46.96 -16.26
CA GLY A 363 -14.68 46.04 -15.15
C GLY A 363 -13.41 45.64 -14.40
N ALA A 364 -12.31 45.48 -15.12
CA ALA A 364 -11.08 45.09 -14.50
C ALA A 364 -10.66 46.14 -13.55
N VAL A 365 -10.83 47.40 -13.97
CA VAL A 365 -10.47 48.51 -13.13
C VAL A 365 -11.35 48.58 -11.89
N ILE A 366 -12.66 48.42 -12.09
CA ILE A 366 -13.60 48.54 -11.01
C ILE A 366 -13.24 47.42 -10.04
N TYR A 367 -13.06 46.21 -10.60
CA TYR A 367 -12.76 45.01 -9.77
C TYR A 367 -11.62 45.33 -8.75
N HIS A 368 -10.52 45.88 -9.26
CA HIS A 368 -9.32 46.08 -8.47
C HIS A 368 -9.27 47.42 -7.72
N GLU A 369 -10.11 48.38 -8.11
CA GLU A 369 -9.89 49.71 -7.55
C GLU A 369 -11.07 50.37 -6.91
N ARG A 370 -12.29 49.94 -7.24
CA ARG A 370 -13.47 50.67 -6.75
C ARG A 370 -13.73 50.30 -5.28
N ASP A 371 -13.71 51.30 -4.40
CA ASP A 371 -13.97 51.04 -3.00
C ASP A 371 -15.47 50.92 -2.81
N LEU A 372 -15.95 49.77 -2.33
CA LEU A 372 -17.39 49.60 -2.18
C LEU A 372 -17.99 50.43 -1.07
N TRP A 373 -17.10 50.85 -0.16
CA TRP A 373 -17.42 51.74 0.95
C TRP A 373 -17.11 53.18 0.64
N ALA A 374 -16.79 53.52 -0.61
CA ALA A 374 -16.49 54.92 -0.97
C ALA A 374 -17.65 55.86 -0.66
N SER A 375 -17.32 57.11 -0.35
CA SER A 375 -18.31 58.16 -0.11
C SER A 375 -19.30 57.79 0.98
N GLY A 376 -18.81 57.24 2.08
CA GLY A 376 -19.69 56.75 3.16
C GLY A 376 -20.71 55.61 2.94
N ALA A 377 -20.69 54.98 1.76
CA ALA A 377 -21.54 53.80 1.48
C ALA A 377 -21.30 52.62 2.45
N ASN A 378 -22.31 51.79 2.63
CA ASN A 378 -22.14 50.55 3.45
C ASN A 378 -21.58 50.80 4.84
N GLY A 379 -21.86 51.99 5.39
CA GLY A 379 -21.46 52.43 6.76
C GLY A 379 -21.75 51.38 7.83
N ALA A 380 -22.85 50.64 7.66
CA ALA A 380 -23.29 49.60 8.61
C ALA A 380 -22.58 48.23 8.49
N ILE A 381 -21.81 48.04 7.43
CA ILE A 381 -21.09 46.77 7.23
C ILE A 381 -19.64 46.99 7.56
N PRO A 382 -19.15 46.36 8.63
CA PRO A 382 -17.73 46.51 8.93
C PRO A 382 -16.85 46.25 7.70
N LYS A 383 -15.84 47.10 7.48
CA LYS A 383 -15.02 47.01 6.29
C LYS A 383 -13.69 46.42 6.68
N PRO A 384 -13.25 45.35 6.01
CA PRO A 384 -11.91 44.84 6.31
C PRO A 384 -10.76 45.73 5.89
N ALA A 385 -9.55 45.39 6.36
CA ALA A 385 -8.31 46.08 5.97
C ALA A 385 -8.19 45.89 4.46
N GLY A 386 -7.84 46.94 3.73
CA GLY A 386 -7.61 46.78 2.26
C GLY A 386 -8.30 47.96 1.61
N ASN A 387 -8.53 47.88 0.30
CA ASN A 387 -9.05 49.02 -0.46
C ASN A 387 -10.57 48.94 -0.81
N GLY A 388 -11.28 48.01 -0.17
CA GLY A 388 -12.73 47.93 -0.29
C GLY A 388 -13.21 47.38 -1.64
N SER A 389 -12.24 46.94 -2.47
CA SER A 389 -12.59 46.44 -3.81
C SER A 389 -12.84 44.93 -3.80
N CYS A 390 -13.41 44.40 -4.89
CA CYS A 390 -13.54 42.91 -5.02
C CYS A 390 -12.23 42.23 -4.73
N ALA A 391 -11.18 42.85 -5.28
CA ALA A 391 -9.81 42.34 -5.11
C ALA A 391 -9.36 42.24 -3.67
N SER A 392 -9.79 43.15 -2.78
CA SER A 392 -9.42 43.11 -1.37
C SER A 392 -9.88 41.86 -0.64
N CYS A 393 -10.70 41.04 -1.25
CA CYS A 393 -11.13 39.77 -0.61
C CYS A 393 -10.83 38.68 -1.55
N HIS A 394 -11.36 38.78 -2.77
CA HIS A 394 -11.28 37.66 -3.69
C HIS A 394 -9.88 37.35 -4.23
N GLY A 395 -9.05 38.37 -4.37
CA GLY A 395 -7.79 38.17 -5.05
C GLY A 395 -7.51 39.16 -6.16
N VAL A 396 -6.23 39.31 -6.49
CA VAL A 396 -5.81 40.16 -7.62
C VAL A 396 -5.58 39.34 -8.90
N TYR A 397 -6.33 39.66 -9.97
CA TYR A 397 -6.29 38.88 -11.20
C TYR A 397 -5.51 39.55 -12.29
N SER A 398 -5.53 40.88 -12.32
CA SER A 398 -4.99 41.67 -13.41
C SER A 398 -3.46 41.66 -13.30
N PRO A 399 -2.77 41.23 -14.39
CA PRO A 399 -1.30 41.19 -14.29
C PRO A 399 -0.73 42.56 -13.93
N ARG A 400 -1.37 43.61 -14.41
CA ARG A 400 -0.92 44.97 -14.11
C ARG A 400 -0.97 45.27 -12.61
N HIS A 401 -2.08 44.91 -11.95
CA HIS A 401 -2.18 45.14 -10.54
C HIS A 401 -1.37 44.13 -9.79
N ALA A 402 -1.21 42.91 -10.36
CA ALA A 402 -0.38 41.90 -9.68
C ALA A 402 1.07 42.29 -9.52
N ALA A 403 1.59 43.09 -10.46
CA ALA A 403 2.97 43.63 -10.37
C ALA A 403 3.08 44.90 -9.53
N ASP A 404 2.01 45.35 -8.90
CA ASP A 404 2.02 46.64 -8.16
C ASP A 404 1.88 46.40 -6.69
N PRO A 405 2.91 46.74 -5.90
CA PRO A 405 2.83 46.45 -4.45
C PRO A 405 1.79 47.26 -3.68
N ASN A 406 1.18 48.27 -4.30
CA ASN A 406 -0.02 48.85 -3.70
C ASN A 406 -1.19 47.82 -3.72
N TYR A 407 -1.08 46.81 -4.58
CA TYR A 407 -2.17 45.81 -4.73
C TYR A 407 -1.76 44.44 -4.16
N LEU A 408 -0.54 44.00 -4.44
CA LEU A 408 -0.15 42.59 -4.21
C LEU A 408 1.32 42.62 -3.96
N PRO A 409 1.84 41.86 -2.94
CA PRO A 409 3.23 41.96 -2.54
C PRO A 409 4.09 41.06 -3.39
N ASP A 410 3.51 40.19 -4.23
CA ASP A 410 4.34 39.29 -5.02
C ASP A 410 3.54 38.87 -6.24
N PRO A 411 4.07 39.08 -7.47
CA PRO A 411 3.29 38.84 -8.71
C PRO A 411 2.89 37.38 -8.82
N ARG A 412 3.61 36.46 -8.14
CA ARG A 412 3.27 35.03 -8.15
C ARG A 412 1.95 34.69 -7.44
N LEU A 413 1.41 35.66 -6.72
CA LEU A 413 0.20 35.50 -5.91
C LEU A 413 -1.07 35.93 -6.69
N LYS A 414 -0.91 36.19 -8.00
CA LYS A 414 -2.01 36.56 -8.82
C LYS A 414 -3.09 35.50 -8.68
N GLY A 415 -4.32 35.92 -8.45
CA GLY A 415 -5.44 34.96 -8.37
C GLY A 415 -5.59 34.11 -7.11
N VAL A 416 -4.62 34.16 -6.19
CA VAL A 416 -4.75 33.40 -4.90
C VAL A 416 -5.94 33.90 -4.08
N ALA A 417 -6.78 32.96 -3.64
CA ALA A 417 -7.85 33.28 -2.70
C ALA A 417 -7.38 32.84 -1.29
N ALA A 418 -6.97 33.79 -0.44
CA ALA A 418 -6.61 33.46 0.93
C ALA A 418 -7.20 34.44 1.93
N VAL A 419 -8.46 34.82 1.75
CA VAL A 419 -9.10 35.65 2.72
C VAL A 419 -10.37 34.97 3.17
N VAL A 420 -10.49 34.68 4.49
CA VAL A 420 -11.76 34.31 5.12
C VAL A 420 -12.38 35.64 5.63
N THR A 421 -13.51 36.02 5.05
CA THR A 421 -14.12 37.33 5.40
C THR A 421 -14.93 37.08 6.68
N PRO A 422 -14.69 37.86 7.76
CA PRO A 422 -15.50 37.64 8.95
C PRO A 422 -17.00 37.69 8.67
N ILE A 423 -17.73 36.89 9.40
CA ILE A 423 -19.19 36.81 9.20
C ILE A 423 -19.88 38.20 9.37
N GLU A 424 -19.33 39.09 10.20
CA GLU A 424 -19.99 40.38 10.47
C GLU A 424 -19.91 41.24 9.22
N THR A 425 -18.93 40.95 8.35
CA THR A 425 -18.89 41.59 7.04
C THR A 425 -19.56 40.87 5.91
N ILE A 426 -19.32 39.54 5.77
CA ILE A 426 -19.98 38.84 4.66
C ILE A 426 -21.48 38.68 4.84
N ARG A 427 -21.92 38.33 6.06
CA ARG A 427 -23.35 38.27 6.44
C ARG A 427 -24.20 37.35 5.56
N THR A 428 -23.56 36.40 4.89
CA THR A 428 -24.36 35.40 4.17
C THR A 428 -24.88 34.41 5.20
N ASP A 429 -25.67 33.45 4.74
CA ASP A 429 -26.32 32.53 5.69
C ASP A 429 -25.31 31.98 6.67
N PRO A 430 -25.56 32.18 7.95
CA PRO A 430 -24.52 31.78 8.92
C PRO A 430 -24.58 30.36 9.41
N ARG A 431 -25.50 29.50 8.95
CA ARG A 431 -25.63 28.19 9.62
C ARG A 431 -24.36 27.39 9.41
N ARG A 432 -23.78 27.49 8.21
CA ARG A 432 -22.65 26.65 7.90
C ARG A 432 -21.44 27.01 8.81
N MET A 433 -21.22 28.29 9.07
CA MET A 433 -20.05 28.65 9.86
C MET A 433 -20.08 28.14 11.33
N ARG A 434 -21.20 27.59 11.77
CA ARG A 434 -21.30 26.95 13.08
C ARG A 434 -20.91 25.46 13.13
N LEU A 435 -20.65 24.86 11.97
CA LEU A 435 -20.32 23.46 11.96
C LEU A 435 -19.28 23.06 13.04
N MET A 436 -18.13 23.72 13.09
CA MET A 436 -17.22 23.22 14.12
C MET A 436 -16.92 24.35 15.11
N ALA A 437 -17.93 25.17 15.37
CA ALA A 437 -17.79 26.26 16.30
C ALA A 437 -17.39 25.82 17.73
N ASP A 438 -17.81 24.65 18.16
CA ASP A 438 -17.57 24.13 19.53
C ASP A 438 -16.13 23.63 19.70
N GLU A 439 -15.42 24.17 20.71
CA GLU A 439 -14.04 23.79 21.01
C GLU A 439 -13.91 22.29 21.18
N ARG A 440 -14.97 21.66 21.72
CA ARG A 440 -14.91 20.20 21.99
C ARG A 440 -14.74 19.42 20.71
N GLN A 441 -15.50 19.83 19.70
CA GLN A 441 -15.41 19.22 18.38
C GLN A 441 -14.03 19.42 17.72
N ARG A 442 -13.53 20.65 17.74
N ARG A 442 -13.53 20.65 17.75
CA ARG A 442 -12.23 20.94 17.16
CA ARG A 442 -12.23 20.94 17.16
C ARG A 442 -11.12 20.20 17.88
C ARG A 442 -11.12 20.20 17.88
N ARG A 443 -11.25 20.05 19.20
CA ARG A 443 -10.20 19.36 19.92
C ARG A 443 -10.17 17.85 19.58
N ALA A 444 -11.34 17.23 19.37
CA ALA A 444 -11.40 15.84 18.95
C ALA A 444 -10.65 15.61 17.61
N TRP A 445 -10.93 16.51 16.66
CA TRP A 445 -10.25 16.54 15.39
C TRP A 445 -8.74 16.77 15.54
N ASN A 446 -8.38 17.86 16.25
CA ASN A 446 -6.99 18.32 16.45
C ASN A 446 -6.08 17.28 17.07
N SER A 447 -6.66 16.37 17.86
CA SER A 447 -5.89 15.40 18.61
C SER A 447 -5.91 14.03 17.93
N GLY A 448 -6.05 13.95 16.60
CA GLY A 448 -6.00 12.59 16.02
C GLY A 448 -5.54 12.54 14.57
N TRP A 449 -5.94 11.49 13.89
CA TRP A 449 -5.46 11.24 12.53
C TRP A 449 -5.91 12.38 11.60
N TRP A 450 -7.11 12.89 11.79
CA TRP A 450 -7.61 13.95 10.94
C TRP A 450 -6.69 15.14 10.92
N ALA A 451 -6.08 15.43 12.09
CA ALA A 451 -5.18 16.60 12.16
C ALA A 451 -3.75 16.16 11.87
N TYR A 452 -3.55 14.95 11.33
CA TYR A 452 -2.18 14.42 11.09
C TYR A 452 -1.33 14.44 12.39
N ASN A 453 -1.92 13.97 13.47
CA ASN A 453 -1.21 13.88 14.75
C ASN A 453 -0.07 12.88 14.66
N ASN A 454 0.05 12.15 13.56
CA ASN A 454 1.26 11.33 13.40
C ASN A 454 2.52 12.20 13.20
N LEU A 455 2.35 13.50 12.96
CA LEU A 455 3.46 14.41 12.84
C LEU A 455 3.89 15.04 14.18
N SER A 456 3.20 14.67 15.25
CA SER A 456 3.59 15.12 16.59
C SER A 456 4.91 14.49 16.99
N PRO A 457 5.77 15.23 17.71
CA PRO A 457 6.99 14.53 18.12
C PRO A 457 6.70 13.43 19.16
N SER A 458 5.53 13.49 19.79
CA SER A 458 5.16 12.59 20.90
C SER A 458 4.52 11.36 20.35
N TRP A 459 4.26 11.31 19.05
CA TRP A 459 3.52 10.20 18.49
C TRP A 459 4.46 9.08 18.27
N THR A 460 4.21 7.96 18.93
CA THR A 460 4.62 6.71 18.30
C THR A 460 3.38 6.21 17.59
N GLY A 461 3.59 5.45 16.51
CA GLY A 461 2.60 4.57 15.94
C GLY A 461 1.14 4.82 16.15
N TYR A 462 0.39 4.18 15.28
CA TYR A 462 -1.03 4.20 15.43
C TYR A 462 -1.41 3.40 16.69
N PRO A 463 -2.32 3.94 17.53
CA PRO A 463 -2.91 3.15 18.60
C PRO A 463 -3.48 1.87 17.99
N SER A 464 -3.67 0.87 18.83
CA SER A 464 -4.25 -0.42 18.40
C SER A 464 -5.65 -0.33 17.80
N ASP A 465 -5.84 -1.16 16.81
CA ASP A 465 -7.02 -1.21 16.04
C ASP A 465 -7.86 -2.26 16.76
N ASN A 466 -8.45 -1.89 17.89
CA ASN A 466 -9.39 -2.82 18.51
C ASN A 466 -10.30 -2.05 19.41
N ILE A 467 -11.47 -2.62 19.51
CA ILE A 467 -12.67 -1.97 19.97
C ILE A 467 -12.46 -1.74 21.46
N VAL A 468 -11.93 -2.73 22.18
CA VAL A 468 -11.72 -2.56 23.63
C VAL A 468 -10.78 -1.39 23.90
N ALA A 469 -9.68 -1.33 23.14
CA ALA A 469 -8.68 -0.29 23.37
C ALA A 469 -9.25 1.06 22.91
N SER A 470 -10.04 1.04 21.83
CA SER A 470 -10.68 2.26 21.39
C SER A 470 -11.60 2.83 22.49
N GLU A 471 -12.34 1.97 23.17
CA GLU A 471 -13.13 2.40 24.34
C GLU A 471 -12.28 2.97 25.46
N LEU A 472 -11.12 2.40 25.69
CA LEU A 472 -10.26 2.87 26.73
C LEU A 472 -9.89 4.30 26.41
N ARG A 473 -9.46 4.53 25.19
CA ARG A 473 -8.93 5.86 24.80
C ARG A 473 -9.97 6.97 24.74
N ARG A 474 -11.21 6.60 24.39
CA ARG A 474 -12.33 7.63 24.33
C ARG A 474 -12.44 8.53 25.57
N VAL A 475 -12.26 7.94 26.75
CA VAL A 475 -12.52 8.70 27.99
C VAL A 475 -11.48 9.84 28.17
N PRO A 476 -10.16 9.51 28.20
CA PRO A 476 -9.21 10.60 28.36
C PRO A 476 -9.22 11.50 27.16
N ARG A 477 -9.61 11.00 25.99
CA ARG A 477 -9.81 11.97 24.84
C ARG A 477 -10.89 13.01 25.14
N ALA A 478 -12.04 12.52 25.59
CA ALA A 478 -13.20 13.41 25.93
C ALA A 478 -12.79 14.39 27.04
N ILE A 479 -11.98 13.93 27.99
CA ILE A 479 -11.48 14.81 29.01
C ILE A 479 -10.65 15.95 28.43
N TYR A 480 -9.72 15.61 27.54
CA TYR A 480 -8.96 16.63 26.84
C TYR A 480 -9.91 17.54 26.04
N ASN A 481 -10.86 16.95 25.31
CA ASN A 481 -11.81 17.73 24.51
C ASN A 481 -12.60 18.78 25.34
N ASN A 482 -12.75 18.45 26.64
CA ASN A 482 -13.52 19.28 27.56
C ASN A 482 -12.58 20.09 28.46
N GLY A 483 -11.33 20.29 28.04
CA GLY A 483 -10.44 21.24 28.77
C GLY A 483 -9.45 20.63 29.74
N GLY A 484 -9.44 19.31 29.83
CA GLY A 484 -8.53 18.54 30.66
C GLY A 484 -7.13 18.35 30.05
N PRO A 485 -6.30 17.50 30.69
CA PRO A 485 -4.95 17.23 30.21
C PRO A 485 -4.95 16.61 28.82
N ILE A 486 -3.87 16.91 28.14
CA ILE A 486 -3.58 16.33 26.82
C ILE A 486 -3.53 14.83 26.96
N TYR A 487 -4.17 14.12 26.04
CA TYR A 487 -3.99 12.68 26.08
C TYR A 487 -3.34 12.32 24.73
N SER A 488 -4.14 12.29 23.67
CA SER A 488 -3.59 12.02 22.33
C SER A 488 -2.78 13.20 21.83
N PRO A 489 -1.68 12.95 21.13
CA PRO A 489 -0.99 14.20 20.72
C PRO A 489 -1.81 15.01 19.68
N LEU A 490 -1.53 16.29 19.66
CA LEU A 490 -2.11 17.20 18.68
C LEU A 490 -1.33 17.17 17.36
N GLY A 491 -2.03 17.33 16.24
CA GLY A 491 -1.32 17.47 14.96
C GLY A 491 -1.36 18.89 14.42
N PRO A 492 -0.66 19.14 13.30
CA PRO A 492 -0.55 20.51 12.76
C PRO A 492 -1.76 20.86 11.88
N ASN A 493 -2.55 19.88 11.44
CA ASN A 493 -3.70 20.09 10.51
C ASN A 493 -4.95 20.38 11.29
N ILE A 494 -4.85 21.50 11.98
CA ILE A 494 -5.82 21.97 12.95
C ILE A 494 -7.07 22.44 12.23
N TRP A 495 -8.25 22.10 12.73
CA TRP A 495 -9.49 22.70 12.23
C TRP A 495 -9.59 24.10 12.84
N GLU A 496 -9.35 25.17 12.09
CA GLU A 496 -9.40 26.53 12.67
C GLU A 496 -10.75 26.91 13.25
N GLU A 497 -10.73 27.67 14.31
CA GLU A 497 -11.99 28.14 14.84
C GLU A 497 -12.70 28.97 13.72
N PRO A 498 -14.00 28.72 13.45
CA PRO A 498 -14.58 29.52 12.37
C PRO A 498 -14.78 30.98 12.67
N THR A 499 -14.58 31.81 11.66
CA THR A 499 -14.79 33.25 11.78
C THR A 499 -15.64 33.81 10.63
N GLY A 500 -15.70 33.08 9.51
CA GLY A 500 -16.47 33.52 8.36
C GLY A 500 -16.34 32.58 7.19
N TYR A 501 -16.43 33.13 5.99
CA TYR A 501 -16.39 32.31 4.79
C TYR A 501 -15.25 32.77 3.88
N ILE A 502 -14.64 31.82 3.16
CA ILE A 502 -13.62 32.13 2.16
C ILE A 502 -14.27 32.97 1.02
N ALA A 503 -13.61 34.05 0.55
CA ALA A 503 -13.98 34.73 -0.71
C ALA A 503 -13.35 33.86 -1.85
N PRO A 504 -14.16 33.05 -2.54
CA PRO A 504 -13.46 32.07 -3.40
C PRO A 504 -12.92 32.69 -4.70
N PRO A 505 -12.02 31.99 -5.42
CA PRO A 505 -11.57 32.43 -6.76
C PRO A 505 -12.77 32.65 -7.68
N LEU A 506 -12.66 33.71 -8.47
CA LEU A 506 -13.64 34.00 -9.52
C LEU A 506 -13.25 33.50 -10.89
N TYR A 507 -12.06 32.88 -11.01
CA TYR A 507 -11.74 32.12 -12.21
C TYR A 507 -12.84 31.10 -12.40
N GLY A 508 -13.49 31.09 -13.55
CA GLY A 508 -14.44 29.95 -13.79
C GLY A 508 -15.82 30.30 -13.28
N ALA A 509 -15.93 31.36 -12.48
CA ALA A 509 -17.19 31.64 -11.79
C ALA A 509 -18.29 31.98 -12.78
N TRP A 510 -17.92 32.42 -13.97
CA TRP A 510 -18.91 32.61 -15.03
C TRP A 510 -19.85 31.42 -15.22
N ALA A 511 -19.31 30.22 -14.96
CA ALA A 511 -19.95 28.97 -15.28
C ALA A 511 -20.67 28.29 -14.09
N THR A 512 -20.42 28.77 -12.89
CA THR A 512 -20.74 27.99 -11.68
C THR A 512 -21.96 28.49 -10.94
N ALA A 513 -22.89 29.14 -11.62
CA ALA A 513 -24.11 29.53 -10.91
C ALA A 513 -24.89 28.21 -10.45
N PRO A 514 -25.67 28.27 -9.34
CA PRO A 514 -25.88 29.46 -8.50
C PRO A 514 -24.76 29.70 -7.46
N TYR A 515 -24.79 30.89 -6.83
CA TYR A 515 -23.65 31.37 -6.07
C TYR A 515 -23.86 31.35 -4.52
N PHE A 516 -22.78 31.60 -3.78
CA PHE A 516 -22.68 31.52 -2.35
C PHE A 516 -22.64 30.08 -1.90
N HIS A 517 -22.24 29.90 -0.66
CA HIS A 517 -21.96 28.54 -0.13
C HIS A 517 -23.19 27.68 -0.10
N ASN A 518 -24.40 28.26 -0.18
CA ASN A 518 -25.62 27.46 -0.20
C ASN A 518 -26.33 27.40 -1.59
N GLY A 519 -25.65 27.88 -2.64
CA GLY A 519 -26.15 27.96 -4.00
C GLY A 519 -27.47 28.68 -4.07
N SER A 520 -27.60 29.80 -3.38
CA SER A 520 -28.92 30.46 -3.23
C SER A 520 -29.20 31.57 -4.23
N VAL A 521 -28.16 32.09 -4.86
CA VAL A 521 -28.35 33.21 -5.77
C VAL A 521 -28.11 32.80 -7.26
N PRO A 522 -29.15 32.95 -8.12
CA PRO A 522 -29.03 32.22 -9.39
C PRO A 522 -28.12 32.88 -10.40
N ASN A 523 -27.80 34.17 -10.23
CA ASN A 523 -26.90 34.78 -11.21
C ASN A 523 -25.96 35.80 -10.62
N LEU A 524 -24.96 36.17 -11.39
CA LEU A 524 -23.93 37.05 -10.88
C LEU A 524 -24.45 38.45 -10.65
N TRP A 525 -25.30 38.90 -11.57
CA TRP A 525 -26.07 40.14 -11.35
C TRP A 525 -26.61 40.23 -9.91
N GLY A 526 -27.20 39.13 -9.42
CA GLY A 526 -27.81 39.08 -8.09
C GLY A 526 -26.81 39.23 -6.96
N VAL A 527 -25.65 38.61 -7.10
CA VAL A 527 -24.56 38.83 -6.17
C VAL A 527 -24.25 40.33 -6.16
N LEU A 528 -24.26 40.92 -7.35
CA LEU A 528 -23.87 42.33 -7.51
C LEU A 528 -24.95 43.32 -7.15
N LYS A 529 -26.19 42.83 -7.11
CA LYS A 529 -27.33 43.68 -6.82
C LYS A 529 -28.32 43.01 -5.93
N PRO A 530 -28.10 43.11 -4.59
CA PRO A 530 -28.87 42.32 -3.62
C PRO A 530 -30.36 42.41 -3.86
N SER A 531 -30.83 43.59 -4.29
CA SER A 531 -32.26 43.83 -4.44
C SER A 531 -32.92 42.96 -5.52
N ASP A 532 -32.13 42.48 -6.49
CA ASP A 532 -32.58 41.59 -7.56
C ASP A 532 -32.46 40.11 -7.31
N ARG A 533 -32.17 39.71 -6.07
CA ARG A 533 -32.07 38.25 -5.84
C ARG A 533 -33.48 37.70 -5.55
N PRO A 534 -33.94 36.66 -6.24
CA PRO A 534 -35.26 36.16 -5.92
C PRO A 534 -35.21 35.22 -4.74
N LYS A 535 -36.20 35.28 -3.88
CA LYS A 535 -36.18 34.39 -2.70
C LYS A 535 -36.45 32.96 -3.05
N LEU A 536 -37.33 32.76 -4.01
CA LEU A 536 -37.58 31.40 -4.53
C LEU A 536 -37.44 31.45 -6.02
N TRP A 537 -36.80 30.49 -6.59
CA TRP A 537 -36.56 30.61 -8.05
C TRP A 537 -36.42 29.24 -8.66
N LYS A 538 -36.89 29.11 -9.89
CA LYS A 538 -37.10 27.82 -10.47
C LYS A 538 -36.39 27.84 -11.82
N ARG A 539 -35.48 26.90 -12.08
CA ARG A 539 -34.82 26.94 -13.37
C ARG A 539 -35.56 26.11 -14.44
N PRO A 540 -35.20 26.28 -15.72
CA PRO A 540 -35.95 25.59 -16.76
C PRO A 540 -35.77 24.10 -16.55
N TYR A 541 -36.85 23.34 -16.72
CA TYR A 541 -36.73 21.88 -16.65
C TYR A 541 -36.70 21.26 -18.05
N THR A 542 -36.22 20.04 -18.08
CA THR A 542 -36.32 19.09 -19.13
C THR A 542 -37.78 18.53 -19.16
N ALA A 543 -38.19 17.83 -20.25
CA ALA A 543 -39.47 17.11 -20.29
C ALA A 543 -39.36 15.88 -19.40
N ALA A 544 -40.48 15.37 -18.88
CA ALA A 544 -40.52 14.16 -18.13
C ALA A 544 -40.13 13.02 -19.09
N GLY A 545 -39.73 11.88 -18.56
CA GLY A 545 -39.38 10.77 -19.44
C GLY A 545 -40.62 9.87 -19.66
N ILE A 546 -40.41 8.76 -20.35
CA ILE A 546 -41.46 7.71 -20.56
C ILE A 546 -41.92 7.16 -19.25
N GLY A 547 -43.22 7.22 -19.03
CA GLY A 547 -43.77 6.99 -17.68
C GLY A 547 -44.31 8.29 -17.06
N GLY A 548 -43.91 9.42 -17.61
CA GLY A 548 -44.50 10.67 -17.14
C GLY A 548 -43.86 11.31 -15.92
N LYS A 549 -42.75 10.74 -15.44
CA LYS A 549 -42.03 11.34 -14.34
C LYS A 549 -40.57 11.66 -14.74
N ASN A 550 -39.81 12.17 -13.80
CA ASN A 550 -38.37 12.49 -13.98
C ASN A 550 -38.04 13.60 -14.94
N ALA A 551 -38.78 14.69 -14.89
CA ALA A 551 -38.23 15.88 -15.46
C ALA A 551 -36.98 16.28 -14.66
N GLY A 552 -36.00 16.89 -15.29
CA GLY A 552 -34.76 17.16 -14.64
C GLY A 552 -34.51 18.64 -14.85
N TYR A 553 -33.38 19.07 -14.36
CA TYR A 553 -32.98 20.49 -14.63
C TYR A 553 -32.30 20.45 -15.98
N ASP A 554 -32.70 21.37 -16.89
CA ASP A 554 -32.07 21.40 -18.16
C ASP A 554 -30.72 22.06 -18.02
N TYR A 555 -29.71 21.49 -18.65
CA TYR A 555 -28.33 22.13 -18.53
C TYR A 555 -27.78 22.61 -19.86
N SER A 556 -28.65 22.80 -20.85
CA SER A 556 -28.24 23.27 -22.16
C SER A 556 -27.94 24.78 -22.13
N PHE A 557 -27.20 25.28 -23.13
CA PHE A 557 -26.85 26.73 -23.14
C PHE A 557 -28.08 27.61 -23.07
N ALA A 558 -29.21 27.12 -23.57
CA ALA A 558 -30.48 27.93 -23.63
C ALA A 558 -31.06 28.22 -22.24
N SER A 559 -30.67 27.41 -21.26
CA SER A 559 -31.10 27.58 -19.88
C SER A 559 -30.21 28.49 -19.10
N TYR A 560 -29.05 28.81 -19.68
CA TYR A 560 -28.10 29.69 -19.03
C TYR A 560 -28.33 31.11 -19.51
N ASP A 561 -28.06 32.07 -18.62
CA ASP A 561 -28.24 33.52 -18.85
C ASP A 561 -26.87 34.09 -19.16
N TRP A 562 -26.61 34.42 -20.44
CA TRP A 562 -25.32 34.91 -20.84
C TRP A 562 -25.18 36.39 -20.58
N GLN A 563 -26.21 37.05 -20.06
CA GLN A 563 -26.05 38.47 -19.77
C GLN A 563 -25.79 38.73 -18.30
N LYS A 564 -26.66 38.20 -17.48
CA LYS A 564 -26.53 38.33 -16.03
C LYS A 564 -25.64 37.26 -15.40
N LEU A 565 -25.29 36.22 -16.20
CA LEU A 565 -24.28 35.21 -15.87
C LEU A 565 -24.81 34.34 -14.76
N GLY A 566 -25.57 33.31 -15.17
CA GLY A 566 -26.22 32.40 -14.24
C GLY A 566 -27.38 31.65 -14.90
N TRP A 567 -28.18 30.93 -14.09
CA TRP A 567 -29.38 30.22 -14.61
C TRP A 567 -30.45 31.22 -14.97
N LYS A 568 -31.12 30.98 -16.07
CA LYS A 568 -32.42 31.62 -16.28
C LYS A 568 -33.32 31.10 -15.14
N TYR A 569 -34.23 31.92 -14.66
CA TYR A 569 -35.10 31.38 -13.61
C TYR A 569 -36.43 32.08 -13.78
N THR A 570 -37.41 31.48 -13.15
CA THR A 570 -38.68 32.10 -12.92
C THR A 570 -38.78 32.28 -11.43
N ALA A 571 -39.02 33.53 -11.02
CA ALA A 571 -39.36 33.74 -9.60
C ALA A 571 -40.67 33.04 -9.17
N VAL A 572 -40.76 32.66 -7.90
CA VAL A 572 -41.92 32.00 -7.37
C VAL A 572 -42.13 32.56 -5.96
N ALA A 573 -43.39 32.63 -5.55
CA ALA A 573 -43.71 33.15 -4.22
C ALA A 573 -43.77 32.05 -3.17
N CYS A 574 -43.29 32.29 -1.96
CA CYS A 574 -43.52 31.25 -0.93
C CYS A 574 -45.02 31.30 -0.55
N ASN A 575 -45.56 30.22 0.00
CA ASN A 575 -46.97 30.17 0.40
C ASN A 575 -47.14 28.99 1.36
N ASN A 576 -47.61 29.22 2.59
CA ASN A 576 -47.81 28.05 3.48
C ASN A 576 -49.09 27.23 3.19
N SER A 577 -49.91 27.68 2.26
CA SER A 577 -51.10 26.87 1.90
C SER A 577 -50.73 25.52 1.34
N ILE A 578 -51.28 24.47 1.96
CA ILE A 578 -51.01 23.07 1.64
C ILE A 578 -51.47 22.63 0.25
N PHE A 579 -52.48 23.30 -0.30
CA PHE A 579 -52.96 22.98 -1.64
C PHE A 579 -52.05 23.50 -2.77
N THR A 580 -51.05 24.32 -2.45
CA THR A 580 -50.23 24.91 -3.52
C THR A 580 -49.29 23.84 -4.10
N SER A 581 -48.88 23.99 -5.35
CA SER A 581 -47.95 23.07 -5.99
C SER A 581 -47.10 23.81 -7.01
N PRO A 582 -45.74 23.79 -6.88
CA PRO A 582 -45.07 23.02 -5.81
C PRO A 582 -45.35 23.64 -4.45
N PHE A 583 -45.36 22.80 -3.42
CA PHE A 583 -45.46 23.32 -2.07
C PHE A 583 -44.14 23.93 -1.61
N LEU A 584 -44.15 25.24 -1.37
CA LEU A 584 -42.95 26.06 -1.10
C LEU A 584 -43.17 26.96 0.14
N PRO A 585 -42.99 26.40 1.35
CA PRO A 585 -43.38 27.20 2.55
C PRO A 585 -42.54 28.49 2.78
N CYS A 586 -43.13 29.49 3.44
CA CYS A 586 -42.47 30.76 3.74
C CYS A 586 -41.53 30.60 4.93
N THR A 587 -41.65 29.49 5.62
CA THR A 587 -40.91 29.22 6.85
C THR A 587 -40.36 27.85 6.84
N HIS A 588 -39.17 27.71 7.40
CA HIS A 588 -38.63 26.38 7.65
C HIS A 588 -39.56 25.59 8.52
N ASN A 589 -40.44 26.26 9.24
CA ASN A 589 -41.38 25.59 10.13
C ASN A 589 -42.42 24.67 9.44
N MET A 590 -42.75 24.94 8.19
CA MET A 590 -43.71 24.10 7.44
C MET A 590 -42.97 23.00 6.65
N ALA A 591 -41.68 22.85 6.90
CA ALA A 591 -40.84 21.82 6.25
C ALA A 591 -41.42 20.41 6.26
N THR A 592 -41.38 19.73 5.12
CA THR A 592 -41.91 18.35 5.07
C THR A 592 -40.87 17.31 5.50
N ILE A 593 -41.27 16.06 5.60
CA ILE A 593 -40.39 15.04 6.15
C ILE A 593 -39.08 14.84 5.35
N ASP A 594 -39.13 14.97 4.02
CA ASP A 594 -37.96 14.83 3.18
C ASP A 594 -37.00 16.04 3.38
N ILE A 595 -37.50 17.17 3.84
CA ILE A 595 -36.62 18.31 4.04
C ILE A 595 -35.96 18.22 5.43
N LEU A 596 -36.68 17.70 6.41
CA LEU A 596 -36.20 17.59 7.76
C LEU A 596 -35.26 16.40 7.96
N TYR A 597 -35.27 15.41 7.08
CA TYR A 597 -34.49 14.22 7.38
C TYR A 597 -32.96 14.42 7.35
N SER A 598 -32.27 13.77 8.32
CA SER A 598 -30.81 13.77 8.34
C SER A 598 -30.40 12.34 8.41
N MET A 599 -29.82 11.84 7.33
CA MET A 599 -29.29 10.47 7.33
C MET A 599 -28.17 10.38 8.39
N TRP A 600 -27.28 11.38 8.46
CA TRP A 600 -26.17 11.31 9.42
C TRP A 600 -26.66 11.15 10.85
N ASP A 601 -27.65 11.99 11.26
CA ASP A 601 -28.26 11.86 12.59
C ASP A 601 -28.77 10.47 12.91
N ASN A 602 -29.44 9.85 11.96
CA ASN A 602 -30.04 8.55 12.22
C ASN A 602 -29.03 7.46 12.17
N VAL A 603 -28.01 7.62 11.31
CA VAL A 603 -26.88 6.65 11.31
C VAL A 603 -26.18 6.62 12.68
N ALA A 604 -25.81 7.79 13.16
CA ALA A 604 -25.29 7.97 14.52
C ALA A 604 -26.18 7.34 15.59
N ALA A 605 -27.49 7.65 15.56
CA ALA A 605 -28.45 7.11 16.56
C ALA A 605 -28.38 5.61 16.48
N GLN A 606 -28.44 5.10 15.26
CA GLN A 606 -28.51 3.64 15.17
C GLN A 606 -27.20 2.97 15.62
N TYR A 607 -26.04 3.47 15.19
CA TYR A 607 -24.79 2.90 15.68
C TYR A 607 -24.59 3.09 17.19
N LEU A 608 -25.28 4.04 17.79
CA LEU A 608 -25.11 4.31 19.21
C LEU A 608 -26.27 3.64 20.01
N ASN A 609 -27.04 2.77 19.32
CA ASN A 609 -28.15 2.05 19.98
C ASN A 609 -29.22 2.92 20.55
N LEU A 610 -29.40 4.07 19.92
CA LEU A 610 -30.55 4.96 20.11
C LEU A 610 -31.64 4.82 19.04
N ALA A 611 -32.84 5.32 19.36
CA ALA A 611 -33.94 5.30 18.45
C ALA A 611 -33.53 6.06 17.17
N TYR A 612 -33.93 5.54 16.03
CA TYR A 612 -33.57 6.15 14.77
C TYR A 612 -34.74 5.97 13.83
N GLN A 613 -34.79 6.86 12.84
CA GLN A 613 -35.85 6.98 11.82
C GLN A 613 -35.18 6.62 10.44
N SER A 614 -35.79 5.72 9.69
CA SER A 614 -35.24 5.34 8.41
C SER A 614 -35.62 6.40 7.37
N PRO A 615 -34.89 6.43 6.24
CA PRO A 615 -35.14 7.48 5.25
C PRO A 615 -36.59 7.42 4.75
N PRO A 616 -37.21 8.56 4.74
CA PRO A 616 -38.59 8.64 4.21
C PRO A 616 -38.56 8.34 2.68
N PRO A 617 -39.55 7.59 2.14
CA PRO A 617 -39.69 7.55 0.73
C PRO A 617 -40.07 8.97 0.24
N ILE A 618 -39.23 9.58 -0.57
CA ILE A 618 -39.53 10.94 -1.03
C ILE A 618 -40.60 10.90 -2.13
N THR A 619 -41.72 11.61 -1.96
CA THR A 619 -42.89 11.51 -2.86
C THR A 619 -42.75 12.39 -4.09
N ASP A 620 -43.63 12.20 -5.08
CA ASP A 620 -43.48 12.95 -6.30
C ASP A 620 -43.85 14.39 -6.00
N GLN A 621 -44.77 14.64 -5.06
CA GLN A 621 -45.08 16.04 -4.75
C GLN A 621 -43.88 16.74 -4.07
N GLN A 622 -43.16 16.00 -3.23
CA GLN A 622 -41.94 16.58 -2.62
C GLN A 622 -40.88 16.82 -3.65
N ILE A 623 -40.81 15.96 -4.67
CA ILE A 623 -39.82 16.11 -5.76
C ILE A 623 -40.11 17.48 -6.42
N LYS A 624 -41.39 17.82 -6.58
CA LYS A 624 -41.72 19.08 -7.25
C LYS A 624 -41.17 20.24 -6.47
N SER A 625 -41.22 20.16 -5.17
CA SER A 625 -40.67 21.25 -4.36
C SER A 625 -39.13 21.26 -4.37
N ARG A 626 -38.50 20.09 -4.35
CA ARG A 626 -37.00 19.98 -4.39
C ARG A 626 -36.41 20.61 -5.68
N MET A 627 -37.23 20.68 -6.73
CA MET A 627 -36.91 21.30 -8.03
C MET A 627 -37.08 22.80 -8.11
N VAL A 628 -37.27 23.44 -6.95
CA VAL A 628 -37.32 24.90 -6.90
C VAL A 628 -36.44 25.34 -5.74
N TYR A 629 -35.62 26.36 -5.94
CA TYR A 629 -34.81 26.79 -4.81
C TYR A 629 -35.67 27.65 -3.88
N ASN A 630 -35.67 27.28 -2.60
CA ASN A 630 -36.41 27.99 -1.58
C ASN A 630 -35.47 28.59 -0.52
N SER A 631 -35.27 29.91 -0.59
CA SER A 631 -34.39 30.64 0.34
C SER A 631 -34.82 30.62 1.83
N TYR A 632 -36.09 30.31 2.10
CA TYR A 632 -36.65 30.22 3.44
C TYR A 632 -36.34 28.92 4.23
N LEU A 633 -35.83 27.89 3.58
CA LEU A 633 -35.46 26.72 4.35
C LEU A 633 -34.21 27.01 5.17
N TYR A 634 -34.03 26.22 6.22
CA TYR A 634 -32.91 26.35 7.12
C TYR A 634 -31.59 26.35 6.32
N GLY A 635 -30.78 27.40 6.50
CA GLY A 635 -29.47 27.43 5.95
C GLY A 635 -29.48 27.98 4.55
N ASN A 636 -30.68 28.27 3.98
CA ASN A 636 -30.82 28.57 2.56
C ASN A 636 -30.92 30.08 2.29
N ASP A 637 -30.74 30.94 3.30
CA ASP A 637 -30.98 32.39 3.10
C ASP A 637 -30.11 32.90 1.94
N ASN A 638 -30.61 33.93 1.21
CA ASN A 638 -29.93 34.40 0.04
C ASN A 638 -29.36 35.79 0.32
N GLY A 639 -29.30 36.17 1.59
CA GLY A 639 -28.92 37.57 1.98
C GLY A 639 -27.43 37.66 2.10
N GLY A 640 -26.90 38.86 2.33
CA GLY A 640 -25.45 38.97 2.52
C GLY A 640 -24.66 39.42 1.30
N HIS A 641 -23.35 39.59 1.48
CA HIS A 641 -22.52 40.12 0.44
C HIS A 641 -23.23 41.37 -0.12
N ASP A 642 -23.79 42.16 0.77
CA ASP A 642 -24.65 43.28 0.43
C ASP A 642 -23.92 44.55 0.14
N PHE A 643 -22.63 44.59 0.44
CA PHE A 643 -21.80 45.76 0.10
C PHE A 643 -21.75 46.05 -1.39
N THR A 644 -22.13 45.09 -2.23
CA THR A 644 -22.28 45.38 -3.65
C THR A 644 -23.44 46.35 -4.05
N GLN A 645 -24.34 46.58 -3.12
CA GLN A 645 -25.47 47.53 -3.36
C GLN A 645 -25.04 48.95 -3.68
N SER A 646 -23.82 49.31 -3.29
CA SER A 646 -23.27 50.66 -3.49
C SER A 646 -22.84 50.85 -4.96
N LEU A 647 -22.74 49.74 -5.72
CA LEU A 647 -22.36 49.80 -7.14
C LEU A 647 -23.43 50.48 -7.98
N THR A 648 -23.03 50.99 -9.15
CA THR A 648 -24.00 51.46 -10.11
C THR A 648 -24.29 50.32 -11.05
N ASP A 649 -25.46 50.37 -11.70
CA ASP A 649 -25.74 49.35 -12.70
C ASP A 649 -24.68 49.34 -13.80
N SER A 650 -24.14 50.50 -14.18
CA SER A 650 -23.05 50.52 -15.15
C SER A 650 -21.79 49.79 -14.65
N GLU A 651 -21.45 50.02 -13.38
CA GLU A 651 -20.36 49.27 -12.76
C GLU A 651 -20.63 47.80 -12.78
N ARG A 652 -21.87 47.41 -12.47
CA ARG A 652 -22.24 45.95 -12.48
C ARG A 652 -22.07 45.26 -13.83
N TRP A 653 -22.61 45.85 -14.92
CA TRP A 653 -22.36 45.26 -16.25
C TRP A 653 -20.88 45.18 -16.59
N ALA A 654 -20.07 46.20 -16.19
CA ALA A 654 -18.62 46.17 -16.50
C ALA A 654 -17.98 45.04 -15.73
N LEU A 655 -18.37 44.90 -14.47
CA LEU A 655 -17.81 43.86 -13.63
C LEU A 655 -18.22 42.50 -14.17
N ILE A 656 -19.46 42.37 -14.66
CA ILE A 656 -19.84 41.08 -15.28
C ILE A 656 -19.04 40.73 -16.51
N GLU A 657 -18.85 41.71 -17.39
CA GLU A 657 -18.03 41.50 -18.54
C GLU A 657 -16.62 41.10 -18.14
N TYR A 658 -16.07 41.76 -17.11
CA TYR A 658 -14.74 41.38 -16.65
C TYR A 658 -14.70 39.90 -16.15
N ILE A 659 -15.74 39.48 -15.46
CA ILE A 659 -15.73 38.12 -14.89
C ILE A 659 -15.76 37.05 -16.01
N LYS A 660 -16.42 37.41 -17.13
CA LYS A 660 -16.37 36.58 -18.33
C LYS A 660 -14.93 36.25 -18.78
N THR A 661 -13.98 37.17 -18.54
CA THR A 661 -12.62 36.94 -18.94
C THR A 661 -11.82 36.10 -17.92
N LEU A 662 -12.40 35.84 -16.75
CA LEU A 662 -11.67 35.08 -15.71
C LEU A 662 -11.90 33.57 -15.86
N ALA B 15 -4.92 -47.28 20.96
CA ALA B 15 -4.53 -46.96 19.56
C ALA B 15 -3.61 -45.74 19.65
N LEU B 16 -2.86 -45.44 18.59
CA LEU B 16 -1.93 -44.28 18.57
C LEU B 16 -2.63 -42.96 18.20
N PRO B 17 -2.15 -41.79 18.71
CA PRO B 17 -2.84 -40.54 18.28
C PRO B 17 -2.60 -40.20 16.79
N LEU B 18 -3.51 -39.40 16.25
CA LEU B 18 -3.37 -38.79 14.95
C LEU B 18 -2.51 -37.51 15.11
N LEU B 19 -2.77 -36.76 16.16
CA LEU B 19 -2.15 -35.47 16.36
C LEU B 19 -0.85 -35.68 17.09
N ASP B 20 0.09 -34.74 16.90
CA ASP B 20 1.37 -34.86 17.51
C ASP B 20 2.04 -33.50 17.57
N GLN B 21 1.53 -32.58 18.37
CA GLN B 21 2.12 -31.26 18.56
C GLN B 21 3.29 -31.40 19.49
N ALA B 22 4.36 -30.64 19.29
CA ALA B 22 5.52 -30.86 20.10
C ALA B 22 6.30 -29.62 20.08
N SER B 23 6.74 -29.22 21.25
CA SER B 23 7.69 -28.12 21.38
C SER B 23 9.05 -28.55 20.89
N ILE B 24 9.38 -29.80 21.18
CA ILE B 24 10.69 -30.40 20.85
C ILE B 24 10.39 -31.34 19.73
N ARG B 25 10.83 -30.95 18.53
CA ARG B 25 10.56 -31.71 17.32
C ARG B 25 11.82 -32.46 16.77
N SER B 26 12.97 -31.79 16.75
CA SER B 26 14.25 -32.35 16.37
C SER B 26 14.50 -33.68 17.04
N PRO B 27 14.73 -34.77 16.26
CA PRO B 27 14.80 -36.12 16.88
C PRO B 27 15.97 -36.33 17.84
N LEU B 28 17.12 -35.73 17.55
CA LEU B 28 18.23 -35.84 18.47
C LEU B 28 17.90 -35.10 19.79
N MET B 29 17.22 -33.97 19.70
CA MET B 29 16.81 -33.24 20.89
C MET B 29 15.71 -33.99 21.67
N VAL B 30 14.74 -34.53 20.96
CA VAL B 30 13.70 -35.39 21.56
C VAL B 30 14.39 -36.44 22.38
N GLY B 31 15.34 -37.12 21.76
CA GLY B 31 16.09 -38.18 22.42
C GLY B 31 17.08 -37.75 23.48
N CYS B 32 17.57 -36.51 23.43
CA CYS B 32 18.51 -36.13 24.47
C CYS B 32 17.85 -35.39 25.66
N ASN B 33 16.55 -35.20 25.53
CA ASN B 33 15.78 -34.35 26.41
C ASN B 33 15.82 -34.94 27.83
N GLY B 34 16.35 -34.17 28.77
CA GLY B 34 16.53 -34.60 30.18
C GLY B 34 17.54 -35.73 30.32
N LYS B 35 18.46 -35.85 29.38
CA LYS B 35 19.41 -36.96 29.42
C LYS B 35 20.78 -36.41 29.70
N PRO B 36 21.63 -37.21 30.37
CA PRO B 36 22.96 -36.66 30.64
C PRO B 36 23.86 -36.59 29.38
N ASP B 37 24.97 -35.91 29.51
CA ASP B 37 25.85 -35.65 28.39
C ASP B 37 26.46 -36.91 27.78
N SER B 38 26.67 -37.92 28.59
CA SER B 38 27.25 -39.13 28.14
C SER B 38 26.23 -39.99 27.37
N THR B 39 24.96 -39.65 27.32
CA THR B 39 24.05 -40.56 26.62
C THR B 39 24.35 -40.63 25.10
N PRO B 40 24.41 -41.86 24.53
CA PRO B 40 24.73 -42.06 23.10
C PRO B 40 23.71 -41.29 22.34
N LEU B 41 24.13 -40.54 21.34
CA LEU B 41 23.22 -39.70 20.59
C LEU B 41 22.18 -40.56 19.87
N PRO B 42 20.91 -40.16 19.86
CA PRO B 42 19.92 -40.90 19.09
C PRO B 42 20.34 -40.97 17.60
N VAL B 43 19.82 -41.98 16.92
CA VAL B 43 20.03 -42.13 15.47
C VAL B 43 19.39 -40.93 14.76
N ASP B 44 20.12 -40.31 13.84
CA ASP B 44 19.56 -39.24 12.98
C ASP B 44 18.64 -39.90 11.93
N PRO B 45 17.29 -39.71 12.01
CA PRO B 45 16.41 -40.45 11.11
C PRO B 45 16.68 -40.20 9.62
N ARG B 46 17.21 -39.01 9.27
CA ARG B 46 17.61 -38.70 7.87
C ARG B 46 18.56 -39.74 7.35
N SER B 47 19.42 -40.24 8.25
CA SER B 47 20.50 -41.08 7.83
C SER B 47 20.07 -42.52 7.51
N LEU B 48 18.82 -42.85 7.83
CA LEU B 48 18.23 -44.15 7.53
C LEU B 48 17.60 -44.19 6.12
N VAL B 49 17.47 -43.03 5.46
CA VAL B 49 16.79 -42.94 4.15
C VAL B 49 17.82 -43.17 3.06
N LYS B 50 17.98 -44.47 2.73
CA LYS B 50 18.96 -44.93 1.76
C LYS B 50 18.30 -46.04 0.94
N GLN B 51 18.86 -46.36 -0.24
CA GLN B 51 18.40 -47.51 -1.02
C GLN B 51 18.01 -48.70 -0.14
N GLY B 52 16.81 -49.23 -0.33
CA GLY B 52 16.28 -50.30 0.52
C GLY B 52 15.23 -49.84 1.54
N VAL B 53 15.24 -48.56 1.88
CA VAL B 53 14.30 -48.07 2.89
C VAL B 53 12.82 -48.39 2.52
N ASN B 54 12.49 -48.40 1.23
CA ASN B 54 11.11 -48.49 0.84
C ASN B 54 10.78 -49.93 0.72
N SER B 55 10.77 -50.67 1.84
CA SER B 55 10.61 -52.15 1.85
C SER B 55 9.24 -52.58 1.42
N ASN B 56 8.26 -51.68 1.50
CA ASN B 56 6.99 -51.96 0.88
C ASN B 56 6.84 -51.00 -0.31
N PRO B 57 6.91 -51.55 -1.54
CA PRO B 57 6.69 -50.75 -2.74
C PRO B 57 5.27 -50.19 -2.88
N ASN B 58 4.30 -50.65 -2.08
CA ASN B 58 2.92 -50.15 -2.14
C ASN B 58 2.52 -49.20 -1.02
N ALA B 59 3.52 -48.83 -0.20
CA ALA B 59 3.28 -47.97 0.92
C ALA B 59 2.89 -46.61 0.38
N ALA B 60 2.20 -45.81 1.19
CA ALA B 60 1.71 -44.50 0.76
C ALA B 60 2.87 -43.59 0.35
N LEU B 61 4.01 -43.80 0.97
CA LEU B 61 5.16 -42.90 0.78
C LEU B 61 6.39 -43.66 0.33
N GLN B 62 6.90 -43.31 -0.87
CA GLN B 62 8.07 -43.91 -1.41
C GLN B 62 9.13 -42.79 -1.42
N PHE B 63 10.13 -42.87 -0.54
CA PHE B 63 11.15 -41.82 -0.52
C PHE B 63 11.99 -41.90 -1.82
N ASN B 64 12.45 -40.78 -2.36
CA ASN B 64 13.42 -40.90 -3.48
C ASN B 64 14.63 -40.01 -3.38
N ALA B 65 14.83 -39.40 -2.22
CA ALA B 65 15.92 -38.43 -2.12
C ALA B 65 16.75 -38.95 -0.98
N TYR B 66 17.71 -39.84 -1.28
CA TYR B 66 18.44 -40.51 -0.22
C TYR B 66 19.55 -39.64 0.45
N PHE B 67 19.76 -39.88 1.74
CA PHE B 67 20.87 -39.32 2.48
C PHE B 67 22.16 -39.97 1.98
N VAL B 68 23.23 -39.16 1.87
CA VAL B 68 24.54 -39.75 1.56
C VAL B 68 25.45 -39.44 2.78
N ASP B 69 26.01 -40.49 3.37
CA ASP B 69 26.90 -40.31 4.48
C ASP B 69 28.28 -40.03 3.98
N LEU B 70 28.75 -38.81 4.20
CA LEU B 70 30.08 -38.38 3.76
C LEU B 70 31.16 -38.67 4.81
N HIS B 71 30.71 -38.91 6.05
CA HIS B 71 31.66 -39.17 7.14
C HIS B 71 32.17 -40.58 7.07
N ASN B 72 31.26 -41.51 6.75
CA ASN B 72 31.69 -42.88 6.43
C ASN B 72 31.16 -43.29 5.07
N PRO B 73 31.90 -42.86 4.02
CA PRO B 73 31.29 -42.89 2.71
C PRO B 73 31.32 -44.26 2.10
N PRO B 74 30.45 -44.48 1.11
CA PRO B 74 30.47 -45.76 0.38
C PRO B 74 31.83 -46.05 -0.26
N PRO B 75 32.19 -47.35 -0.42
CA PRO B 75 33.33 -47.66 -1.27
C PRO B 75 33.12 -47.02 -2.65
N PRO B 76 34.21 -46.62 -3.32
CA PRO B 76 35.60 -46.78 -2.92
C PRO B 76 36.12 -45.49 -2.17
N PHE B 77 35.21 -44.65 -1.66
CA PHE B 77 35.60 -43.42 -0.97
C PHE B 77 36.22 -43.71 0.39
N VAL B 78 37.05 -42.78 0.88
CA VAL B 78 37.78 -43.02 2.07
C VAL B 78 37.31 -42.00 3.10
N ASN B 79 37.51 -42.32 4.38
CA ASN B 79 37.09 -41.37 5.43
C ASN B 79 38.20 -40.36 5.74
N ARG B 80 37.93 -39.05 5.59
CA ARG B 80 38.91 -38.05 6.04
C ARG B 80 38.30 -36.98 6.95
N LEU B 81 37.06 -37.14 7.34
CA LEU B 81 36.33 -36.13 8.09
C LEU B 81 36.42 -36.40 9.59
N PRO B 82 36.55 -35.34 10.38
CA PRO B 82 36.42 -35.60 11.84
C PRO B 82 35.07 -36.27 12.12
N PRO B 83 34.99 -37.14 13.14
CA PRO B 83 33.71 -37.76 13.43
C PRO B 83 32.64 -36.73 13.81
N ARG B 84 31.39 -37.05 13.46
CA ARG B 84 30.20 -36.34 13.98
C ARG B 84 30.15 -36.63 15.50
N PRO B 85 29.42 -35.80 16.24
CA PRO B 85 29.18 -36.04 17.68
C PRO B 85 28.55 -37.43 17.94
N THR B 86 28.95 -38.08 19.03
CA THR B 86 28.43 -39.41 19.32
C THR B 86 27.60 -39.45 20.59
N THR B 87 27.56 -38.33 21.32
CA THR B 87 26.78 -38.25 22.54
C THR B 87 25.95 -37.03 22.59
N CYS B 88 24.95 -37.05 23.45
CA CYS B 88 24.14 -35.87 23.67
C CYS B 88 24.99 -34.66 24.06
N GLY B 89 25.95 -34.87 24.94
CA GLY B 89 26.81 -33.70 25.37
C GLY B 89 27.61 -33.03 24.25
N GLN B 90 28.30 -33.85 23.45
CA GLN B 90 29.01 -33.39 22.25
C GLN B 90 28.09 -32.64 21.31
N PHE B 91 26.92 -33.21 21.02
CA PHE B 91 25.98 -32.57 20.12
C PHE B 91 25.45 -31.26 20.66
N ARG B 92 25.02 -31.30 21.91
CA ARG B 92 24.58 -30.03 22.54
C ARG B 92 25.71 -29.00 22.57
N ALA B 93 26.98 -29.41 22.85
CA ALA B 93 28.06 -28.39 22.84
C ALA B 93 28.25 -27.85 21.42
N SER B 94 28.31 -28.77 20.44
CA SER B 94 28.42 -28.31 19.07
C SER B 94 27.30 -27.31 18.63
N ALA B 95 26.06 -27.66 18.93
CA ALA B 95 24.93 -26.80 18.59
C ALA B 95 25.04 -25.41 19.28
N THR B 96 25.47 -25.40 20.53
CA THR B 96 25.75 -24.09 21.21
C THR B 96 26.79 -23.29 20.48
N ARG B 97 27.90 -23.91 20.11
CA ARG B 97 28.87 -23.20 19.32
C ARG B 97 28.27 -22.69 18.00
N GLY B 98 27.40 -23.51 17.37
CA GLY B 98 26.82 -23.15 16.06
C GLY B 98 26.05 -21.83 16.26
N ARG B 99 25.25 -21.80 17.31
CA ARG B 99 24.44 -20.58 17.61
C ARG B 99 25.31 -19.36 17.83
N VAL B 100 26.35 -19.50 18.63
CA VAL B 100 27.23 -18.37 18.93
C VAL B 100 27.88 -17.89 17.62
N ASN B 101 28.32 -18.83 16.75
CA ASN B 101 28.88 -18.44 15.42
C ASN B 101 27.91 -17.59 14.60
N LEU B 102 26.66 -18.01 14.55
CA LEU B 102 25.61 -17.29 13.84
C LEU B 102 25.39 -15.86 14.42
N GLU B 103 25.58 -15.74 15.73
CA GLU B 103 25.41 -14.45 16.39
C GLU B 103 26.57 -13.49 16.24
N GLU B 104 27.78 -14.04 16.23
CA GLU B 104 28.99 -13.24 16.55
C GLU B 104 30.10 -13.31 15.49
N ARG B 105 29.97 -14.19 14.49
CA ARG B 105 31.07 -14.37 13.57
C ARG B 105 30.77 -13.70 12.23
N GLN B 106 31.70 -12.85 11.79
CA GLN B 106 31.49 -12.25 10.50
C GLN B 106 31.98 -13.23 9.40
N PHE B 107 31.05 -14.04 8.88
CA PHE B 107 31.35 -15.01 7.79
C PHE B 107 31.19 -14.34 6.45
N PHE B 108 30.02 -13.70 6.31
CA PHE B 108 29.53 -13.22 5.00
C PHE B 108 30.30 -11.93 4.70
N GLN B 109 30.68 -11.74 3.43
CA GLN B 109 31.39 -10.59 2.95
C GLN B 109 31.02 -9.22 3.58
N PRO B 110 31.93 -8.53 4.29
CA PRO B 110 31.60 -7.18 4.76
C PRO B 110 31.24 -6.21 3.63
N MET B 111 30.27 -5.34 3.87
CA MET B 111 29.79 -4.42 2.83
C MET B 111 30.13 -2.98 3.14
N ALA B 112 30.27 -2.61 4.41
CA ALA B 112 30.40 -1.20 4.76
C ALA B 112 31.27 -1.00 6.00
N LEU B 113 31.93 0.17 6.10
CA LEU B 113 32.57 0.51 7.36
C LEU B 113 31.44 0.77 8.38
N ALA B 114 31.67 0.43 9.65
CA ALA B 114 30.70 0.77 10.66
C ALA B 114 30.24 2.27 10.57
N THR B 115 31.19 3.18 10.37
CA THR B 115 30.78 4.60 10.24
C THR B 115 29.90 4.91 9.07
N SER B 116 30.13 4.20 7.97
CA SER B 116 29.26 4.30 6.80
C SER B 116 27.87 3.77 7.07
N TYR B 117 27.79 2.63 7.79
CA TYR B 117 26.49 2.13 8.23
C TYR B 117 25.77 3.14 9.14
N HIS B 118 26.49 3.74 10.05
CA HIS B 118 25.91 4.71 10.94
C HIS B 118 25.38 5.94 10.23
N PHE B 119 25.91 6.25 9.07
CA PHE B 119 25.44 7.41 8.26
C PHE B 119 24.59 7.00 7.07
N ILE B 120 24.14 5.74 7.03
CA ILE B 120 23.51 5.25 5.79
C ILE B 120 22.18 5.90 5.48
N PHE B 121 21.60 6.61 6.46
CA PHE B 121 20.44 7.45 6.14
C PHE B 121 20.77 8.45 5.05
N LEU B 122 22.06 8.87 4.92
CA LEU B 122 22.46 9.73 3.78
C LEU B 122 22.06 9.08 2.43
N GLN B 123 22.26 7.76 2.33
CA GLN B 123 21.89 6.99 1.14
C GLN B 123 20.38 6.88 0.95
N TRP B 124 19.61 7.15 2.00
CA TRP B 124 18.17 7.10 1.87
C TRP B 124 17.66 8.41 1.37
N GLY B 125 18.55 9.40 1.35
CA GLY B 125 18.13 10.77 1.05
C GLY B 125 17.77 11.62 2.28
N TYR B 126 18.13 11.24 3.50
CA TYR B 126 17.84 12.08 4.66
C TYR B 126 19.10 12.90 4.89
N LEU B 127 19.01 14.09 5.48
CA LEU B 127 20.23 14.92 5.73
C LEU B 127 20.93 14.64 7.05
N ILE B 128 20.14 14.36 8.10
CA ILE B 128 20.65 14.12 9.46
C ILE B 128 19.98 12.89 10.02
N ARG B 129 20.59 12.32 11.05
CA ARG B 129 20.09 11.08 11.61
C ARG B 129 18.71 11.28 12.23
N PRO B 130 17.72 10.48 11.83
CA PRO B 130 16.44 10.51 12.51
C PRO B 130 16.55 9.75 13.85
N PRO B 131 15.76 10.16 14.86
CA PRO B 131 15.93 9.45 16.15
C PRO B 131 15.40 8.01 16.09
N ASP B 132 14.61 7.72 15.08
CA ASP B 132 14.09 6.35 14.90
C ASP B 132 14.98 5.55 13.92
N PHE B 133 16.24 5.95 13.75
CA PHE B 133 17.14 5.39 12.74
C PHE B 133 17.09 3.84 12.79
N GLU B 134 17.27 3.31 13.99
CA GLU B 134 17.38 1.85 14.11
C GLU B 134 16.18 1.09 13.57
N GLU B 135 14.99 1.56 13.93
CA GLU B 135 13.75 1.00 13.42
C GLU B 135 13.63 1.14 11.91
N GLN B 136 14.07 2.31 11.37
CA GLN B 136 14.04 2.52 9.94
C GLN B 136 14.94 1.56 9.19
N VAL B 137 16.09 1.20 9.78
CA VAL B 137 16.91 0.22 9.12
C VAL B 137 16.12 -1.11 8.97
N SER B 138 15.51 -1.61 10.05
CA SER B 138 14.75 -2.86 10.01
C SER B 138 13.58 -2.72 9.00
N LYS B 139 12.88 -1.59 9.04
CA LYS B 139 11.77 -1.42 8.14
C LYS B 139 12.24 -1.41 6.65
N ARG B 140 13.26 -0.62 6.38
CA ARG B 140 13.68 -0.44 4.99
C ARG B 140 14.23 -1.72 4.37
N TYR B 141 14.91 -2.55 5.16
CA TYR B 141 15.67 -3.67 4.61
C TYR B 141 14.93 -4.99 4.86
N GLY B 142 13.80 -4.98 5.59
CA GLY B 142 13.00 -6.18 5.87
C GLY B 142 13.74 -7.08 6.88
N LEU B 143 14.32 -6.43 7.88
CA LEU B 143 14.98 -7.06 9.01
C LEU B 143 14.16 -6.78 10.31
N TYR B 144 14.68 -7.18 11.45
CA TYR B 144 13.95 -7.20 12.74
C TYR B 144 14.87 -6.79 13.87
N PRO B 145 14.30 -6.27 14.96
CA PRO B 145 15.13 -6.12 16.19
C PRO B 145 15.64 -7.51 16.60
N ALA B 146 16.91 -7.61 16.87
CA ALA B 146 17.57 -8.90 17.17
C ALA B 146 17.22 -9.33 18.58
N PRO B 147 17.07 -10.63 18.83
CA PRO B 147 16.90 -10.98 20.21
C PRO B 147 18.23 -11.13 20.95
N PHE B 148 19.32 -10.55 20.43
CA PHE B 148 20.57 -10.62 21.17
C PHE B 148 21.31 -9.34 20.92
N ARG B 149 22.36 -9.13 21.68
CA ARG B 149 23.08 -7.86 21.59
C ARG B 149 23.95 -8.03 20.34
N ASN B 150 23.78 -7.10 19.44
CA ASN B 150 24.32 -7.21 18.06
C ASN B 150 25.05 -5.91 17.76
N PRO B 151 26.25 -5.77 18.30
CA PRO B 151 26.81 -4.42 18.41
C PRO B 151 27.54 -3.91 17.21
N TYR B 152 27.70 -2.57 17.13
CA TYR B 152 28.60 -2.01 16.17
C TYR B 152 29.12 -0.71 16.81
N PRO B 153 30.31 -0.23 16.41
CA PRO B 153 30.84 0.93 17.08
C PRO B 153 30.31 2.21 16.47
N LEU B 154 29.87 3.14 17.34
CA LEU B 154 29.50 4.45 16.86
C LEU B 154 30.81 5.18 16.48
N PRO B 155 30.72 6.26 15.69
CA PRO B 155 31.93 6.97 15.24
C PRO B 155 32.70 7.38 16.50
N GLY B 156 34.01 7.16 16.55
CA GLY B 156 34.74 7.46 17.79
C GLY B 156 34.95 6.28 18.74
N GLU B 157 34.17 5.22 18.62
CA GLU B 157 34.38 4.08 19.49
C GLU B 157 35.33 3.07 18.91
N ASP B 158 36.25 2.55 19.71
CA ASP B 158 36.99 1.38 19.25
C ASP B 158 36.21 0.14 19.69
N PRO B 159 35.66 -0.62 18.73
CA PRO B 159 34.85 -1.75 19.20
C PRO B 159 35.65 -2.76 20.01
N ASN B 160 36.96 -2.85 19.83
CA ASN B 160 37.64 -3.87 20.65
C ASN B 160 38.02 -3.35 22.05
N GLN B 161 37.56 -2.16 22.34
CA GLN B 161 37.66 -1.64 23.71
C GLN B 161 36.27 -1.45 24.27
N THR B 162 35.21 -1.79 23.54
CA THR B 162 33.88 -1.48 24.02
C THR B 162 32.94 -2.65 23.80
N ASN B 163 33.48 -3.87 23.85
CA ASN B 163 32.70 -5.10 23.53
C ASN B 163 31.81 -5.02 22.29
N GLY B 164 32.43 -4.52 21.22
CA GLY B 164 31.81 -4.46 19.94
C GLY B 164 31.21 -3.10 19.64
N GLY B 165 31.12 -2.26 20.64
CA GLY B 165 30.53 -0.93 20.42
C GLY B 165 29.18 -0.80 21.13
N SER B 166 28.67 0.42 21.23
CA SER B 166 27.36 0.66 21.86
C SER B 166 26.19 0.79 20.88
N GLY B 167 26.44 0.69 19.58
CA GLY B 167 25.33 0.70 18.62
C GLY B 167 24.77 -0.71 18.53
N GLN B 168 23.55 -0.79 18.04
CA GLN B 168 22.90 -2.08 17.91
C GLN B 168 22.46 -2.24 16.45
N LEU B 169 22.66 -3.45 15.90
CA LEU B 169 22.27 -3.73 14.55
C LEU B 169 21.04 -4.62 14.56
N PRO B 170 20.17 -4.51 13.58
CA PRO B 170 19.01 -5.46 13.41
C PRO B 170 19.51 -6.86 13.17
N LEU B 171 18.69 -7.86 13.49
CA LEU B 171 18.89 -9.21 13.11
C LEU B 171 19.07 -9.20 11.59
N GLY B 172 20.09 -9.88 11.08
CA GLY B 172 20.23 -9.88 9.62
C GLY B 172 21.43 -9.06 9.18
N LEU B 173 21.88 -8.15 10.05
CA LEU B 173 23.17 -7.44 9.85
C LEU B 173 24.11 -7.87 10.98
N ILE B 174 25.41 -7.75 10.73
CA ILE B 174 26.39 -8.14 11.71
C ILE B 174 27.66 -7.33 11.54
N GLN B 175 28.28 -7.00 12.68
CA GLN B 175 29.68 -6.61 12.68
C GLN B 175 30.45 -7.87 13.04
N GLY B 176 30.17 -8.40 14.23
CA GLY B 176 30.73 -9.67 14.62
C GLY B 176 32.26 -9.64 14.68
N LYS B 177 32.83 -10.87 14.78
CA LYS B 177 34.26 -11.09 14.97
C LYS B 177 34.90 -11.78 13.78
N ASP B 178 36.15 -11.37 13.52
CA ASP B 178 36.92 -11.89 12.39
C ASP B 178 37.51 -13.22 12.77
N ASP B 179 38.29 -13.78 11.88
CA ASP B 179 38.81 -15.12 12.11
C ASP B 179 39.85 -15.10 13.22
N ASN B 180 40.36 -13.90 13.58
CA ASN B 180 41.26 -13.73 14.72
C ASN B 180 40.58 -13.36 16.04
N GLY B 181 39.27 -13.51 16.06
CA GLY B 181 38.43 -13.18 17.24
C GLY B 181 38.27 -11.67 17.59
N ARG B 182 38.61 -10.76 16.68
N ARG B 182 38.68 -10.76 16.70
CA ARG B 182 38.42 -9.36 16.97
CA ARG B 182 38.51 -9.31 16.92
C ARG B 182 37.16 -8.81 16.32
C ARG B 182 37.17 -8.82 16.34
N TRP B 183 36.50 -7.91 17.04
CA TRP B 183 35.39 -7.11 16.46
C TRP B 183 35.93 -6.43 15.20
N THR B 184 35.20 -6.53 14.08
CA THR B 184 35.77 -6.13 12.80
C THR B 184 35.69 -4.69 12.45
N GLY B 185 34.76 -3.96 13.04
CA GLY B 185 34.53 -2.55 12.59
C GLY B 185 33.84 -2.49 11.23
N LEU B 186 33.38 -3.64 10.72
CA LEU B 186 32.73 -3.72 9.40
C LEU B 186 31.41 -4.40 9.44
N ILE B 187 30.50 -3.93 8.62
CA ILE B 187 29.10 -4.38 8.71
C ILE B 187 28.78 -5.14 7.43
N GLY B 188 28.23 -6.31 7.55
CA GLY B 188 27.63 -6.90 6.35
C GLY B 188 26.37 -7.66 6.75
N ALA B 189 25.82 -8.39 5.81
CA ALA B 189 24.69 -9.28 6.14
C ALA B 189 25.15 -10.47 6.94
N SER B 190 24.20 -11.10 7.64
CA SER B 190 24.43 -12.39 8.24
C SER B 190 23.47 -13.35 7.64
N CYS B 191 23.67 -14.63 8.00
CA CYS B 191 22.80 -15.70 7.52
C CYS B 191 21.39 -15.36 7.85
N SER B 192 21.18 -14.68 8.97
CA SER B 192 19.84 -14.38 9.46
C SER B 192 19.05 -13.45 8.57
N ALA B 193 19.71 -12.67 7.71
CA ALA B 193 19.02 -11.72 6.80
C ALA B 193 17.96 -12.53 6.00
N CYS B 194 18.29 -13.78 5.67
CA CYS B 194 17.38 -14.54 4.84
C CYS B 194 16.77 -15.65 5.57
N HIS B 195 17.47 -16.13 6.58
CA HIS B 195 17.04 -17.34 7.26
C HIS B 195 16.21 -17.19 8.51
N ASP B 196 16.08 -15.95 8.97
CA ASP B 196 15.45 -15.66 10.28
C ASP B 196 14.42 -14.55 10.12
N SER B 197 13.42 -14.51 11.01
CA SER B 197 12.48 -13.36 11.02
C SER B 197 11.64 -13.53 12.23
N ARG B 198 10.88 -12.48 12.57
CA ARG B 198 9.96 -12.56 13.67
C ARG B 198 8.59 -12.68 13.06
N LEU B 199 7.79 -13.59 13.58
CA LEU B 199 6.34 -13.57 13.34
C LEU B 199 5.61 -13.18 14.66
N GLY B 200 5.01 -11.94 14.66
CA GLY B 200 4.65 -11.26 15.87
C GLY B 200 5.70 -10.27 16.33
N THR B 201 5.25 -9.16 16.90
CA THR B 201 6.20 -8.23 17.47
C THR B 201 6.88 -8.91 18.68
N ALA B 202 7.99 -8.35 19.15
CA ALA B 202 8.67 -8.88 20.31
C ALA B 202 7.74 -9.02 21.53
N SER B 203 6.73 -8.17 21.66
CA SER B 203 5.71 -8.27 22.77
C SER B 203 4.79 -9.43 22.53
N GLU B 204 4.65 -9.89 21.29
CA GLU B 204 3.66 -10.96 20.99
C GLU B 204 4.29 -12.29 21.00
N ALA B 205 5.58 -12.33 20.64
CA ALA B 205 6.16 -13.64 20.47
C ALA B 205 7.65 -13.57 20.69
N SER B 206 8.17 -14.63 21.29
CA SER B 206 9.59 -14.82 21.43
C SER B 206 10.22 -15.06 20.07
N PHE B 207 11.50 -14.79 19.99
CA PHE B 207 12.22 -15.16 18.74
C PHE B 207 12.54 -16.66 18.67
N LYS B 208 12.31 -17.32 17.53
CA LYS B 208 12.80 -18.70 17.34
C LYS B 208 13.61 -18.69 16.07
N TRP B 209 14.75 -19.35 16.11
CA TRP B 209 15.62 -19.48 14.95
C TRP B 209 14.99 -20.32 13.89
N GLY B 210 15.26 -19.88 12.67
CA GLY B 210 14.97 -20.69 11.48
C GLY B 210 13.62 -20.52 10.83
N LEU B 211 12.98 -19.34 11.09
CA LEU B 211 11.78 -18.93 10.44
C LEU B 211 12.18 -18.05 9.24
N PRO B 212 12.12 -18.59 8.02
CA PRO B 212 12.74 -17.93 6.88
C PRO B 212 12.22 -16.55 6.70
N ASN B 213 13.12 -15.67 6.35
CA ASN B 213 12.69 -14.27 6.16
C ASN B 213 11.76 -14.05 4.94
N SER B 214 10.58 -13.47 5.19
CA SER B 214 9.62 -13.19 4.11
C SER B 214 9.71 -11.77 3.65
N ALA B 215 10.59 -10.97 4.26
CA ALA B 215 10.53 -9.55 4.11
C ALA B 215 11.81 -8.87 3.67
N ASN B 216 12.93 -9.57 3.75
CA ASN B 216 14.23 -8.92 3.50
C ASN B 216 14.30 -8.46 2.05
N ASP B 217 14.84 -7.26 1.86
CA ASP B 217 15.14 -6.83 0.51
C ASP B 217 16.66 -6.79 0.29
N ALA B 218 17.24 -7.88 -0.24
CA ALA B 218 18.68 -7.98 -0.42
C ALA B 218 19.22 -6.96 -1.38
N GLY B 219 18.45 -6.62 -2.41
CA GLY B 219 18.97 -5.75 -3.44
C GLY B 219 19.03 -4.33 -2.94
N LEU B 220 18.04 -3.92 -2.13
CA LEU B 220 18.06 -2.59 -1.56
C LEU B 220 19.25 -2.36 -0.61
N LEU B 221 19.54 -3.38 0.19
CA LEU B 221 20.69 -3.32 1.09
C LEU B 221 21.97 -3.20 0.28
N ALA B 222 22.12 -4.03 -0.76
CA ALA B 222 23.35 -4.03 -1.55
C ALA B 222 23.48 -2.64 -2.24
N SER B 223 22.34 -2.13 -2.73
CA SER B 223 22.37 -0.85 -3.45
C SER B 223 22.79 0.31 -2.54
N ASP B 224 22.20 0.40 -1.35
CA ASP B 224 22.50 1.45 -0.43
C ASP B 224 24.00 1.34 -0.05
N MET B 225 24.42 0.10 0.23
CA MET B 225 25.77 -0.09 0.74
C MET B 225 26.83 0.25 -0.29
N PHE B 226 26.52 -0.07 -1.56
CA PHE B 226 27.42 0.29 -2.66
C PHE B 226 27.77 1.81 -2.67
N ARG B 227 26.80 2.63 -2.28
CA ARG B 227 26.95 4.08 -2.34
C ARG B 227 27.70 4.64 -1.15
N THR B 228 28.11 3.80 -0.20
CA THR B 228 28.87 4.29 0.92
C THR B 228 30.38 4.25 0.65
N THR B 229 31.20 4.94 1.44
CA THR B 229 32.67 4.85 1.31
C THR B 229 33.17 3.43 1.22
N PRO B 230 33.80 3.09 0.10
CA PRO B 230 34.24 1.69 -0.14
C PRO B 230 35.13 1.20 1.01
N ILE B 231 34.96 -0.05 1.42
CA ILE B 231 35.83 -0.57 2.45
C ILE B 231 37.20 -0.66 1.80
N THR B 232 37.23 -1.21 0.60
CA THR B 232 38.48 -1.35 -0.12
C THR B 232 38.43 -0.22 -1.19
N ALA B 233 39.24 0.84 -1.05
CA ALA B 233 39.09 2.10 -1.85
C ALA B 233 38.85 1.94 -3.40
N LEU B 234 39.64 1.05 -3.99
CA LEU B 234 39.59 0.83 -5.43
C LEU B 234 39.16 -0.59 -5.75
N GLY B 235 38.66 -1.31 -4.74
CA GLY B 235 38.39 -2.74 -4.90
C GLY B 235 37.24 -3.03 -5.84
N ASN B 236 37.06 -4.31 -6.13
CA ASN B 236 36.01 -4.68 -7.01
C ASN B 236 34.61 -4.57 -6.33
N LEU B 237 33.56 -4.65 -7.16
CA LEU B 237 32.21 -5.01 -6.74
C LEU B 237 32.31 -6.21 -5.80
N LEU B 238 31.49 -6.22 -4.77
CA LEU B 238 31.54 -7.23 -3.73
C LEU B 238 30.63 -8.34 -4.16
N PRO B 239 31.05 -9.57 -3.96
CA PRO B 239 30.14 -10.69 -4.28
C PRO B 239 28.99 -10.81 -3.24
N LEU B 240 27.85 -10.21 -3.48
N LEU B 240 27.86 -10.20 -3.56
CA LEU B 240 26.77 -10.31 -2.50
CA LEU B 240 26.72 -10.10 -2.63
C LEU B 240 25.46 -10.40 -3.27
C LEU B 240 25.40 -10.36 -3.34
N PRO B 241 24.39 -10.88 -2.62
CA PRO B 241 23.17 -11.20 -3.36
C PRO B 241 22.38 -9.95 -3.65
N TRP B 242 21.48 -10.08 -4.63
CA TRP B 242 20.60 -9.02 -5.04
C TRP B 242 19.18 -9.60 -4.98
N SER B 243 18.18 -8.77 -5.29
CA SER B 243 16.84 -9.32 -5.35
C SER B 243 15.99 -8.43 -6.22
N THR B 244 14.91 -9.04 -6.72
CA THR B 244 13.89 -8.30 -7.46
C THR B 244 12.86 -7.64 -6.54
N GLY B 245 12.77 -8.11 -5.29
CA GLY B 245 11.76 -7.69 -4.33
C GLY B 245 12.17 -8.12 -2.92
N ARG B 246 11.16 -8.47 -2.12
CA ARG B 246 11.38 -8.81 -0.73
C ARG B 246 11.08 -10.24 -0.47
N GLY B 247 11.85 -10.88 0.40
CA GLY B 247 11.54 -12.25 0.83
C GLY B 247 12.06 -13.37 -0.07
N SER B 248 12.79 -13.02 -1.13
CA SER B 248 13.52 -14.02 -1.93
C SER B 248 14.69 -13.28 -2.52
N SER B 249 15.68 -14.02 -2.98
CA SER B 249 16.86 -13.36 -3.49
C SER B 249 17.51 -14.31 -4.48
N ASP B 250 18.55 -13.80 -5.11
CA ASP B 250 19.34 -14.66 -5.95
C ASP B 250 20.49 -15.36 -5.18
N ALA B 251 20.38 -15.50 -3.86
CA ALA B 251 21.41 -16.22 -3.09
C ALA B 251 22.06 -17.40 -3.85
N ILE B 252 21.21 -18.31 -4.35
CA ILE B 252 21.64 -19.61 -4.93
C ILE B 252 22.49 -19.33 -6.17
N GLY B 253 22.30 -18.18 -6.83
CA GLY B 253 23.22 -17.69 -7.89
C GLY B 253 24.71 -17.71 -7.55
N LEU B 254 25.02 -17.71 -6.26
CA LEU B 254 26.41 -17.80 -5.82
C LEU B 254 27.04 -19.11 -6.27
N ILE B 255 26.22 -20.18 -6.31
CA ILE B 255 26.76 -21.49 -6.66
C ILE B 255 27.31 -21.44 -8.08
N SER B 256 26.59 -20.75 -8.96
CA SER B 256 27.00 -20.61 -10.36
C SER B 256 28.19 -19.70 -10.45
N LEU B 257 28.30 -18.75 -9.57
CA LEU B 257 29.43 -17.81 -9.63
C LEU B 257 30.75 -18.37 -9.08
N LEU B 258 30.68 -19.26 -8.07
CA LEU B 258 31.86 -19.85 -7.42
C LEU B 258 33.03 -20.22 -8.38
N PRO B 259 32.77 -21.03 -9.42
CA PRO B 259 33.88 -21.42 -10.25
C PRO B 259 34.48 -20.30 -11.05
N ALA B 260 33.77 -19.19 -11.24
CA ALA B 260 34.34 -18.07 -11.98
C ALA B 260 35.45 -17.43 -11.15
N LEU B 261 35.29 -17.40 -9.82
CA LEU B 261 36.32 -16.68 -9.02
C LEU B 261 37.27 -17.55 -8.27
N PHE B 262 36.83 -18.78 -7.96
CA PHE B 262 37.56 -19.60 -6.98
C PHE B 262 37.99 -20.89 -7.57
N ASP B 263 39.21 -21.25 -7.24
CA ASP B 263 39.73 -22.55 -7.58
C ASP B 263 38.79 -23.58 -6.95
N MET B 264 38.27 -24.50 -7.75
CA MET B 264 37.30 -25.45 -7.24
C MET B 264 37.86 -26.58 -6.38
N GLU B 265 39.18 -26.70 -6.30
CA GLU B 265 39.78 -27.73 -5.48
C GLU B 265 40.43 -27.13 -4.22
N THR B 266 40.90 -25.87 -4.30
CA THR B 266 41.63 -25.29 -3.18
C THR B 266 40.92 -24.09 -2.49
N LEU B 267 39.98 -23.45 -3.21
CA LEU B 267 39.26 -22.22 -2.78
C LEU B 267 40.21 -21.00 -2.86
N THR B 268 41.29 -21.13 -3.60
CA THR B 268 42.10 -19.92 -3.90
C THR B 268 41.27 -18.96 -4.76
N LEU B 269 41.31 -17.67 -4.43
CA LEU B 269 40.75 -16.68 -5.29
C LEU B 269 41.65 -16.55 -6.53
N ALA B 270 41.17 -17.10 -7.65
CA ALA B 270 41.94 -17.19 -8.86
C ALA B 270 40.93 -17.26 -10.00
N PRO B 271 40.40 -16.11 -10.44
CA PRO B 271 39.32 -16.17 -11.40
C PRO B 271 39.74 -16.74 -12.72
N SER B 272 38.79 -17.31 -13.43
CA SER B 272 39.10 -17.99 -14.72
C SER B 272 37.82 -18.01 -15.55
N LEU B 273 37.99 -17.92 -16.87
CA LEU B 273 36.90 -18.10 -17.84
C LEU B 273 36.55 -19.59 -17.96
N LEU B 274 37.49 -20.46 -17.60
CA LEU B 274 37.45 -21.85 -18.06
C LEU B 274 36.34 -22.73 -17.51
N GLU B 275 35.86 -22.44 -16.29
CA GLU B 275 34.82 -23.30 -15.73
C GLU B 275 33.57 -22.48 -15.48
N TYR B 276 33.49 -21.27 -15.99
CA TYR B 276 32.29 -20.48 -15.76
C TYR B 276 31.39 -20.62 -16.96
N VAL B 277 30.12 -20.95 -16.74
CA VAL B 277 29.23 -21.03 -17.86
C VAL B 277 28.48 -19.69 -17.83
N ALA B 278 29.00 -18.72 -18.58
CA ALA B 278 28.59 -17.33 -18.43
C ALA B 278 27.12 -17.14 -18.81
N ASP B 279 26.62 -18.06 -19.64
CA ASP B 279 25.25 -17.99 -20.10
C ASP B 279 24.34 -19.11 -19.54
N ALA B 280 24.69 -19.72 -18.41
CA ALA B 280 23.75 -20.67 -17.78
C ALA B 280 22.54 -19.81 -17.43
N PRO B 281 21.31 -20.36 -17.52
CA PRO B 281 20.21 -19.40 -17.32
C PRO B 281 20.07 -19.04 -15.83
N HIS B 282 19.60 -17.82 -15.56
CA HIS B 282 19.34 -17.33 -14.20
C HIS B 282 18.34 -18.23 -13.47
N ALA B 283 18.61 -18.61 -12.23
CA ALA B 283 17.69 -19.47 -11.50
C ALA B 283 16.47 -18.69 -10.97
N GLY B 284 16.43 -17.38 -11.11
CA GLY B 284 15.39 -16.62 -10.51
C GLY B 284 15.60 -16.52 -9.00
N MET B 285 14.61 -16.00 -8.29
CA MET B 285 14.74 -15.74 -6.84
C MET B 285 14.26 -16.97 -6.08
N THR B 286 14.92 -17.31 -4.96
CA THR B 286 14.30 -18.22 -4.10
C THR B 286 14.31 -17.68 -2.70
N LYS B 287 13.36 -18.19 -1.95
CA LYS B 287 13.15 -17.89 -0.54
C LYS B 287 13.94 -18.94 0.25
N ALA B 288 14.49 -18.54 1.41
CA ALA B 288 15.19 -19.54 2.26
C ALA B 288 14.21 -20.64 2.69
N PRO B 289 14.64 -21.90 2.63
CA PRO B 289 13.90 -22.94 3.40
C PRO B 289 14.06 -22.70 4.90
N ALA B 290 13.32 -23.44 5.68
CA ALA B 290 13.24 -23.21 7.12
C ALA B 290 14.31 -24.08 7.81
N TRP B 291 15.29 -23.43 8.40
CA TRP B 291 16.29 -24.13 9.18
C TRP B 291 15.68 -24.94 10.29
N TRP B 292 14.50 -24.53 10.76
CA TRP B 292 13.97 -25.16 11.94
C TRP B 292 13.35 -26.50 11.63
N ALA B 293 13.47 -26.95 10.37
CA ALA B 293 13.10 -28.33 9.97
C ALA B 293 14.26 -29.08 9.27
N ARG B 294 15.48 -28.53 9.46
CA ARG B 294 16.71 -29.15 8.98
C ARG B 294 16.79 -30.59 9.39
N ALA B 295 16.36 -30.86 10.62
CA ALA B 295 16.42 -32.22 11.25
C ALA B 295 15.61 -33.32 10.50
N PHE B 296 14.79 -32.91 9.54
CA PHE B 296 13.89 -33.80 8.78
C PHE B 296 14.19 -33.93 7.29
N LYS B 297 15.18 -33.17 6.82
CA LYS B 297 15.42 -33.09 5.39
C LYS B 297 16.68 -33.86 5.07
N THR B 298 16.53 -34.93 4.29
CA THR B 298 17.69 -35.73 3.80
C THR B 298 18.60 -34.97 2.86
N ARG B 299 18.07 -33.89 2.25
CA ARG B 299 18.79 -33.16 1.26
C ARG B 299 18.84 -31.64 1.58
N GLN B 300 19.79 -30.99 0.93
CA GLN B 300 19.93 -29.52 0.99
C GLN B 300 19.37 -28.94 -0.30
N PHE B 301 18.84 -27.74 -0.19
CA PHE B 301 18.40 -26.93 -1.33
C PHE B 301 17.05 -27.31 -1.94
N TRP B 302 16.47 -26.38 -2.68
CA TRP B 302 15.09 -26.58 -3.15
C TRP B 302 14.98 -27.70 -4.12
N ASP B 303 16.09 -28.05 -4.78
CA ASP B 303 16.17 -29.16 -5.75
C ASP B 303 16.62 -30.45 -5.07
N GLY B 304 16.85 -30.41 -3.76
CA GLY B 304 17.40 -31.63 -3.12
C GLY B 304 18.74 -32.10 -3.72
N SER B 305 19.56 -31.17 -4.21
CA SER B 305 20.77 -31.49 -4.97
C SER B 305 21.87 -32.18 -4.17
N LEU B 306 21.92 -31.96 -2.85
CA LEU B 306 23.05 -32.44 -2.04
C LEU B 306 22.65 -33.11 -0.75
N SER B 307 23.45 -34.08 -0.29
CA SER B 307 23.18 -34.70 0.99
C SER B 307 23.19 -33.68 2.15
N SER B 308 22.25 -33.85 3.08
CA SER B 308 22.25 -33.07 4.29
C SER B 308 23.44 -33.37 5.21
N ASP B 309 24.23 -34.38 4.87
CA ASP B 309 25.39 -34.64 5.71
C ASP B 309 26.45 -33.60 5.38
N ASN B 310 26.33 -32.93 4.24
CA ASN B 310 27.37 -31.99 3.80
C ASN B 310 27.18 -30.61 4.37
N VAL B 311 28.27 -29.90 4.64
CA VAL B 311 28.17 -28.52 5.07
C VAL B 311 28.90 -27.56 4.21
N HIS B 312 29.48 -28.05 3.09
CA HIS B 312 30.17 -27.18 2.15
C HIS B 312 29.20 -26.24 1.50
N SER B 313 27.98 -26.72 1.20
CA SER B 313 26.96 -25.85 0.64
C SER B 313 26.63 -24.78 1.64
N GLU B 314 26.57 -25.16 2.93
CA GLU B 314 26.24 -24.18 4.03
C GLU B 314 27.38 -23.14 4.13
N MET B 315 28.59 -23.58 3.79
CA MET B 315 29.80 -22.65 3.79
C MET B 315 29.90 -21.62 2.67
N ALA B 316 29.02 -21.71 1.67
CA ALA B 316 29.17 -20.89 0.44
C ALA B 316 29.40 -19.41 0.72
N PHE B 317 28.60 -18.80 1.63
CA PHE B 317 28.82 -17.37 1.92
C PHE B 317 30.06 -17.02 2.69
N GLY B 318 30.49 -17.94 3.55
CA GLY B 318 31.77 -17.78 4.22
C GLY B 318 32.91 -17.98 3.26
N VAL B 319 32.77 -18.93 2.32
CA VAL B 319 33.83 -19.17 1.34
C VAL B 319 33.95 -17.98 0.38
N ALA B 320 32.81 -17.37 -0.01
CA ALA B 320 32.84 -16.31 -1.05
C ALA B 320 33.37 -15.00 -0.57
N ASN B 321 33.72 -14.94 0.69
CA ASN B 321 34.28 -13.72 1.28
C ASN B 321 35.64 -13.49 0.70
N ILE B 322 35.77 -12.34 0.10
CA ILE B 322 36.94 -11.98 -0.66
C ILE B 322 38.19 -11.73 0.17
N PHE B 323 37.99 -11.56 1.48
CA PHE B 323 39.09 -11.27 2.36
C PHE B 323 39.88 -12.49 2.86
N ARG B 324 39.27 -13.66 2.87
CA ARG B 324 39.93 -14.87 3.35
C ARG B 324 40.90 -15.40 2.30
N ASP B 325 41.95 -16.11 2.73
CA ASP B 325 42.75 -16.87 1.78
C ASP B 325 42.21 -18.32 1.72
N ALA B 326 42.78 -19.18 0.89
CA ALA B 326 42.18 -20.54 0.70
C ALA B 326 42.17 -21.30 1.98
N ASN B 327 43.28 -21.25 2.71
CA ASN B 327 43.33 -21.99 3.96
C ASN B 327 42.18 -21.66 4.93
N ALA B 328 41.90 -20.39 5.04
CA ALA B 328 40.86 -19.87 5.95
C ALA B 328 39.46 -20.26 5.40
N ARG B 329 39.31 -20.31 4.08
CA ARG B 329 37.98 -20.64 3.46
C ARG B 329 37.75 -22.09 3.79
N ARG B 330 38.73 -22.97 3.51
CA ARG B 330 38.51 -24.43 3.80
C ARG B 330 38.40 -24.61 5.30
N GLY B 331 39.16 -23.80 6.04
CA GLY B 331 39.21 -23.89 7.50
C GLY B 331 37.95 -23.48 8.25
N LEU B 332 36.93 -22.95 7.54
CA LEU B 332 35.63 -22.64 8.17
C LEU B 332 34.85 -23.92 8.43
N GLU B 333 35.35 -25.04 7.95
CA GLU B 333 34.54 -26.27 8.04
C GLU B 333 34.11 -26.67 9.50
N ASP B 334 35.04 -26.66 10.47
N ASP B 334 35.04 -26.68 10.45
CA ASP B 334 34.69 -27.03 11.87
CA ASP B 334 34.69 -27.04 11.83
C ASP B 334 33.58 -26.13 12.33
C ASP B 334 33.58 -26.13 12.33
N GLU B 335 33.72 -24.84 12.02
CA GLU B 335 32.68 -23.88 12.45
C GLU B 335 31.31 -24.18 11.84
N PHE B 336 31.31 -24.54 10.56
CA PHE B 336 30.06 -24.87 9.88
C PHE B 336 29.47 -26.24 10.27
N GLU B 337 30.29 -27.17 10.66
CA GLU B 337 29.77 -28.43 11.25
C GLU B 337 29.01 -28.09 12.54
N ASP B 338 29.51 -27.13 13.32
CA ASP B 338 28.80 -26.70 14.52
C ASP B 338 27.53 -25.93 14.14
N ILE B 339 27.60 -25.07 13.11
CA ILE B 339 26.38 -24.34 12.67
C ILE B 339 25.32 -25.37 12.25
N ASN B 340 25.79 -26.34 11.51
CA ASN B 340 24.82 -27.35 11.04
C ASN B 340 24.20 -28.15 12.20
N ASN B 341 25.00 -28.52 13.20
CA ASN B 341 24.42 -29.13 14.42
C ASN B 341 23.40 -28.25 15.13
N PHE B 342 23.70 -26.98 15.23
CA PHE B 342 22.69 -26.05 15.76
C PHE B 342 21.42 -26.16 14.92
N LEU B 343 21.53 -26.11 13.59
CA LEU B 343 20.31 -26.13 12.73
C LEU B 343 19.51 -27.42 12.98
N ILE B 344 20.23 -28.52 13.06
CA ILE B 344 19.61 -29.81 13.34
C ILE B 344 18.95 -29.81 14.73
N SER B 345 19.43 -28.98 15.65
CA SER B 345 19.00 -28.99 17.03
C SER B 345 17.69 -28.19 17.12
N LEU B 346 17.37 -27.46 16.04
CA LEU B 346 16.17 -26.59 16.10
C LEU B 346 14.80 -27.29 15.91
N SER B 347 13.80 -26.70 16.55
CA SER B 347 12.39 -27.05 16.45
C SER B 347 11.53 -25.83 16.08
N PRO B 348 10.47 -26.05 15.30
CA PRO B 348 9.64 -24.92 14.90
C PRO B 348 8.88 -24.32 16.09
N ALA B 349 8.55 -23.02 15.98
CA ALA B 349 7.63 -22.41 16.93
C ALA B 349 6.32 -23.23 16.87
N THR B 350 5.69 -23.42 18.02
CA THR B 350 4.34 -23.98 18.07
C THR B 350 3.24 -22.94 17.82
N TYR B 351 2.14 -23.39 17.21
CA TYR B 351 1.07 -22.51 16.82
C TYR B 351 0.46 -21.83 18.05
N PRO B 352 0.30 -20.51 17.98
CA PRO B 352 -0.03 -19.74 19.16
C PRO B 352 -1.54 -19.56 19.39
N LYS B 353 -2.40 -19.85 18.42
CA LYS B 353 -3.82 -19.45 18.56
C LYS B 353 -4.58 -20.73 18.80
N THR B 354 -5.89 -20.61 19.03
CA THR B 354 -6.64 -21.82 19.29
C THR B 354 -6.76 -22.82 18.11
N ILE B 355 -6.82 -24.10 18.46
CA ILE B 355 -6.93 -25.16 17.47
C ILE B 355 -8.18 -26.02 17.76
N ASN B 356 -8.98 -26.26 16.72
CA ASN B 356 -10.10 -27.19 16.88
C ASN B 356 -9.62 -28.65 16.75
N THR B 357 -9.46 -29.36 17.87
CA THR B 357 -8.91 -30.72 17.85
C THR B 357 -9.61 -31.67 16.89
N ALA B 358 -10.96 -31.62 16.85
CA ALA B 358 -11.73 -32.54 16.01
C ALA B 358 -11.52 -32.25 14.50
N LEU B 359 -11.53 -30.96 14.11
CA LEU B 359 -11.32 -30.56 12.75
C LEU B 359 -9.88 -30.93 12.36
N ALA B 360 -8.91 -30.76 13.28
CA ALA B 360 -7.48 -31.07 12.98
C ALA B 360 -7.28 -32.58 12.82
N GLU B 361 -8.02 -33.34 13.62
CA GLU B 361 -8.09 -34.78 13.39
C GLU B 361 -8.70 -35.22 12.05
N GLN B 362 -9.75 -34.54 11.59
CA GLN B 362 -10.25 -34.75 10.24
C GLN B 362 -9.14 -34.51 9.21
N GLY B 363 -8.42 -33.40 9.42
CA GLY B 363 -7.34 -32.99 8.57
C GLY B 363 -6.22 -34.00 8.58
N ALA B 364 -5.91 -34.56 9.74
CA ALA B 364 -4.85 -35.54 9.82
C ALA B 364 -5.17 -36.73 8.94
N VAL B 365 -6.43 -37.19 8.99
CA VAL B 365 -6.81 -38.27 8.08
C VAL B 365 -6.73 -37.90 6.62
N ILE B 366 -7.32 -36.77 6.23
CA ILE B 366 -7.20 -36.32 4.82
C ILE B 366 -5.74 -36.27 4.41
N TYR B 367 -4.91 -35.70 5.27
CA TYR B 367 -3.47 -35.52 4.99
C TYR B 367 -2.80 -36.85 4.54
N HIS B 368 -3.12 -37.93 5.25
CA HIS B 368 -2.43 -39.20 5.06
C HIS B 368 -3.14 -40.14 4.14
N GLU B 369 -4.42 -39.90 3.91
CA GLU B 369 -5.26 -40.92 3.27
C GLU B 369 -6.01 -40.47 2.01
N ARG B 370 -6.30 -39.17 1.86
CA ARG B 370 -7.06 -38.69 0.71
C ARG B 370 -6.16 -38.66 -0.52
N ASP B 371 -6.55 -39.40 -1.55
CA ASP B 371 -5.83 -39.46 -2.82
C ASP B 371 -6.29 -38.29 -3.70
N LEU B 372 -5.37 -37.42 -4.11
CA LEU B 372 -5.78 -36.17 -4.75
C LEU B 372 -6.12 -36.43 -6.21
N TRP B 373 -5.82 -37.68 -6.62
CA TRP B 373 -6.09 -38.22 -7.93
C TRP B 373 -7.27 -39.18 -7.92
N ALA B 374 -7.86 -39.41 -6.75
CA ALA B 374 -8.96 -40.39 -6.64
C ALA B 374 -10.12 -40.03 -7.56
N SER B 375 -10.82 -41.07 -8.01
CA SER B 375 -11.95 -40.96 -8.93
C SER B 375 -11.68 -40.02 -10.14
N GLY B 376 -10.58 -40.28 -10.84
CA GLY B 376 -10.17 -39.50 -12.02
C GLY B 376 -9.79 -38.02 -11.89
N ALA B 377 -9.60 -37.49 -10.68
CA ALA B 377 -9.20 -36.10 -10.59
C ALA B 377 -7.75 -35.90 -11.10
N ASN B 378 -7.42 -34.71 -11.60
CA ASN B 378 -6.03 -34.40 -11.94
C ASN B 378 -5.39 -35.32 -12.99
N GLY B 379 -6.18 -35.74 -13.99
CA GLY B 379 -5.74 -36.76 -14.91
C GLY B 379 -4.57 -36.30 -15.74
N ALA B 380 -4.47 -35.00 -15.99
CA ALA B 380 -3.34 -34.41 -16.74
C ALA B 380 -2.05 -34.26 -15.90
N ILE B 381 -2.13 -34.49 -14.59
CA ILE B 381 -0.91 -34.43 -13.72
C ILE B 381 -0.41 -35.85 -13.40
N PRO B 382 0.80 -36.20 -13.91
CA PRO B 382 1.41 -37.49 -13.64
C PRO B 382 1.41 -37.69 -12.13
N LYS B 383 0.97 -38.88 -11.70
CA LYS B 383 0.86 -39.22 -10.27
C LYS B 383 2.07 -40.08 -9.85
N PRO B 384 2.84 -39.63 -8.84
CA PRO B 384 4.00 -40.45 -8.40
C PRO B 384 3.57 -41.72 -7.67
N ALA B 385 4.48 -42.69 -7.52
CA ALA B 385 4.23 -43.89 -6.73
C ALA B 385 3.90 -43.39 -5.32
N GLY B 386 2.93 -44.03 -4.67
CA GLY B 386 2.39 -43.57 -3.41
C GLY B 386 0.87 -43.59 -3.46
N ASN B 387 0.24 -43.01 -2.44
CA ASN B 387 -1.22 -43.06 -2.32
C ASN B 387 -1.87 -41.71 -2.66
N GLY B 388 -1.11 -40.86 -3.37
CA GLY B 388 -1.60 -39.56 -3.81
C GLY B 388 -2.03 -38.55 -2.80
N SER B 389 -1.70 -38.81 -1.53
CA SER B 389 -2.02 -37.85 -0.47
C SER B 389 -0.90 -36.83 -0.22
N CYS B 390 -1.15 -35.86 0.66
CA CYS B 390 -0.05 -34.98 1.12
C CYS B 390 1.11 -35.82 1.61
N ALA B 391 0.81 -36.80 2.45
CA ALA B 391 1.85 -37.61 3.05
C ALA B 391 2.73 -38.28 2.04
N SER B 392 2.20 -38.59 0.85
CA SER B 392 3.00 -39.35 -0.14
C SER B 392 4.17 -38.57 -0.75
N CYS B 393 4.30 -37.34 -0.34
CA CYS B 393 5.34 -36.43 -0.82
C CYS B 393 6.01 -35.79 0.39
N HIS B 394 5.26 -34.97 1.15
CA HIS B 394 5.80 -34.26 2.32
C HIS B 394 6.27 -35.16 3.47
N GLY B 395 5.62 -36.27 3.71
CA GLY B 395 6.12 -37.21 4.70
C GLY B 395 4.99 -37.50 5.68
N VAL B 396 5.18 -38.50 6.54
CA VAL B 396 4.16 -38.99 7.47
C VAL B 396 4.39 -38.40 8.87
N TYR B 397 3.34 -37.73 9.38
CA TYR B 397 3.41 -37.03 10.63
C TYR B 397 2.63 -37.66 11.73
N SER B 398 1.53 -38.35 11.39
CA SER B 398 0.62 -38.87 12.41
C SER B 398 1.30 -40.09 13.05
N PRO B 399 1.41 -40.11 14.40
CA PRO B 399 2.14 -41.24 14.99
C PRO B 399 1.40 -42.54 14.67
N ARG B 400 0.08 -42.43 14.48
CA ARG B 400 -0.72 -43.62 14.12
C ARG B 400 -0.25 -44.19 12.79
N HIS B 401 -0.16 -43.30 11.79
CA HIS B 401 0.24 -43.73 10.47
C HIS B 401 1.70 -44.05 10.42
N ALA B 402 2.53 -43.35 11.21
CA ALA B 402 3.97 -43.74 11.26
C ALA B 402 4.27 -45.18 11.68
N ALA B 403 3.37 -45.81 12.49
CA ALA B 403 3.48 -47.19 13.01
C ALA B 403 2.95 -48.22 12.05
N ASP B 404 2.27 -47.76 11.00
CA ASP B 404 1.62 -48.57 9.97
C ASP B 404 2.48 -48.70 8.69
N PRO B 405 3.10 -49.88 8.46
CA PRO B 405 3.87 -50.12 7.23
C PRO B 405 3.09 -49.90 5.93
N ASN B 406 1.76 -49.70 6.01
CA ASN B 406 1.07 -49.29 4.81
C ASN B 406 1.38 -47.81 4.53
N TYR B 407 1.91 -47.13 5.52
CA TYR B 407 2.20 -45.67 5.45
C TYR B 407 3.72 -45.37 5.47
N LEU B 408 4.44 -45.96 6.43
CA LEU B 408 5.87 -45.73 6.60
C LEU B 408 6.50 -47.05 6.97
N PRO B 409 7.73 -47.30 6.48
CA PRO B 409 8.36 -48.56 6.81
C PRO B 409 9.00 -48.59 8.18
N ASP B 410 9.12 -47.45 8.84
CA ASP B 410 9.88 -47.40 10.08
C ASP B 410 9.38 -46.18 10.78
N PRO B 411 8.82 -46.35 12.00
CA PRO B 411 8.27 -45.25 12.77
C PRO B 411 9.34 -44.18 13.02
N ARG B 412 10.64 -44.55 13.01
CA ARG B 412 11.70 -43.51 13.27
C ARG B 412 11.74 -42.48 12.12
N LEU B 413 11.07 -42.80 11.01
CA LEU B 413 11.03 -41.86 9.86
C LEU B 413 9.91 -40.86 9.92
N LYS B 414 9.20 -40.78 11.04
CA LYS B 414 8.08 -39.86 11.15
C LYS B 414 8.59 -38.48 10.82
N GLY B 415 7.89 -37.75 9.96
CA GLY B 415 8.27 -36.36 9.62
C GLY B 415 9.40 -36.17 8.61
N VAL B 416 10.11 -37.25 8.25
CA VAL B 416 11.22 -37.11 7.28
C VAL B 416 10.69 -36.61 5.90
N ALA B 417 11.33 -35.60 5.33
CA ALA B 417 11.01 -35.14 3.98
C ALA B 417 12.08 -35.57 3.00
N ALA B 418 11.80 -36.56 2.18
CA ALA B 418 12.85 -37.12 1.33
C ALA B 418 12.30 -37.50 -0.01
N VAL B 419 11.46 -36.61 -0.53
CA VAL B 419 10.89 -36.71 -1.84
C VAL B 419 11.13 -35.48 -2.65
N VAL B 420 11.85 -35.64 -3.75
CA VAL B 420 11.96 -34.56 -4.72
C VAL B 420 10.89 -34.92 -5.78
N THR B 421 9.92 -34.05 -5.91
CA THR B 421 8.84 -34.31 -6.85
C THR B 421 9.20 -33.88 -8.26
N PRO B 422 9.02 -34.78 -9.27
CA PRO B 422 9.41 -34.33 -10.61
C PRO B 422 8.68 -33.07 -11.01
N ILE B 423 9.37 -32.19 -11.73
CA ILE B 423 8.77 -30.96 -12.26
C ILE B 423 7.51 -31.17 -13.13
N GLU B 424 7.44 -32.27 -13.89
CA GLU B 424 6.18 -32.67 -14.58
C GLU B 424 4.95 -32.82 -13.64
N THR B 425 5.21 -33.08 -12.36
CA THR B 425 4.05 -33.20 -11.48
C THR B 425 3.88 -31.97 -10.60
N ILE B 426 4.99 -31.46 -10.05
CA ILE B 426 4.85 -30.32 -9.18
C ILE B 426 4.49 -29.06 -9.95
N ARG B 427 5.15 -28.87 -11.10
CA ARG B 427 4.91 -27.74 -12.03
C ARG B 427 4.85 -26.32 -11.46
N THR B 428 5.63 -26.09 -10.40
CA THR B 428 5.77 -24.76 -9.87
C THR B 428 6.84 -24.11 -10.74
N ASP B 429 7.07 -22.80 -10.56
CA ASP B 429 7.97 -22.06 -11.40
C ASP B 429 9.30 -22.79 -11.63
N PRO B 430 9.60 -23.06 -12.91
CA PRO B 430 10.68 -24.00 -13.22
C PRO B 430 12.07 -23.34 -13.32
N ARG B 431 12.16 -22.03 -13.24
CA ARG B 431 13.47 -21.41 -13.43
C ARG B 431 14.51 -21.94 -12.49
N ARG B 432 14.14 -22.16 -11.22
CA ARG B 432 15.13 -22.61 -10.21
C ARG B 432 15.76 -23.95 -10.54
N MET B 433 14.96 -24.86 -11.04
CA MET B 433 15.46 -26.20 -11.21
C MET B 433 16.48 -26.33 -12.37
N ARG B 434 16.66 -25.27 -13.14
CA ARG B 434 17.68 -25.17 -14.16
C ARG B 434 19.05 -24.65 -13.67
N LEU B 435 19.15 -24.16 -12.43
CA LEU B 435 20.43 -23.72 -11.86
C LEU B 435 21.63 -24.60 -12.30
N MET B 436 21.60 -25.88 -11.97
CA MET B 436 22.78 -26.66 -12.31
C MET B 436 22.42 -27.75 -13.30
N ALA B 437 21.48 -27.44 -14.20
CA ALA B 437 21.07 -28.42 -15.19
C ALA B 437 22.21 -28.91 -16.11
N ASP B 438 23.20 -28.07 -16.34
CA ASP B 438 24.25 -28.33 -17.32
C ASP B 438 25.30 -29.29 -16.75
N GLU B 439 25.54 -30.37 -17.46
CA GLU B 439 26.61 -31.25 -17.10
C GLU B 439 27.98 -30.55 -16.81
N ARG B 440 28.42 -29.58 -17.61
CA ARG B 440 29.74 -28.94 -17.35
C ARG B 440 29.78 -28.32 -15.95
N GLN B 441 28.65 -27.74 -15.52
CA GLN B 441 28.58 -27.13 -14.20
C GLN B 441 28.62 -28.15 -13.11
N ARG B 442 27.81 -29.21 -13.22
N ARG B 442 27.83 -29.21 -13.23
CA ARG B 442 27.84 -30.27 -12.24
CA ARG B 442 27.85 -30.27 -12.24
C ARG B 442 29.22 -30.92 -12.16
C ARG B 442 29.20 -30.98 -12.17
N ARG B 443 29.87 -31.10 -13.30
CA ARG B 443 31.19 -31.71 -13.32
C ARG B 443 32.28 -30.86 -12.60
N ALA B 444 32.19 -29.53 -12.72
CA ALA B 444 33.14 -28.66 -12.09
C ALA B 444 33.02 -28.82 -10.54
N TRP B 445 31.76 -28.82 -10.07
CA TRP B 445 31.44 -29.08 -8.67
C TRP B 445 31.91 -30.49 -8.20
N ASN B 446 31.54 -31.52 -8.94
CA ASN B 446 31.77 -32.91 -8.54
C ASN B 446 33.23 -33.29 -8.41
N SER B 447 34.07 -32.52 -9.12
CA SER B 447 35.50 -32.76 -9.27
C SER B 447 36.32 -31.93 -8.30
N GLY B 448 35.74 -31.45 -7.18
CA GLY B 448 36.68 -30.68 -6.34
C GLY B 448 36.19 -30.59 -4.90
N TRP B 449 36.59 -29.53 -4.23
CA TRP B 449 36.35 -29.42 -2.79
C TRP B 449 34.87 -29.41 -2.44
N TRP B 450 34.02 -28.72 -3.25
CA TRP B 450 32.59 -28.72 -2.96
C TRP B 450 32.00 -30.07 -2.87
N ALA B 451 32.52 -31.01 -3.66
CA ALA B 451 31.95 -32.36 -3.64
C ALA B 451 32.73 -33.23 -2.66
N TYR B 452 33.58 -32.61 -1.81
CA TYR B 452 34.41 -33.37 -0.88
C TYR B 452 35.28 -34.38 -1.62
N ASN B 453 35.97 -33.91 -2.66
CA ASN B 453 36.79 -34.82 -3.47
C ASN B 453 38.03 -35.25 -2.69
N ASN B 454 38.26 -34.69 -1.48
CA ASN B 454 39.29 -35.23 -0.59
C ASN B 454 38.96 -36.65 -0.15
N LEU B 455 37.71 -37.07 -0.31
CA LEU B 455 37.37 -38.44 0.05
C LEU B 455 37.57 -39.40 -1.10
N SER B 456 38.09 -38.91 -2.24
CA SER B 456 38.39 -39.87 -3.32
C SER B 456 39.55 -40.76 -2.90
N PRO B 457 39.52 -42.05 -3.24
CA PRO B 457 40.74 -42.82 -2.97
C PRO B 457 41.93 -42.33 -3.82
N SER B 458 41.68 -41.66 -4.94
CA SER B 458 42.84 -41.12 -5.69
C SER B 458 43.30 -39.74 -5.27
N TRP B 459 42.64 -39.12 -4.29
CA TRP B 459 43.05 -37.78 -3.89
C TRP B 459 44.27 -37.95 -3.13
N THR B 460 45.29 -37.27 -3.63
CA THR B 460 46.34 -36.78 -2.77
C THR B 460 46.07 -35.29 -2.47
N GLY B 461 46.25 -34.90 -1.23
CA GLY B 461 46.34 -33.52 -0.81
C GLY B 461 45.67 -32.41 -1.55
N TYR B 462 45.54 -31.31 -0.86
CA TYR B 462 45.15 -30.10 -1.53
C TYR B 462 46.22 -29.70 -2.56
N PRO B 463 45.80 -29.50 -3.80
CA PRO B 463 46.68 -28.92 -4.82
C PRO B 463 47.24 -27.62 -4.27
N SER B 464 48.31 -27.11 -4.90
CA SER B 464 48.95 -25.88 -4.41
C SER B 464 48.07 -24.65 -4.53
N ASP B 465 48.15 -23.84 -3.50
CA ASP B 465 47.35 -22.64 -3.29
C ASP B 465 48.13 -21.51 -3.99
N ASN B 466 48.13 -21.53 -5.32
CA ASN B 466 48.83 -20.39 -5.98
C ASN B 466 48.20 -20.20 -7.31
N ILE B 467 48.08 -18.95 -7.69
CA ILE B 467 47.42 -18.50 -8.95
C ILE B 467 47.99 -19.19 -10.21
N VAL B 468 49.32 -19.24 -10.32
CA VAL B 468 49.99 -19.95 -11.46
C VAL B 468 49.51 -21.40 -11.59
N ALA B 469 49.53 -22.15 -10.47
CA ALA B 469 49.18 -23.57 -10.52
C ALA B 469 47.68 -23.71 -10.70
N SER B 470 46.93 -22.73 -10.22
CA SER B 470 45.49 -22.80 -10.36
C SER B 470 45.15 -22.67 -11.87
N GLU B 471 45.79 -21.73 -12.53
CA GLU B 471 45.71 -21.55 -13.99
C GLU B 471 46.13 -22.84 -14.75
N LEU B 472 47.17 -23.56 -14.29
CA LEU B 472 47.56 -24.83 -14.92
C LEU B 472 46.37 -25.79 -14.85
N ARG B 473 45.75 -25.87 -13.67
CA ARG B 473 44.74 -26.90 -13.47
C ARG B 473 43.40 -26.63 -14.17
N ARG B 474 43.09 -25.37 -14.44
CA ARG B 474 41.78 -25.06 -15.04
C ARG B 474 41.54 -25.75 -16.40
N VAL B 475 42.60 -25.90 -17.18
CA VAL B 475 42.47 -26.44 -18.53
C VAL B 475 42.08 -27.92 -18.48
N PRO B 476 42.86 -28.80 -17.80
CA PRO B 476 42.33 -30.19 -17.79
C PRO B 476 41.08 -30.42 -17.01
N ARG B 477 40.78 -29.53 -16.05
CA ARG B 477 39.47 -29.53 -15.42
C ARG B 477 38.35 -29.21 -16.44
N ALA B 478 38.54 -28.12 -17.22
CA ALA B 478 37.57 -27.73 -18.31
C ALA B 478 37.39 -28.88 -19.26
N ILE B 479 38.48 -29.61 -19.54
CA ILE B 479 38.45 -30.70 -20.50
C ILE B 479 37.58 -31.82 -19.95
N TYR B 480 37.83 -32.20 -18.69
CA TYR B 480 36.93 -33.14 -18.00
C TYR B 480 35.49 -32.63 -17.99
N ASN B 481 35.28 -31.35 -17.67
CA ASN B 481 33.91 -30.84 -17.53
C ASN B 481 33.15 -30.96 -18.87
N ASN B 482 33.92 -30.90 -19.96
CA ASN B 482 33.36 -31.00 -21.29
C ASN B 482 33.39 -32.44 -21.90
N GLY B 483 33.66 -33.51 -21.14
CA GLY B 483 33.51 -34.87 -21.66
C GLY B 483 34.80 -35.62 -21.77
N GLY B 484 35.91 -34.96 -21.46
CA GLY B 484 37.20 -35.57 -21.58
C GLY B 484 37.64 -36.37 -20.37
N PRO B 485 38.93 -36.72 -20.33
CA PRO B 485 39.48 -37.53 -19.26
C PRO B 485 39.26 -36.87 -17.89
N ILE B 486 39.01 -37.71 -16.90
CA ILE B 486 39.08 -37.32 -15.49
C ILE B 486 40.44 -36.70 -15.26
N TYR B 487 40.46 -35.53 -14.61
CA TYR B 487 41.67 -34.91 -14.13
C TYR B 487 41.62 -34.92 -12.59
N SER B 488 40.92 -33.96 -11.98
CA SER B 488 40.78 -33.97 -10.49
C SER B 488 39.84 -35.08 -10.07
N PRO B 489 40.13 -35.67 -8.92
CA PRO B 489 39.22 -36.76 -8.59
C PRO B 489 37.75 -36.33 -8.25
N LEU B 490 36.79 -37.24 -8.45
CA LEU B 490 35.41 -36.91 -8.10
C LEU B 490 35.17 -37.15 -6.58
N GLY B 491 34.37 -36.29 -5.93
CA GLY B 491 33.94 -36.57 -4.55
C GLY B 491 32.60 -37.23 -4.46
N PRO B 492 32.24 -37.73 -3.27
CA PRO B 492 30.93 -38.33 -3.13
C PRO B 492 29.83 -37.26 -2.94
N ASN B 493 30.16 -36.00 -2.70
CA ASN B 493 29.06 -35.04 -2.41
C ASN B 493 28.65 -34.42 -3.74
N ILE B 494 28.14 -35.28 -4.63
CA ILE B 494 27.78 -34.92 -5.98
C ILE B 494 26.57 -33.97 -5.98
N TRP B 495 26.60 -32.99 -6.89
CA TRP B 495 25.42 -32.18 -7.15
C TRP B 495 24.54 -32.97 -8.11
N GLU B 496 23.44 -33.54 -7.62
CA GLU B 496 22.54 -34.39 -8.42
C GLU B 496 21.91 -33.63 -9.56
N GLU B 497 21.80 -34.29 -10.70
CA GLU B 497 21.05 -33.68 -11.80
C GLU B 497 19.65 -33.26 -11.32
N PRO B 498 19.23 -32.00 -11.52
CA PRO B 498 17.93 -31.53 -11.06
C PRO B 498 16.82 -32.27 -11.77
N THR B 499 15.76 -32.64 -11.06
CA THR B 499 14.59 -33.34 -11.65
C THR B 499 13.30 -32.68 -11.14
N GLY B 500 13.36 -32.04 -9.96
CA GLY B 500 12.17 -31.37 -9.46
C GLY B 500 12.43 -30.58 -8.20
N TYR B 501 11.43 -30.50 -7.33
CA TYR B 501 11.61 -29.74 -6.10
C TYR B 501 11.33 -30.65 -4.94
N ILE B 502 12.05 -30.43 -3.86
CA ILE B 502 11.72 -31.14 -2.60
C ILE B 502 10.28 -30.75 -2.08
N ALA B 503 9.51 -31.71 -1.55
CA ALA B 503 8.26 -31.48 -0.80
C ALA B 503 8.74 -31.23 0.67
N PRO B 504 8.80 -29.97 1.08
CA PRO B 504 9.48 -29.69 2.37
C PRO B 504 8.66 -30.08 3.59
N PRO B 505 9.28 -30.20 4.80
CA PRO B 505 8.50 -30.49 6.00
C PRO B 505 7.46 -29.43 6.20
N LEU B 506 6.29 -29.88 6.63
CA LEU B 506 5.26 -28.88 7.02
C LEU B 506 5.23 -28.59 8.52
N TYR B 507 6.13 -29.22 9.31
CA TYR B 507 6.32 -28.77 10.70
C TYR B 507 6.66 -27.31 10.65
N GLY B 508 5.96 -26.45 11.39
CA GLY B 508 6.23 -25.00 11.41
C GLY B 508 5.72 -24.21 10.20
N ALA B 509 5.18 -24.91 9.21
CA ALA B 509 4.64 -24.25 8.01
C ALA B 509 3.52 -23.29 8.31
N TRP B 510 2.80 -23.50 9.42
CA TRP B 510 1.85 -22.47 9.81
C TRP B 510 2.38 -21.05 9.82
N ALA B 511 3.67 -20.94 10.16
CA ALA B 511 4.33 -19.66 10.39
C ALA B 511 5.02 -19.07 9.21
N THR B 512 5.23 -19.90 8.20
CA THR B 512 6.25 -19.54 7.19
C THR B 512 5.72 -19.05 5.87
N ALA B 513 4.58 -18.37 5.86
CA ALA B 513 4.13 -17.76 4.60
C ALA B 513 5.07 -16.63 4.20
N PRO B 514 5.20 -16.34 2.88
CA PRO B 514 4.52 -17.03 1.79
C PRO B 514 5.22 -18.30 1.36
N TYR B 515 4.54 -19.04 0.49
CA TYR B 515 4.85 -20.43 0.23
C TYR B 515 5.44 -20.62 -1.18
N PHE B 516 6.02 -21.81 -1.37
CA PHE B 516 6.78 -22.25 -2.52
C PHE B 516 8.16 -21.65 -2.54
N HIS B 517 9.02 -22.24 -3.38
CA HIS B 517 10.40 -21.89 -3.42
C HIS B 517 10.66 -20.47 -3.78
N ASN B 518 9.69 -19.82 -4.45
CA ASN B 518 9.80 -18.38 -4.75
C ASN B 518 8.97 -17.49 -3.84
N GLY B 519 8.36 -18.10 -2.81
CA GLY B 519 7.49 -17.33 -1.84
C GLY B 519 6.34 -16.57 -2.53
N SER B 520 5.71 -17.22 -3.50
CA SER B 520 4.74 -16.53 -4.37
C SER B 520 3.31 -16.62 -3.86
N VAL B 521 3.06 -17.55 -2.95
CA VAL B 521 1.67 -17.75 -2.52
C VAL B 521 1.45 -17.31 -1.07
N PRO B 522 0.56 -16.34 -0.86
CA PRO B 522 0.58 -15.70 0.44
C PRO B 522 -0.02 -16.47 1.57
N ASN B 523 -0.83 -17.49 1.29
CA ASN B 523 -1.38 -18.28 2.39
C ASN B 523 -1.59 -19.75 2.08
N LEU B 524 -1.85 -20.54 3.11
CA LEU B 524 -1.85 -21.98 2.93
C LEU B 524 -3.09 -22.37 2.15
N TRP B 525 -4.17 -21.63 2.39
CA TRP B 525 -5.39 -21.76 1.59
C TRP B 525 -5.11 -21.76 0.10
N GLY B 526 -4.35 -20.77 -0.38
CA GLY B 526 -3.93 -20.66 -1.76
C GLY B 526 -3.17 -21.87 -2.22
N VAL B 527 -2.36 -22.48 -1.33
CA VAL B 527 -1.61 -23.66 -1.70
C VAL B 527 -2.65 -24.74 -2.03
N LEU B 528 -3.68 -24.79 -1.16
CA LEU B 528 -4.68 -25.87 -1.20
C LEU B 528 -5.77 -25.60 -2.26
N LYS B 529 -5.86 -24.34 -2.67
CA LYS B 529 -6.86 -23.95 -3.67
C LYS B 529 -6.30 -23.02 -4.75
N PRO B 530 -5.77 -23.62 -5.86
CA PRO B 530 -5.04 -22.76 -6.81
C PRO B 530 -5.84 -21.58 -7.31
N SER B 531 -7.13 -21.77 -7.59
CA SER B 531 -7.94 -20.66 -8.07
C SER B 531 -7.88 -19.43 -7.14
N ASP B 532 -7.57 -19.63 -5.85
CA ASP B 532 -7.53 -18.43 -4.96
C ASP B 532 -6.18 -17.78 -4.78
N ARG B 533 -5.16 -18.13 -5.60
CA ARG B 533 -3.84 -17.43 -5.46
C ARG B 533 -3.83 -16.11 -6.19
N PRO B 534 -3.51 -15.00 -5.52
CA PRO B 534 -3.45 -13.74 -6.25
C PRO B 534 -2.16 -13.63 -7.06
N LYS B 535 -2.25 -13.12 -8.30
CA LYS B 535 -1.06 -12.95 -9.11
C LYS B 535 -0.15 -11.83 -8.56
N LEU B 536 -0.77 -10.76 -8.04
CA LEU B 536 0.01 -9.76 -7.38
C LEU B 536 -0.62 -9.54 -6.05
N TRP B 537 0.22 -9.25 -5.08
CA TRP B 537 -0.29 -9.15 -3.71
C TRP B 537 0.56 -8.30 -2.77
N LYS B 538 -0.13 -7.55 -1.91
CA LYS B 538 0.58 -6.69 -0.96
C LYS B 538 0.15 -6.90 0.44
N ARG B 539 1.14 -7.10 1.33
CA ARG B 539 0.77 -7.35 2.69
C ARG B 539 0.75 -6.02 3.45
N PRO B 540 0.22 -6.02 4.68
CA PRO B 540 0.08 -4.70 5.34
C PRO B 540 1.46 -4.12 5.62
N TYR B 541 1.58 -2.78 5.47
CA TYR B 541 2.86 -2.08 5.71
C TYR B 541 2.82 -1.47 7.09
N THR B 542 3.97 -1.20 7.71
CA THR B 542 4.04 -0.24 8.80
C THR B 542 3.96 1.23 8.33
N ALA B 543 3.96 2.18 9.26
CA ALA B 543 4.05 3.62 8.93
C ALA B 543 5.46 3.96 8.44
N ALA B 544 5.60 5.04 7.71
CA ALA B 544 6.92 5.51 7.35
C ALA B 544 7.61 6.02 8.57
N GLY B 545 8.93 6.15 8.50
CA GLY B 545 9.72 6.69 9.64
C GLY B 545 9.78 8.23 9.50
N ILE B 546 10.48 8.86 10.43
CA ILE B 546 10.76 10.33 10.37
C ILE B 546 11.59 10.62 9.16
N GLY B 547 11.06 11.47 8.30
CA GLY B 547 11.61 11.69 6.99
C GLY B 547 10.65 11.24 5.90
N GLY B 548 9.62 10.48 6.31
CA GLY B 548 8.50 10.13 5.41
C GLY B 548 8.86 9.03 4.42
N LYS B 549 9.96 8.31 4.65
CA LYS B 549 10.30 7.16 3.88
C LYS B 549 10.38 5.92 4.79
N ASN B 550 10.67 4.78 4.20
CA ASN B 550 10.90 3.51 4.92
C ASN B 550 9.71 2.93 5.69
N ALA B 551 8.49 2.96 5.08
CA ALA B 551 7.47 2.08 5.55
C ALA B 551 8.09 0.73 5.39
N GLY B 552 7.75 -0.21 6.29
CA GLY B 552 8.22 -1.59 6.07
C GLY B 552 7.10 -2.60 5.95
N TYR B 553 7.44 -3.88 5.90
CA TYR B 553 6.35 -4.88 6.02
C TYR B 553 6.06 -5.08 7.53
N ASP B 554 4.79 -5.04 7.90
CA ASP B 554 4.42 -5.22 9.27
C ASP B 554 4.45 -6.69 9.58
N TYR B 555 5.05 -7.07 10.72
CA TYR B 555 5.09 -8.51 11.10
C TYR B 555 4.34 -8.82 12.40
N SER B 556 3.46 -7.90 12.83
CA SER B 556 2.65 -8.14 14.03
C SER B 556 1.57 -9.20 13.73
N PHE B 557 1.05 -9.85 14.79
CA PHE B 557 0.03 -10.85 14.60
C PHE B 557 -1.14 -10.30 13.83
N ALA B 558 -1.46 -9.03 14.00
CA ALA B 558 -2.56 -8.41 13.24
C ALA B 558 -2.39 -8.41 11.72
N SER B 559 -1.17 -8.58 11.21
CA SER B 559 -0.94 -8.74 9.76
C SER B 559 -1.01 -10.18 9.31
N TYR B 560 -1.07 -11.11 10.27
CA TYR B 560 -1.14 -12.48 9.84
C TYR B 560 -2.59 -12.94 9.81
N ASP B 561 -2.87 -13.92 8.96
CA ASP B 561 -4.26 -14.42 8.78
C ASP B 561 -4.28 -15.79 9.37
N TRP B 562 -4.91 -15.86 10.54
CA TRP B 562 -4.98 -17.08 11.38
C TRP B 562 -6.05 -18.00 10.87
N GLN B 563 -6.78 -17.59 9.82
CA GLN B 563 -7.80 -18.53 9.24
C GLN B 563 -7.27 -19.25 8.01
N LYS B 564 -6.75 -18.49 7.07
CA LYS B 564 -6.21 -19.08 5.88
C LYS B 564 -4.70 -19.40 6.01
N LEU B 565 -4.06 -19.01 7.14
CA LEU B 565 -2.64 -19.33 7.49
C LEU B 565 -1.70 -18.72 6.47
N GLY B 566 -1.47 -17.41 6.63
CA GLY B 566 -0.41 -16.66 5.93
C GLY B 566 -0.59 -15.17 6.13
N TRP B 567 -0.04 -14.38 5.20
CA TRP B 567 -0.22 -12.93 5.26
C TRP B 567 -1.63 -12.51 4.88
N LYS B 568 -2.14 -11.46 5.55
CA LYS B 568 -3.28 -10.74 5.03
C LYS B 568 -2.64 -10.06 3.81
N TYR B 569 -3.44 -9.86 2.78
CA TYR B 569 -2.93 -9.13 1.66
C TYR B 569 -4.06 -8.41 0.98
N THR B 570 -3.65 -7.48 0.14
CA THR B 570 -4.55 -6.90 -0.82
C THR B 570 -4.09 -7.34 -2.21
N ALA B 571 -4.99 -7.91 -3.03
CA ALA B 571 -4.61 -8.24 -4.43
C ALA B 571 -4.44 -6.94 -5.18
N VAL B 572 -3.56 -6.94 -6.18
CA VAL B 572 -3.34 -5.74 -6.98
C VAL B 572 -3.38 -6.25 -8.40
N ALA B 573 -3.88 -5.42 -9.33
CA ALA B 573 -3.91 -5.79 -10.73
C ALA B 573 -2.61 -5.36 -11.34
N CYS B 574 -2.03 -6.18 -12.19
CA CYS B 574 -0.82 -5.74 -12.90
C CYS B 574 -1.20 -4.70 -13.97
N ASN B 575 -0.29 -3.81 -14.35
CA ASN B 575 -0.56 -2.82 -15.38
C ASN B 575 0.72 -2.28 -16.01
N ASN B 576 0.78 -2.22 -17.34
CA ASN B 576 1.99 -1.71 -17.99
C ASN B 576 2.13 -0.16 -18.04
N SER B 577 1.07 0.56 -17.70
CA SER B 577 1.14 2.00 -17.82
C SER B 577 2.22 2.58 -16.93
N ILE B 578 3.04 3.42 -17.53
CA ILE B 578 4.26 3.94 -16.93
C ILE B 578 3.93 4.83 -15.74
N PHE B 579 2.75 5.44 -15.76
CA PHE B 579 2.40 6.44 -14.77
C PHE B 579 1.80 5.79 -13.52
N THR B 580 1.53 4.47 -13.60
CA THR B 580 0.90 3.76 -12.46
C THR B 580 1.89 3.67 -11.32
N SER B 581 1.38 3.74 -10.08
CA SER B 581 2.23 3.62 -8.90
C SER B 581 1.47 2.87 -7.78
N PRO B 582 2.03 1.74 -7.30
CA PRO B 582 3.36 1.24 -7.71
C PRO B 582 3.39 0.77 -9.12
N PHE B 583 4.53 0.93 -9.76
CA PHE B 583 4.61 0.36 -11.11
C PHE B 583 4.82 -1.13 -11.05
N LEU B 584 3.87 -1.87 -11.62
CA LEU B 584 3.77 -3.32 -11.48
C LEU B 584 3.33 -3.98 -12.80
N PRO B 585 4.30 -4.25 -13.70
CA PRO B 585 4.07 -4.70 -15.10
C PRO B 585 3.47 -6.10 -15.18
N CYS B 586 2.97 -6.45 -16.37
CA CYS B 586 2.28 -7.72 -16.58
C CYS B 586 3.21 -8.74 -17.21
N THR B 587 4.39 -8.28 -17.58
CA THR B 587 5.39 -9.10 -18.21
C THR B 587 6.75 -8.74 -17.61
N HIS B 588 7.61 -9.73 -17.47
CA HIS B 588 8.98 -9.46 -17.10
C HIS B 588 9.65 -8.51 -18.09
N ASN B 589 9.04 -8.33 -19.26
CA ASN B 589 9.66 -7.57 -20.35
C ASN B 589 9.76 -6.12 -19.99
N MET B 590 8.97 -5.75 -19.01
CA MET B 590 8.86 -4.39 -18.60
C MET B 590 9.57 -4.18 -17.24
N ALA B 591 10.33 -5.20 -16.82
CA ALA B 591 11.22 -5.10 -15.66
C ALA B 591 12.11 -3.86 -15.67
N THR B 592 12.20 -3.18 -14.54
CA THR B 592 13.05 -1.98 -14.40
C THR B 592 14.51 -2.35 -14.05
N ILE B 593 15.41 -1.37 -13.99
CA ILE B 593 16.87 -1.64 -13.86
C ILE B 593 17.21 -2.37 -12.55
N ASP B 594 16.48 -2.01 -11.50
CA ASP B 594 16.68 -2.62 -10.18
C ASP B 594 16.23 -4.07 -10.20
N ILE B 595 15.29 -4.41 -11.05
CA ILE B 595 14.80 -5.80 -11.09
C ILE B 595 15.68 -6.66 -12.01
N LEU B 596 16.23 -6.04 -13.05
CA LEU B 596 17.13 -6.74 -13.93
C LEU B 596 18.53 -7.01 -13.39
N TYR B 597 18.99 -6.28 -12.38
CA TYR B 597 20.40 -6.30 -12.04
C TYR B 597 20.80 -7.58 -11.38
N SER B 598 21.97 -8.09 -11.75
CA SER B 598 22.56 -9.24 -11.10
C SER B 598 23.94 -8.85 -10.58
N MET B 599 24.10 -8.79 -9.26
N MET B 599 24.10 -8.78 -9.26
CA MET B 599 25.39 -8.48 -8.72
CA MET B 599 25.41 -8.46 -8.71
C MET B 599 26.41 -9.57 -9.10
C MET B 599 26.41 -9.56 -9.08
N TRP B 600 25.99 -10.82 -8.98
CA TRP B 600 26.88 -11.93 -9.32
C TRP B 600 27.50 -11.81 -10.72
N ASP B 601 26.65 -11.58 -11.72
CA ASP B 601 27.06 -11.51 -13.09
C ASP B 601 28.08 -10.40 -13.27
N ASN B 602 27.91 -9.30 -12.58
CA ASN B 602 28.82 -8.19 -12.78
C ASN B 602 30.10 -8.40 -12.01
N VAL B 603 29.99 -9.13 -10.89
CA VAL B 603 31.21 -9.52 -10.12
C VAL B 603 32.07 -10.42 -10.96
N ALA B 604 31.44 -11.46 -11.50
CA ALA B 604 32.09 -12.33 -12.44
C ALA B 604 32.80 -11.53 -13.55
N ALA B 605 32.07 -10.59 -14.20
CA ALA B 605 32.63 -9.84 -15.32
C ALA B 605 33.85 -9.05 -14.87
N GLN B 606 33.70 -8.28 -13.81
CA GLN B 606 34.79 -7.42 -13.38
C GLN B 606 36.05 -8.22 -13.01
N TYR B 607 35.90 -9.29 -12.25
CA TYR B 607 37.06 -10.15 -11.92
C TYR B 607 37.67 -10.84 -13.12
N LEU B 608 36.91 -10.92 -14.21
CA LEU B 608 37.35 -11.57 -15.44
C LEU B 608 37.81 -10.52 -16.48
N ASN B 609 37.85 -9.24 -16.09
CA ASN B 609 38.27 -8.15 -16.96
C ASN B 609 37.35 -8.01 -18.14
N LEU B 610 36.07 -8.21 -17.89
CA LEU B 610 35.10 -7.98 -18.92
C LEU B 610 34.31 -6.76 -18.48
N ALA B 611 33.56 -6.14 -19.40
CA ALA B 611 32.63 -5.07 -19.09
C ALA B 611 31.62 -5.51 -18.02
N TYR B 612 31.29 -4.60 -17.13
CA TYR B 612 30.40 -4.87 -16.01
C TYR B 612 29.60 -3.61 -15.75
N GLN B 613 28.46 -3.75 -15.12
CA GLN B 613 27.64 -2.60 -14.74
C GLN B 613 27.67 -2.54 -13.19
N SER B 614 27.80 -1.37 -12.64
CA SER B 614 27.69 -1.15 -11.22
C SER B 614 26.25 -1.20 -10.71
N PRO B 615 26.06 -1.42 -9.39
CA PRO B 615 24.73 -1.61 -8.86
C PRO B 615 23.88 -0.38 -9.11
N PRO B 616 22.67 -0.54 -9.62
CA PRO B 616 21.89 0.71 -9.80
C PRO B 616 21.42 1.34 -8.48
N PRO B 617 21.28 2.70 -8.44
CA PRO B 617 20.73 3.12 -7.17
C PRO B 617 19.25 2.86 -7.21
N ILE B 618 18.71 2.09 -6.27
CA ILE B 618 17.29 1.72 -6.32
C ILE B 618 16.46 2.92 -5.77
N THR B 619 15.58 3.47 -6.60
CA THR B 619 14.86 4.68 -6.28
C THR B 619 13.63 4.38 -5.39
N ASP B 620 13.00 5.42 -4.91
CA ASP B 620 11.84 5.28 -4.04
C ASP B 620 10.66 4.77 -4.81
N GLN B 621 10.54 5.18 -6.08
CA GLN B 621 9.45 4.60 -6.88
C GLN B 621 9.64 3.08 -6.99
N GLN B 622 10.89 2.65 -7.20
CA GLN B 622 11.12 1.21 -7.36
C GLN B 622 10.95 0.51 -6.04
N ILE B 623 11.28 1.18 -4.92
CA ILE B 623 11.05 0.54 -3.60
C ILE B 623 9.54 0.28 -3.49
N LYS B 624 8.67 1.20 -3.97
CA LYS B 624 7.20 0.91 -3.87
C LYS B 624 6.82 -0.37 -4.59
N SER B 625 7.39 -0.60 -5.77
CA SER B 625 7.12 -1.85 -6.45
C SER B 625 7.74 -3.09 -5.77
N ARG B 626 8.92 -2.97 -5.16
CA ARG B 626 9.54 -4.13 -4.43
C ARG B 626 8.67 -4.56 -3.25
N MET B 627 7.81 -3.65 -2.77
CA MET B 627 6.97 -3.95 -1.61
C MET B 627 5.63 -4.62 -1.99
N VAL B 628 5.55 -5.13 -3.21
CA VAL B 628 4.38 -5.85 -3.70
C VAL B 628 4.88 -7.11 -4.35
N TYR B 629 4.33 -8.26 -4.02
CA TYR B 629 4.72 -9.43 -4.79
C TYR B 629 4.08 -9.43 -6.21
N ASN B 630 4.94 -9.63 -7.22
CA ASN B 630 4.52 -9.66 -8.61
C ASN B 630 4.88 -11.00 -9.28
N SER B 631 3.86 -11.87 -9.40
CA SER B 631 4.00 -13.22 -9.95
C SER B 631 4.49 -13.27 -11.41
N TYR B 632 4.39 -12.15 -12.11
CA TYR B 632 4.76 -12.05 -13.52
C TYR B 632 6.29 -11.79 -13.72
N LEU B 633 7.02 -11.51 -12.66
CA LEU B 633 8.45 -11.35 -12.83
C LEU B 633 9.12 -12.72 -13.03
N TYR B 634 10.32 -12.68 -13.61
CA TYR B 634 11.06 -13.88 -14.00
C TYR B 634 11.27 -14.73 -12.77
N GLY B 635 10.80 -15.97 -12.86
CA GLY B 635 10.90 -16.95 -11.83
C GLY B 635 9.89 -16.81 -10.71
N ASN B 636 8.95 -15.85 -10.82
CA ASN B 636 8.06 -15.55 -9.70
C ASN B 636 6.66 -16.18 -9.83
N ASP B 637 6.50 -17.07 -10.80
CA ASP B 637 5.18 -17.65 -11.09
C ASP B 637 4.54 -18.34 -9.88
N ASN B 638 3.25 -18.08 -9.69
CA ASN B 638 2.59 -18.62 -8.51
C ASN B 638 1.84 -19.91 -8.85
N GLY B 639 2.15 -20.46 -10.02
CA GLY B 639 1.37 -21.58 -10.54
C GLY B 639 1.90 -22.89 -10.02
N GLY B 640 1.18 -23.98 -10.26
CA GLY B 640 1.69 -25.31 -9.92
C GLY B 640 1.15 -25.86 -8.62
N HIS B 641 1.59 -27.05 -8.24
CA HIS B 641 1.07 -27.76 -7.07
C HIS B 641 -0.44 -27.68 -7.18
N ASP B 642 -0.98 -27.89 -8.39
CA ASP B 642 -2.43 -27.74 -8.55
C ASP B 642 -3.25 -28.97 -8.31
N PHE B 643 -2.65 -30.10 -7.98
CA PHE B 643 -3.39 -31.29 -7.64
C PHE B 643 -4.28 -31.09 -6.41
N THR B 644 -4.02 -30.03 -5.63
CA THR B 644 -4.93 -29.66 -4.53
C THR B 644 -6.30 -29.15 -4.98
N GLN B 645 -6.42 -28.87 -6.28
CA GLN B 645 -7.70 -28.38 -6.81
C GLN B 645 -8.80 -29.46 -6.73
N SER B 646 -8.45 -30.76 -6.60
CA SER B 646 -9.47 -31.79 -6.37
C SER B 646 -10.08 -31.82 -4.96
N LEU B 647 -9.44 -31.13 -4.00
CA LEU B 647 -9.97 -31.02 -2.65
C LEU B 647 -11.30 -30.27 -2.65
N THR B 648 -12.17 -30.63 -1.70
CA THR B 648 -13.33 -29.79 -1.36
C THR B 648 -12.90 -28.69 -0.35
N ASP B 649 -13.69 -27.62 -0.26
CA ASP B 649 -13.38 -26.56 0.69
C ASP B 649 -13.36 -27.08 2.11
N SER B 650 -14.19 -28.08 2.38
CA SER B 650 -14.29 -28.67 3.71
C SER B 650 -12.98 -29.44 4.03
N GLU B 651 -12.43 -30.11 3.04
CA GLU B 651 -11.16 -30.79 3.21
C GLU B 651 -10.06 -29.78 3.45
N ARG B 652 -10.10 -28.68 2.70
CA ARG B 652 -9.08 -27.59 2.87
C ARG B 652 -9.07 -27.02 4.28
N TRP B 653 -10.25 -26.72 4.83
CA TRP B 653 -10.30 -26.23 6.21
C TRP B 653 -9.79 -27.24 7.18
N ALA B 654 -10.09 -28.52 6.97
CA ALA B 654 -9.63 -29.52 7.92
C ALA B 654 -8.13 -29.68 7.79
N LEU B 655 -7.60 -29.65 6.58
CA LEU B 655 -6.13 -29.75 6.41
C LEU B 655 -5.40 -28.61 7.10
N ILE B 656 -5.98 -27.42 7.01
CA ILE B 656 -5.43 -26.19 7.57
C ILE B 656 -5.41 -26.28 9.07
N GLU B 657 -6.50 -26.75 9.67
CA GLU B 657 -6.52 -26.96 11.13
C GLU B 657 -5.43 -27.93 11.52
N TYR B 658 -5.25 -28.94 10.69
CA TYR B 658 -4.32 -29.99 11.02
C TYR B 658 -2.87 -29.47 10.98
N ILE B 659 -2.56 -28.72 9.96
CA ILE B 659 -1.24 -28.09 9.84
C ILE B 659 -0.90 -27.14 11.03
N LYS B 660 -1.91 -26.48 11.57
CA LYS B 660 -1.75 -25.70 12.82
C LYS B 660 -1.14 -26.52 13.95
N THR B 661 -1.38 -27.83 13.92
CA THR B 661 -0.83 -28.74 14.93
C THR B 661 0.61 -29.22 14.64
N LEU B 662 1.16 -28.90 13.46
CA LEU B 662 2.45 -29.45 13.07
C LEU B 662 3.54 -28.49 13.47
#